data_6PC1
#
_entry.id   6PC1
#
_cell.length_a   194.507
_cell.length_b   194.507
_cell.length_c   136.862
_cell.angle_alpha   90.00
_cell.angle_beta   90.00
_cell.angle_gamma   90.00
#
_symmetry.space_group_name_H-M   'I 4'
#
loop_
_entity.id
_entity.type
_entity.pdbx_description
1 polymer 'Guanosine pentaphosphate phosphohydrolase'
2 non-polymer "GUANOSINE-5',3'-TETRAPHOSPHATE"
3 non-polymer 'PHOSPHATE ION'
4 non-polymer '(2S)-2-hydroxybutanedioic acid'
5 non-polymer 1,2-ETHANEDIOL
6 non-polymer 'MAGNESIUM ION'
7 water water
#
_entity_poly.entity_id   1
_entity_poly.type   'polypeptide(L)'
_entity_poly.pdbx_seq_one_letter_code
;MRGSHHHHHHGSAKITTVIDIGSNSVRLAVFKKTSQFGFYLLFETKSKVRISEGCYAFNGILQEIPMQRAVKALSEFKEI
ALKYKSKKILCVATSAVRDAPNRLEFVARVKKACGLQIKIIDGQKEALYGGIACANLLHKNSGITIDIGGGSTACALIEK
GKIKDLISLDVGTIRIKEMFLDKDLDVKLAKAFIQKEVSKLPFKHKNAFGVGGTIRALSKVLMKRFDYPIDSLHGYEIDA
HKNLAFIEKIVMLKEDQLRLLGVNEERLDSIRSGALILSVVLEHLKTSLMITSGVGVREGVFLSDLLRNHYHKFPPNINP
SLISLKDRFLPHEKHSQKVKKECVKLFEALSPLHKIDEKYLFHLKIAGELASMGKILSVYLAHKHSAYFILNALSYGFSH
QDRAIICLLAQFSHKKIPKDNAIAHMSAMMPSLLTLQWLSFILSLAENLCLTDSHHLKYTLEKNKLVIHSNDALYLAKEM
LPKLVKPIPLTIEFA
;
_entity_poly.pdbx_strand_id   A,B,C,D
#
# COMPACT_ATOMS: atom_id res chain seq x y z
N LYS A 14 15.73 31.46 27.92
CA LYS A 14 16.22 30.69 26.78
C LYS A 14 15.70 29.25 26.84
N ILE A 15 15.89 28.60 27.99
CA ILE A 15 15.55 27.20 28.18
C ILE A 15 14.71 27.08 29.44
N THR A 16 13.49 26.57 29.28
CA THR A 16 12.54 26.42 30.38
C THR A 16 12.16 24.95 30.53
N THR A 17 12.23 24.45 31.77
CA THR A 17 11.85 23.08 32.09
C THR A 17 10.57 23.09 32.90
N VAL A 18 9.69 22.14 32.61
CA VAL A 18 8.41 21.97 33.30
C VAL A 18 8.34 20.55 33.84
N ILE A 19 8.10 20.43 35.14
CA ILE A 19 7.98 19.13 35.81
C ILE A 19 6.54 18.95 36.24
N ASP A 20 5.92 17.85 35.81
CA ASP A 20 4.52 17.55 36.06
C ASP A 20 4.44 16.35 37.00
N ILE A 21 4.04 16.58 38.25
CA ILE A 21 3.94 15.51 39.25
C ILE A 21 2.53 14.95 39.11
N GLY A 22 2.38 13.94 38.25
CA GLY A 22 1.09 13.35 38.00
C GLY A 22 0.74 12.25 38.99
N SER A 23 -0.50 11.75 38.86
CA SER A 23 -0.97 10.70 39.73
C SER A 23 -0.36 9.35 39.37
N ASN A 24 -0.21 9.08 38.08
CA ASN A 24 0.33 7.82 37.59
C ASN A 24 1.82 7.90 37.27
N SER A 25 2.29 9.05 36.79
CA SER A 25 3.68 9.19 36.38
C SER A 25 4.17 10.58 36.71
N VAL A 26 5.49 10.72 36.81
CA VAL A 26 6.15 12.01 37.00
C VAL A 26 6.87 12.34 35.70
N ARG A 27 6.56 13.51 35.14
CA ARG A 27 7.01 13.89 33.81
C ARG A 27 7.96 15.09 33.87
N LEU A 28 8.94 15.08 32.96
CA LEU A 28 9.88 16.19 32.79
C LEU A 28 9.92 16.57 31.33
N ALA A 29 9.87 17.87 31.03
CA ALA A 29 9.92 18.37 29.67
C ALA A 29 10.78 19.62 29.63
N VAL A 30 11.71 19.67 28.68
CA VAL A 30 12.63 20.80 28.53
C VAL A 30 12.32 21.50 27.22
N PHE A 31 11.92 22.77 27.30
CA PHE A 31 11.55 23.57 26.13
C PHE A 31 12.63 24.59 25.83
N LYS A 32 12.88 24.82 24.54
CA LYS A 32 13.84 25.82 24.09
C LYS A 32 13.10 26.88 23.28
N LYS A 33 13.25 28.15 23.69
CA LYS A 33 12.65 29.28 22.99
C LYS A 33 13.67 29.79 21.98
N THR A 34 13.34 29.68 20.69
CA THR A 34 14.24 30.08 19.62
C THR A 34 13.97 31.49 19.10
N SER A 35 12.86 32.09 19.48
CA SER A 35 12.52 33.45 19.06
C SER A 35 11.34 33.91 19.92
N GLN A 36 10.74 35.03 19.54
CA GLN A 36 9.56 35.55 20.24
C GLN A 36 8.52 34.45 20.46
N PHE A 37 8.10 33.81 19.36
CA PHE A 37 7.08 32.77 19.42
C PHE A 37 7.62 31.38 19.11
N GLY A 38 8.88 31.25 18.74
CA GLY A 38 9.43 29.98 18.31
C GLY A 38 9.92 29.15 19.48
N PHE A 39 9.42 27.93 19.57
CA PHE A 39 9.86 27.00 20.61
C PHE A 39 9.75 25.58 20.09
N TYR A 40 10.55 24.69 20.68
CA TYR A 40 10.45 23.27 20.38
C TYR A 40 10.91 22.47 21.60
N LEU A 41 10.33 21.28 21.74
CA LEU A 41 10.64 20.41 22.87
C LEU A 41 12.04 19.84 22.70
N LEU A 42 12.95 20.20 23.61
CA LEU A 42 14.35 19.83 23.50
C LEU A 42 14.65 18.47 24.14
N PHE A 43 13.90 18.07 25.15
CA PHE A 43 14.14 16.80 25.84
C PHE A 43 12.94 16.48 26.71
N GLU A 44 12.70 15.18 26.90
CA GLU A 44 11.57 14.71 27.67
C GLU A 44 11.91 13.37 28.29
N THR A 45 11.39 13.13 29.49
CA THR A 45 11.53 11.83 30.15
C THR A 45 10.41 11.68 31.17
N LYS A 46 10.34 10.49 31.76
CA LYS A 46 9.26 10.17 32.69
C LYS A 46 9.76 9.20 33.74
N SER A 47 8.94 9.06 34.79
CA SER A 47 9.15 8.04 35.81
C SER A 47 7.79 7.55 36.27
N LYS A 48 7.69 6.24 36.50
CA LYS A 48 6.42 5.60 36.84
C LYS A 48 6.20 5.50 38.34
N VAL A 49 6.68 6.48 39.10
CA VAL A 49 6.53 6.55 40.55
C VAL A 49 5.11 6.16 40.95
N ARG A 50 4.12 6.72 40.26
CA ARG A 50 2.71 6.51 40.61
C ARG A 50 2.50 6.75 42.11
N ILE A 51 2.72 8.00 42.50
CA ILE A 51 2.61 8.39 43.90
C ILE A 51 1.22 8.09 44.46
N SER A 52 0.23 7.90 43.59
CA SER A 52 -1.14 7.63 44.00
C SER A 52 -1.41 6.15 44.23
N GLU A 53 -0.39 5.31 44.20
CA GLU A 53 -0.57 3.87 44.35
C GLU A 53 -1.10 3.56 45.75
N GLY A 54 -2.29 2.98 45.83
CA GLY A 54 -2.88 2.63 47.10
C GLY A 54 -3.26 3.82 47.96
N CYS A 55 -3.48 4.99 47.35
CA CYS A 55 -3.90 6.17 48.10
C CYS A 55 -5.41 6.35 48.13
N TYR A 56 -6.14 5.80 47.16
CA TYR A 56 -7.58 6.01 47.07
C TYR A 56 -8.35 5.27 48.15
N ALA A 57 -7.71 4.34 48.87
CA ALA A 57 -8.37 3.65 49.96
C ALA A 57 -8.32 4.43 51.27
N PHE A 58 -7.39 5.37 51.41
CA PHE A 58 -7.18 6.10 52.66
C PHE A 58 -7.52 7.59 52.50
N ASN A 59 -8.56 7.90 51.73
CA ASN A 59 -9.01 9.28 51.52
C ASN A 59 -7.90 10.15 50.92
N GLY A 60 -7.00 9.54 50.16
CA GLY A 60 -5.97 10.28 49.46
C GLY A 60 -4.65 10.41 50.17
N ILE A 61 -4.47 9.76 51.33
CA ILE A 61 -3.21 9.85 52.05
C ILE A 61 -2.09 9.30 51.17
N LEU A 62 -0.93 9.96 51.22
CA LEU A 62 0.22 9.56 50.41
C LEU A 62 1.02 8.50 51.17
N GLN A 63 1.20 7.34 50.55
CA GLN A 63 1.95 6.26 51.16
C GLN A 63 3.45 6.58 51.16
N GLU A 64 4.18 5.86 52.01
CA GLU A 64 5.59 6.19 52.23
C GLU A 64 6.44 5.84 51.01
N ILE A 65 6.44 4.56 50.61
CA ILE A 65 7.27 4.13 49.48
C ILE A 65 7.05 5.02 48.26
N PRO A 66 5.82 5.30 47.82
CA PRO A 66 5.64 6.20 46.68
C PRO A 66 6.19 7.60 46.91
N MET A 67 6.30 8.05 48.15
CA MET A 67 6.89 9.36 48.42
C MET A 67 8.41 9.31 48.30
N GLN A 68 9.04 8.27 48.84
CA GLN A 68 10.48 8.14 48.71
C GLN A 68 10.88 7.96 47.25
N ARG A 69 10.14 7.15 46.50
CA ARG A 69 10.38 7.04 45.06
C ARG A 69 10.22 8.38 44.36
N ALA A 70 9.17 9.12 44.72
CA ALA A 70 8.95 10.43 44.11
C ALA A 70 10.13 11.37 44.41
N VAL A 71 10.61 11.37 45.66
CA VAL A 71 11.72 12.24 46.03
C VAL A 71 12.96 11.90 45.21
N LYS A 72 13.30 10.60 45.13
CA LYS A 72 14.47 10.20 44.36
C LYS A 72 14.34 10.66 42.91
N ALA A 73 13.17 10.44 42.29
CA ALA A 73 12.98 10.80 40.90
C ALA A 73 13.13 12.30 40.69
N LEU A 74 12.35 13.10 41.43
CA LEU A 74 12.38 14.54 41.25
C LEU A 74 13.77 15.11 41.49
N SER A 75 14.55 14.48 42.37
CA SER A 75 15.92 14.94 42.62
C SER A 75 16.76 14.81 41.36
N GLU A 76 16.54 13.74 40.59
CA GLU A 76 17.25 13.56 39.33
C GLU A 76 16.62 14.34 38.19
N PHE A 77 15.32 14.65 38.29
CA PHE A 77 14.73 15.62 37.36
C PHE A 77 15.35 16.99 37.55
N LYS A 78 15.73 17.32 38.78
CA LYS A 78 16.45 18.57 39.04
C LYS A 78 17.82 18.55 38.38
N GLU A 79 18.55 17.43 38.54
CA GLU A 79 19.85 17.30 37.90
C GLU A 79 19.75 17.49 36.39
N ILE A 80 18.75 16.87 35.76
CA ILE A 80 18.58 17.00 34.32
C ILE A 80 18.31 18.46 33.95
N ALA A 81 17.40 19.12 34.68
CA ALA A 81 17.06 20.50 34.35
C ALA A 81 18.30 21.38 34.36
N LEU A 82 19.23 21.13 35.27
CA LEU A 82 20.42 21.97 35.38
C LEU A 82 21.38 21.71 34.23
N LYS A 83 21.67 20.44 33.93
CA LYS A 83 22.59 20.14 32.83
C LYS A 83 22.06 20.62 31.48
N TYR A 84 20.78 20.99 31.39
CA TYR A 84 20.25 21.66 30.22
C TYR A 84 20.23 23.17 30.39
N LYS A 85 20.81 23.69 31.47
CA LYS A 85 20.99 25.12 31.65
C LYS A 85 19.65 25.85 31.68
N SER A 86 18.71 25.31 32.45
CA SER A 86 17.40 25.92 32.59
C SER A 86 17.51 27.22 33.40
N LYS A 87 16.97 28.29 32.85
CA LYS A 87 16.82 29.53 33.61
C LYS A 87 15.52 29.58 34.40
N LYS A 88 14.65 28.57 34.22
CA LYS A 88 13.34 28.57 34.85
C LYS A 88 12.88 27.13 34.97
N ILE A 89 12.42 26.74 36.16
CA ILE A 89 11.93 25.39 36.42
C ILE A 89 10.55 25.52 37.04
N LEU A 90 9.51 25.20 36.26
CA LEU A 90 8.13 25.26 36.71
C LEU A 90 7.66 23.86 37.05
N CYS A 91 7.16 23.70 38.28
CA CYS A 91 6.75 22.39 38.77
C CYS A 91 5.32 22.49 39.31
N VAL A 92 4.46 21.58 38.86
CA VAL A 92 3.08 21.54 39.31
C VAL A 92 2.73 20.13 39.77
N ALA A 93 1.82 20.06 40.74
CA ALA A 93 1.27 18.80 41.23
C ALA A 93 -0.23 18.77 40.97
N THR A 94 -0.77 17.58 40.82
CA THR A 94 -2.14 17.39 40.36
C THR A 94 -2.90 16.49 41.33
N SER A 95 -4.06 15.98 40.87
CA SER A 95 -5.11 15.45 41.73
C SER A 95 -4.59 14.67 42.94
N ALA A 96 -3.79 13.62 42.71
CA ALA A 96 -3.39 12.76 43.82
C ALA A 96 -2.71 13.56 44.92
N VAL A 97 -1.91 14.56 44.55
CA VAL A 97 -1.17 15.33 45.56
C VAL A 97 -2.06 16.39 46.20
N ARG A 98 -3.04 16.94 45.48
CA ARG A 98 -3.87 18.00 46.04
C ARG A 98 -4.98 17.46 46.93
N ASP A 99 -5.30 16.16 46.84
CA ASP A 99 -6.32 15.56 47.68
C ASP A 99 -5.76 15.00 48.98
N ALA A 100 -4.45 14.96 49.13
CA ALA A 100 -3.86 14.36 50.32
C ALA A 100 -4.02 15.27 51.52
N PRO A 101 -4.17 14.71 52.73
CA PRO A 101 -4.04 15.54 53.94
C PRO A 101 -2.60 15.93 54.25
N ASN A 102 -1.62 15.22 53.68
CA ASN A 102 -0.20 15.48 53.94
C ASN A 102 0.48 16.09 52.72
N ARG A 103 -0.22 16.98 52.02
CA ARG A 103 0.39 17.67 50.88
C ARG A 103 1.54 18.56 51.34
N LEU A 104 1.28 19.41 52.33
CA LEU A 104 2.27 20.37 52.77
C LEU A 104 3.57 19.67 53.20
N GLU A 105 3.46 18.45 53.71
CA GLU A 105 4.64 17.74 54.19
C GLU A 105 5.45 17.16 53.04
N PHE A 106 4.77 16.50 52.09
CA PHE A 106 5.47 15.96 50.93
C PHE A 106 6.16 17.07 50.14
N VAL A 107 5.48 18.21 49.96
CA VAL A 107 6.12 19.35 49.31
C VAL A 107 7.35 19.80 50.07
N ALA A 108 7.34 19.64 51.39
CA ALA A 108 8.51 20.03 52.19
C ALA A 108 9.67 19.09 51.97
N ARG A 109 9.40 17.78 51.92
CA ARG A 109 10.47 16.82 51.71
C ARG A 109 11.12 16.98 50.33
N VAL A 110 10.31 17.29 49.32
CA VAL A 110 10.85 17.53 47.99
C VAL A 110 11.76 18.76 48.00
N LYS A 111 11.23 19.89 48.47
CA LYS A 111 12.04 21.11 48.53
C LYS A 111 13.30 20.89 49.36
N LYS A 112 13.23 20.04 50.39
CA LYS A 112 14.40 19.76 51.20
C LYS A 112 15.42 18.95 50.42
N ALA A 113 14.96 17.94 49.67
CA ALA A 113 15.85 16.97 49.07
C ALA A 113 16.50 17.46 47.78
N CYS A 114 15.81 18.32 47.01
CA CYS A 114 16.35 18.78 45.75
C CYS A 114 16.17 20.26 45.45
N GLY A 115 15.45 21.01 46.28
CA GLY A 115 15.26 22.43 46.06
C GLY A 115 14.10 22.79 45.15
N LEU A 116 13.38 21.80 44.62
CA LEU A 116 12.19 22.10 43.82
C LEU A 116 11.08 22.64 44.72
N GLN A 117 10.34 23.60 44.19
CA GLN A 117 9.21 24.19 44.89
C GLN A 117 7.94 23.77 44.14
N ILE A 118 7.28 22.73 44.64
CA ILE A 118 6.07 22.23 44.02
C ILE A 118 4.93 23.21 44.24
N LYS A 119 4.24 23.58 43.17
CA LYS A 119 3.01 24.34 43.26
C LYS A 119 1.83 23.40 43.01
N ILE A 120 0.97 23.26 44.00
CA ILE A 120 -0.23 22.46 43.85
C ILE A 120 -1.27 23.28 43.11
N ILE A 121 -1.86 22.70 42.06
CA ILE A 121 -2.87 23.38 41.27
C ILE A 121 -4.16 22.58 41.36
N ASP A 122 -5.29 23.29 41.31
CA ASP A 122 -6.59 22.67 41.46
C ASP A 122 -7.10 22.15 40.12
N GLY A 123 -8.29 21.54 40.15
CA GLY A 123 -8.83 20.94 38.94
C GLY A 123 -9.11 21.97 37.86
N GLN A 124 -9.69 23.11 38.23
CA GLN A 124 -9.93 24.17 37.27
C GLN A 124 -8.63 24.59 36.59
N LYS A 125 -7.58 24.82 37.38
CA LYS A 125 -6.32 25.26 36.82
C LYS A 125 -5.73 24.20 35.89
N GLU A 126 -5.92 22.93 36.24
CA GLU A 126 -5.41 21.84 35.40
C GLU A 126 -6.13 21.80 34.05
N ALA A 127 -7.46 21.98 34.06
CA ALA A 127 -8.19 22.03 32.80
C ALA A 127 -7.76 23.21 31.95
N LEU A 128 -7.43 24.33 32.60
CA LEU A 128 -6.99 25.51 31.87
C LEU A 128 -5.71 25.21 31.08
N TYR A 129 -4.67 24.72 31.75
CA TYR A 129 -3.40 24.45 31.09
C TYR A 129 -3.60 23.55 29.88
N GLY A 130 -4.47 22.55 29.99
CA GLY A 130 -4.77 21.71 28.84
C GLY A 130 -5.45 22.48 27.73
N GLY A 131 -6.39 23.36 28.08
CA GLY A 131 -7.06 24.15 27.07
C GLY A 131 -6.14 25.13 26.39
N ILE A 132 -5.21 25.73 27.14
CA ILE A 132 -4.24 26.64 26.56
C ILE A 132 -3.41 25.94 25.50
N ALA A 133 -2.94 24.72 25.79
CA ALA A 133 -2.12 23.98 24.84
C ALA A 133 -2.94 23.60 23.61
N CYS A 134 -4.12 23.03 23.81
CA CYS A 134 -4.95 22.64 22.67
C CYS A 134 -5.46 23.84 21.90
N ALA A 135 -5.66 24.97 22.57
CA ALA A 135 -6.13 26.18 21.88
C ALA A 135 -5.07 26.77 20.98
N ASN A 136 -3.79 26.46 21.22
CA ASN A 136 -2.70 27.06 20.47
C ASN A 136 -1.97 26.12 19.52
N LEU A 137 -1.97 24.81 19.80
CA LEU A 137 -1.06 23.88 19.13
C LEU A 137 -1.79 22.84 18.31
N LEU A 138 -3.08 23.05 18.01
CA LEU A 138 -3.85 22.12 17.20
C LEU A 138 -4.42 22.84 15.98
N HIS A 139 -4.83 22.04 14.99
CA HIS A 139 -5.31 22.56 13.72
C HIS A 139 -6.83 22.73 13.69
N LYS A 140 -7.48 22.79 14.84
CA LYS A 140 -8.88 23.17 14.92
C LYS A 140 -9.06 24.10 16.10
N ASN A 141 -9.95 25.08 15.95
CA ASN A 141 -10.05 26.17 16.90
C ASN A 141 -11.12 25.97 17.97
N SER A 142 -12.10 25.10 17.72
CA SER A 142 -13.22 24.94 18.64
C SER A 142 -13.43 23.46 18.97
N GLY A 143 -13.63 23.18 20.24
CA GLY A 143 -13.87 21.83 20.69
C GLY A 143 -13.75 21.73 22.19
N ILE A 144 -13.74 20.50 22.68
CA ILE A 144 -13.66 20.20 24.11
C ILE A 144 -12.49 19.27 24.32
N THR A 145 -11.67 19.56 25.34
CA THR A 145 -10.56 18.70 25.68
C THR A 145 -11.03 17.54 26.56
N ILE A 146 -10.30 16.44 26.48
CA ILE A 146 -10.54 15.28 27.33
C ILE A 146 -9.17 14.86 27.86
N ASP A 147 -8.82 15.32 29.06
CA ASP A 147 -7.54 15.01 29.69
C ASP A 147 -7.78 13.96 30.77
N ILE A 148 -7.68 12.69 30.39
CA ILE A 148 -7.88 11.58 31.30
C ILE A 148 -6.54 11.23 31.93
N GLY A 149 -6.42 11.47 33.23
CA GLY A 149 -5.24 11.13 33.99
C GLY A 149 -5.50 10.02 34.98
N GLY A 150 -4.60 9.91 35.97
CA GLY A 150 -4.69 8.82 36.93
C GLY A 150 -5.76 9.01 37.98
N GLY A 151 -6.11 10.25 38.29
CA GLY A 151 -7.05 10.51 39.37
C GLY A 151 -8.12 11.51 39.05
N SER A 152 -8.12 12.05 37.82
CA SER A 152 -9.10 13.06 37.45
C SER A 152 -9.24 13.08 35.94
N THR A 153 -10.27 13.78 35.47
CA THR A 153 -10.50 14.01 34.05
C THR A 153 -10.87 15.46 33.87
N ALA A 154 -10.08 16.20 33.10
CA ALA A 154 -10.30 17.62 32.89
C ALA A 154 -10.91 17.85 31.53
N CYS A 155 -11.82 18.83 31.46
CA CYS A 155 -12.49 19.19 30.22
C CYS A 155 -12.56 20.70 30.14
N ALA A 156 -12.04 21.27 29.05
CA ALA A 156 -12.12 22.69 28.79
C ALA A 156 -12.87 22.92 27.48
N LEU A 157 -13.74 23.93 27.47
CA LEU A 157 -14.47 24.30 26.28
C LEU A 157 -13.72 25.41 25.56
N ILE A 158 -13.48 25.22 24.26
CA ILE A 158 -12.75 26.18 23.43
C ILE A 158 -13.64 26.57 22.27
N GLU A 159 -13.83 27.89 22.09
CA GLU A 159 -14.61 28.42 20.98
C GLU A 159 -13.78 29.50 20.29
N LYS A 160 -13.36 29.24 19.05
CA LYS A 160 -12.50 30.14 18.30
C LYS A 160 -11.20 30.44 19.05
N GLY A 161 -10.65 29.41 19.69
CA GLY A 161 -9.37 29.52 20.34
C GLY A 161 -9.40 30.16 21.71
N LYS A 162 -10.56 30.52 22.23
CA LYS A 162 -10.69 31.13 23.54
C LYS A 162 -11.38 30.18 24.48
N ILE A 163 -10.85 30.06 25.70
CA ILE A 163 -11.41 29.15 26.69
C ILE A 163 -12.61 29.80 27.34
N LYS A 164 -13.72 29.06 27.41
CA LYS A 164 -14.99 29.59 27.89
C LYS A 164 -15.48 28.96 29.18
N ASP A 165 -15.13 27.70 29.44
CA ASP A 165 -15.65 27.01 30.62
C ASP A 165 -14.69 25.88 30.99
N LEU A 166 -14.60 25.60 32.29
CA LEU A 166 -13.68 24.60 32.82
C LEU A 166 -14.41 23.70 33.81
N ILE A 167 -14.19 22.39 33.69
CA ILE A 167 -14.78 21.41 34.59
C ILE A 167 -13.72 20.34 34.88
N SER A 168 -13.75 19.83 36.11
CA SER A 168 -12.84 18.77 36.54
C SER A 168 -13.64 17.66 37.19
N LEU A 169 -13.53 16.45 36.63
CA LEU A 169 -14.21 15.28 37.17
C LEU A 169 -13.22 14.43 37.97
N ASP A 170 -13.76 13.74 38.97
CA ASP A 170 -12.94 12.94 39.90
C ASP A 170 -12.91 11.46 39.49
N VAL A 171 -12.90 11.19 38.19
CA VAL A 171 -12.70 9.84 37.68
C VAL A 171 -11.34 9.77 37.00
N GLY A 172 -10.61 8.69 37.27
CA GLY A 172 -9.29 8.51 36.70
C GLY A 172 -8.99 7.04 36.49
N THR A 173 -7.94 6.78 35.72
CA THR A 173 -7.57 5.40 35.42
C THR A 173 -7.27 4.62 36.70
N ILE A 174 -6.24 5.04 37.43
CA ILE A 174 -5.84 4.33 38.64
C ILE A 174 -6.97 4.31 39.66
N ARG A 175 -7.80 5.35 39.69
CA ARG A 175 -8.95 5.37 40.58
C ARG A 175 -9.93 4.26 40.23
N ILE A 176 -10.45 4.28 39.00
CA ILE A 176 -11.40 3.27 38.55
C ILE A 176 -10.78 1.88 38.64
N LYS A 177 -9.45 1.80 38.53
CA LYS A 177 -8.77 0.51 38.60
C LYS A 177 -8.90 -0.10 39.99
N GLU A 178 -8.41 0.61 41.00
CA GLU A 178 -8.33 0.05 42.35
C GLU A 178 -9.68 -0.01 43.04
N MET A 179 -10.68 0.72 42.54
CA MET A 179 -12.00 0.72 43.16
C MET A 179 -12.94 -0.32 42.56
N PHE A 180 -12.82 -0.60 41.25
CA PHE A 180 -13.69 -1.55 40.59
C PHE A 180 -12.95 -2.72 39.97
N LEU A 181 -11.91 -2.46 39.16
CA LEU A 181 -11.35 -3.50 38.31
C LEU A 181 -10.41 -4.42 39.05
N ASP A 182 -9.69 -3.94 40.06
CA ASP A 182 -8.87 -4.83 40.87
C ASP A 182 -9.71 -5.71 41.77
N LYS A 183 -10.94 -5.30 42.10
CA LYS A 183 -11.84 -6.09 42.93
C LYS A 183 -12.68 -7.08 42.14
N ASP A 184 -12.50 -7.14 40.82
CA ASP A 184 -13.13 -8.16 39.99
C ASP A 184 -14.65 -8.17 40.19
N LEU A 185 -15.25 -7.00 39.94
CA LEU A 185 -16.70 -6.82 39.97
C LEU A 185 -17.21 -6.65 38.54
N ASP A 186 -18.53 -6.53 38.41
CA ASP A 186 -19.14 -6.36 37.10
C ASP A 186 -18.76 -4.98 36.55
N VAL A 187 -18.49 -4.95 35.23
CA VAL A 187 -18.07 -3.70 34.61
C VAL A 187 -19.19 -2.67 34.66
N LYS A 188 -20.45 -3.10 34.57
CA LYS A 188 -21.56 -2.16 34.52
C LYS A 188 -21.64 -1.29 35.77
N LEU A 189 -21.04 -1.72 36.87
CA LEU A 189 -21.02 -0.88 38.08
C LEU A 189 -20.11 0.33 37.90
N ALA A 190 -18.95 0.12 37.28
CA ALA A 190 -18.05 1.25 37.02
C ALA A 190 -18.62 2.19 35.96
N LYS A 191 -19.26 1.63 34.92
CA LYS A 191 -19.86 2.47 33.89
C LYS A 191 -20.92 3.38 34.50
N ALA A 192 -21.72 2.85 35.42
CA ALA A 192 -22.74 3.66 36.08
C ALA A 192 -22.09 4.79 36.89
N PHE A 193 -21.06 4.46 37.66
CA PHE A 193 -20.40 5.47 38.47
C PHE A 193 -19.80 6.57 37.58
N ILE A 194 -19.16 6.17 36.48
CA ILE A 194 -18.58 7.16 35.57
C ILE A 194 -19.66 7.98 34.90
N GLN A 195 -20.75 7.34 34.48
CA GLN A 195 -21.85 8.08 33.87
C GLN A 195 -22.38 9.16 34.80
N LYS A 196 -22.61 8.82 36.06
CA LYS A 196 -23.17 9.79 37.00
C LYS A 196 -22.20 10.95 37.25
N GLU A 197 -20.90 10.73 37.08
CA GLU A 197 -19.93 11.79 37.25
C GLU A 197 -19.71 12.60 35.98
N VAL A 198 -19.88 11.98 34.81
CA VAL A 198 -19.73 12.70 33.55
C VAL A 198 -20.91 13.63 33.31
N SER A 199 -22.08 13.31 33.88
CA SER A 199 -23.26 14.15 33.68
C SER A 199 -23.03 15.58 34.12
N LYS A 200 -22.02 15.84 34.95
CA LYS A 200 -21.69 17.19 35.38
C LYS A 200 -21.19 18.07 34.25
N LEU A 201 -20.81 17.49 33.11
CA LEU A 201 -20.33 18.29 31.99
C LEU A 201 -21.48 19.09 31.39
N PRO A 202 -21.49 20.42 31.49
CA PRO A 202 -22.64 21.20 31.03
C PRO A 202 -22.62 21.57 29.55
N PHE A 203 -21.64 21.11 28.78
CA PHE A 203 -21.52 21.49 27.38
C PHE A 203 -21.37 20.24 26.51
N LYS A 204 -21.61 20.44 25.21
CA LYS A 204 -21.40 19.41 24.21
C LYS A 204 -20.74 20.06 23.00
N HIS A 205 -20.20 19.23 22.11
CA HIS A 205 -19.51 19.76 20.94
C HIS A 205 -19.16 18.59 20.02
N LYS A 206 -19.06 18.89 18.73
CA LYS A 206 -18.73 17.86 17.75
C LYS A 206 -17.25 17.54 17.73
N ASN A 207 -16.39 18.46 18.21
CA ASN A 207 -14.96 18.25 18.25
C ASN A 207 -14.51 17.98 19.68
N ALA A 208 -13.68 16.96 19.85
CA ALA A 208 -13.03 16.68 21.11
C ALA A 208 -11.53 16.60 20.89
N PHE A 209 -10.77 17.06 21.88
CA PHE A 209 -9.31 17.04 21.83
C PHE A 209 -8.82 16.09 22.92
N GLY A 210 -8.38 14.91 22.50
CA GLY A 210 -7.91 13.91 23.45
C GLY A 210 -6.52 14.25 23.97
N VAL A 211 -6.37 14.27 25.30
CA VAL A 211 -5.13 14.62 25.96
C VAL A 211 -4.81 13.55 26.99
N GLY A 212 -3.53 13.29 27.18
CA GLY A 212 -3.07 12.37 28.20
C GLY A 212 -2.56 11.07 27.61
N GLY A 213 -1.80 10.34 28.43
CA GLY A 213 -1.16 9.13 27.95
C GLY A 213 -2.13 8.00 27.67
N THR A 214 -3.25 7.95 28.38
CA THR A 214 -4.26 6.94 28.10
C THR A 214 -4.75 7.06 26.66
N ILE A 215 -5.17 8.28 26.27
CA ILE A 215 -5.70 8.48 24.94
C ILE A 215 -4.62 8.33 23.89
N ARG A 216 -3.38 8.76 24.21
CA ARG A 216 -2.28 8.52 23.29
C ARG A 216 -2.06 7.03 23.09
N ALA A 217 -2.23 6.23 24.15
CA ALA A 217 -2.11 4.79 24.03
C ALA A 217 -3.23 4.21 23.18
N LEU A 218 -4.45 4.71 23.34
CA LEU A 218 -5.58 4.24 22.54
C LEU A 218 -5.45 4.69 21.10
N SER A 219 -5.03 5.93 20.87
CA SER A 219 -4.79 6.39 19.50
C SER A 219 -3.72 5.54 18.83
N LYS A 220 -2.66 5.22 19.55
CA LYS A 220 -1.62 4.35 19.01
C LYS A 220 -2.19 3.00 18.61
N VAL A 221 -3.17 2.51 19.36
CA VAL A 221 -3.81 1.24 19.02
C VAL A 221 -4.62 1.37 17.73
N LEU A 222 -5.36 2.47 17.58
CA LEU A 222 -6.16 2.65 16.38
C LEU A 222 -5.28 2.81 15.15
N MET A 223 -4.16 3.53 15.28
CA MET A 223 -3.26 3.68 14.15
C MET A 223 -2.77 2.33 13.65
N LYS A 224 -2.29 1.48 14.57
CA LYS A 224 -1.87 0.13 14.20
C LYS A 224 -3.01 -0.63 13.52
N ARG A 225 -4.21 -0.55 14.08
CA ARG A 225 -5.33 -1.34 13.58
C ARG A 225 -5.58 -1.09 12.10
N PHE A 226 -5.45 0.17 11.66
CA PHE A 226 -5.74 0.55 10.28
C PHE A 226 -4.50 0.66 9.42
N ASP A 227 -3.31 0.40 9.97
CA ASP A 227 -2.05 0.47 9.23
C ASP A 227 -1.83 1.88 8.67
N TYR A 228 -1.79 2.84 9.59
CA TYR A 228 -1.68 4.25 9.21
C TYR A 228 -0.27 4.53 8.67
N PRO A 229 -0.14 5.31 7.58
CA PRO A 229 1.19 5.54 7.01
C PRO A 229 2.01 6.61 7.70
N ILE A 230 1.39 7.55 8.40
CA ILE A 230 2.10 8.60 9.13
C ILE A 230 2.25 8.16 10.58
N ASP A 231 3.47 8.28 11.11
CA ASP A 231 3.80 7.81 12.45
C ASP A 231 3.87 8.94 13.46
N SER A 232 2.94 9.89 13.39
CA SER A 232 2.86 11.00 14.34
C SER A 232 1.52 10.95 15.05
N LEU A 233 1.55 11.06 16.38
CA LEU A 233 0.32 11.06 17.17
C LEU A 233 -0.40 12.40 17.10
N HIS A 234 0.33 13.50 17.23
CA HIS A 234 -0.29 14.82 17.27
C HIS A 234 -1.05 15.08 15.98
N GLY A 235 -2.32 15.46 16.12
CA GLY A 235 -3.16 15.75 14.98
C GLY A 235 -3.88 14.57 14.37
N TYR A 236 -3.75 13.38 14.96
CA TYR A 236 -4.42 12.20 14.45
C TYR A 236 -5.93 12.32 14.66
N GLU A 237 -6.70 12.21 13.58
CA GLU A 237 -8.14 12.36 13.63
C GLU A 237 -8.81 11.00 13.75
N ILE A 238 -9.81 10.93 14.64
CA ILE A 238 -10.51 9.69 14.93
C ILE A 238 -12.00 9.93 14.80
N ASP A 239 -12.66 9.09 14.01
CA ASP A 239 -14.11 9.11 13.88
C ASP A 239 -14.74 8.52 15.14
N ALA A 240 -15.33 9.38 15.98
CA ALA A 240 -15.82 8.95 17.28
C ALA A 240 -16.94 7.91 17.14
N HIS A 241 -17.97 8.23 16.36
CA HIS A 241 -19.07 7.30 16.18
C HIS A 241 -18.59 5.97 15.63
N LYS A 242 -17.67 6.00 14.65
CA LYS A 242 -17.25 4.79 13.98
C LYS A 242 -16.40 3.90 14.89
N ASN A 243 -15.62 4.50 15.79
CA ASN A 243 -14.69 3.76 16.63
C ASN A 243 -15.16 3.59 18.07
N LEU A 244 -16.33 4.11 18.42
CA LEU A 244 -16.81 3.99 19.80
C LEU A 244 -16.86 2.53 20.24
N ALA A 245 -17.49 1.67 19.42
CA ALA A 245 -17.68 0.28 19.84
C ALA A 245 -16.35 -0.40 20.14
N PHE A 246 -15.32 -0.11 19.34
CA PHE A 246 -14.02 -0.75 19.57
C PHE A 246 -13.41 -0.29 20.89
N ILE A 247 -13.51 1.02 21.18
CA ILE A 247 -13.00 1.53 22.44
C ILE A 247 -13.65 0.81 23.61
N GLU A 248 -14.96 0.56 23.51
CA GLU A 248 -15.67 -0.14 24.58
C GLU A 248 -15.17 -1.57 24.73
N LYS A 249 -14.84 -2.23 23.61
CA LYS A 249 -14.36 -3.61 23.69
C LYS A 249 -13.02 -3.71 24.41
N ILE A 250 -12.17 -2.68 24.27
CA ILE A 250 -10.89 -2.68 24.95
C ILE A 250 -11.06 -3.03 26.42
N VAL A 251 -12.15 -2.55 27.03
CA VAL A 251 -12.32 -2.66 28.47
C VAL A 251 -12.35 -4.13 28.89
N MET A 252 -12.96 -4.99 28.06
CA MET A 252 -13.19 -6.38 28.41
C MET A 252 -12.07 -7.31 27.94
N LEU A 253 -10.95 -6.78 27.46
CA LEU A 253 -9.88 -7.61 26.93
C LEU A 253 -8.94 -8.04 28.04
N LYS A 254 -8.27 -9.17 27.79
CA LYS A 254 -7.21 -9.63 28.68
C LYS A 254 -5.87 -9.06 28.23
N GLU A 255 -4.90 -9.08 29.16
CA GLU A 255 -3.65 -8.36 28.92
C GLU A 255 -2.93 -8.91 27.71
N ASP A 256 -2.90 -10.23 27.55
CA ASP A 256 -2.25 -10.82 26.37
C ASP A 256 -2.89 -10.30 25.08
N GLN A 257 -4.21 -10.11 25.10
CA GLN A 257 -4.87 -9.52 23.94
C GLN A 257 -4.48 -8.06 23.75
N LEU A 258 -4.25 -7.33 24.85
CA LEU A 258 -3.81 -5.95 24.75
C LEU A 258 -2.39 -5.85 24.20
N ARG A 259 -1.54 -6.85 24.49
CA ARG A 259 -0.16 -6.81 24.01
C ARG A 259 -0.11 -6.86 22.50
N LEU A 260 -0.90 -7.76 21.88
CA LEU A 260 -0.92 -7.85 20.43
C LEU A 260 -1.40 -6.55 19.80
N LEU A 261 -2.16 -5.74 20.55
CA LEU A 261 -2.59 -4.43 20.07
C LEU A 261 -1.49 -3.38 20.18
N GLY A 262 -0.35 -3.71 20.80
CA GLY A 262 0.76 -2.79 20.94
C GLY A 262 0.82 -2.06 22.27
N VAL A 263 -0.17 -2.24 23.13
CA VAL A 263 -0.16 -1.56 24.43
C VAL A 263 1.05 -2.04 25.22
N ASN A 264 1.89 -1.10 25.65
CA ASN A 264 3.09 -1.48 26.38
C ASN A 264 2.73 -1.99 27.78
N GLU A 265 3.70 -2.64 28.42
CA GLU A 265 3.45 -3.32 29.68
C GLU A 265 2.93 -2.36 30.75
N GLU A 266 3.52 -1.17 30.84
CA GLU A 266 3.18 -0.24 31.90
C GLU A 266 1.81 0.40 31.73
N ARG A 267 1.18 0.25 30.57
CA ARG A 267 -0.18 0.75 30.34
C ARG A 267 -1.24 -0.36 30.45
N LEU A 268 -0.83 -1.62 30.61
CA LEU A 268 -1.79 -2.72 30.63
C LEU A 268 -2.76 -2.58 31.79
N ASP A 269 -2.26 -2.16 32.96
CA ASP A 269 -3.10 -2.10 34.14
C ASP A 269 -4.06 -0.90 34.14
N SER A 270 -3.79 0.12 33.31
CA SER A 270 -4.57 1.35 33.34
C SER A 270 -5.33 1.66 32.06
N ILE A 271 -5.05 0.98 30.96
CA ILE A 271 -5.67 1.37 29.69
C ILE A 271 -7.14 0.95 29.63
N ARG A 272 -7.51 -0.12 30.34
CA ARG A 272 -8.89 -0.58 30.29
C ARG A 272 -9.82 0.38 31.02
N SER A 273 -9.45 0.79 32.24
CA SER A 273 -10.26 1.77 32.95
C SER A 273 -10.31 3.09 32.20
N GLY A 274 -9.17 3.51 31.64
CA GLY A 274 -9.16 4.73 30.87
C GLY A 274 -10.05 4.66 29.65
N ALA A 275 -10.01 3.54 28.93
CA ALA A 275 -10.88 3.37 27.77
C ALA A 275 -12.34 3.52 28.15
N LEU A 276 -12.75 2.96 29.30
CA LEU A 276 -14.13 3.07 29.73
C LEU A 276 -14.52 4.52 29.97
N ILE A 277 -13.67 5.29 30.64
CA ILE A 277 -13.94 6.70 30.87
C ILE A 277 -14.15 7.42 29.54
N LEU A 278 -13.28 7.16 28.56
CA LEU A 278 -13.36 7.88 27.29
C LEU A 278 -14.67 7.57 26.58
N SER A 279 -15.09 6.30 26.57
CA SER A 279 -16.31 5.92 25.88
C SER A 279 -17.52 6.62 26.47
N VAL A 280 -17.52 6.88 27.77
CA VAL A 280 -18.65 7.56 28.40
C VAL A 280 -18.60 9.05 28.10
N VAL A 281 -17.43 9.67 28.21
CA VAL A 281 -17.29 11.08 27.91
C VAL A 281 -17.66 11.35 26.46
N LEU A 282 -17.16 10.52 25.54
CA LEU A 282 -17.46 10.70 24.13
C LEU A 282 -18.96 10.64 23.88
N GLU A 283 -19.57 9.62 24.45
CA GLU A 283 -21.02 9.41 24.29
C GLU A 283 -21.79 10.61 24.83
N HIS A 284 -21.39 11.11 26.00
CA HIS A 284 -22.12 12.19 26.66
C HIS A 284 -21.93 13.52 25.92
N LEU A 285 -20.74 13.78 25.41
CA LEU A 285 -20.47 15.02 24.69
C LEU A 285 -20.97 14.97 23.25
N LYS A 286 -21.57 13.87 22.82
CA LYS A 286 -22.03 13.71 21.44
C LYS A 286 -20.89 13.97 20.46
N THR A 287 -19.67 13.67 20.90
CA THR A 287 -18.48 13.92 20.09
C THR A 287 -18.57 13.20 18.75
N SER A 288 -18.22 13.91 17.69
CA SER A 288 -18.13 13.34 16.36
C SER A 288 -16.71 13.15 15.88
N LEU A 289 -15.81 14.06 16.25
CA LEU A 289 -14.40 13.99 15.84
C LEU A 289 -13.54 14.17 17.08
N MET A 290 -12.66 13.20 17.34
CA MET A 290 -11.62 13.34 18.36
C MET A 290 -10.29 13.53 17.66
N ILE A 291 -9.60 14.62 18.00
CA ILE A 291 -8.26 14.89 17.51
C ILE A 291 -7.28 14.54 18.62
N THR A 292 -6.45 13.54 18.39
CA THR A 292 -5.42 13.18 19.36
C THR A 292 -4.46 14.35 19.52
N SER A 293 -4.19 14.71 20.76
CA SER A 293 -3.29 15.81 21.08
C SER A 293 -2.05 15.26 21.77
N GLY A 294 -0.88 15.58 21.22
CA GLY A 294 0.38 15.24 21.85
C GLY A 294 0.85 16.24 22.88
N VAL A 295 0.13 17.34 23.07
CA VAL A 295 0.46 18.36 24.05
C VAL A 295 -0.60 18.37 25.14
N GLY A 296 -0.22 18.78 26.34
CA GLY A 296 -1.13 18.79 27.48
C GLY A 296 -0.73 19.80 28.51
N VAL A 297 -0.90 19.44 29.78
CA VAL A 297 -0.66 20.37 30.88
C VAL A 297 0.75 20.95 30.80
N ARG A 298 1.74 20.09 30.55
CA ARG A 298 3.12 20.56 30.53
C ARG A 298 3.31 21.70 29.53
N GLU A 299 2.77 21.53 28.31
CA GLU A 299 2.88 22.57 27.31
C GLU A 299 2.11 23.82 27.72
N GLY A 300 0.95 23.65 28.37
CA GLY A 300 0.20 24.81 28.83
C GLY A 300 0.97 25.66 29.82
N VAL A 301 1.65 25.01 30.77
CA VAL A 301 2.47 25.75 31.72
C VAL A 301 3.49 26.61 30.99
N PHE A 302 4.15 26.03 29.98
CA PHE A 302 5.15 26.77 29.23
C PHE A 302 4.52 27.92 28.43
N LEU A 303 3.49 27.60 27.63
CA LEU A 303 2.83 28.65 26.85
C LEU A 303 2.29 29.76 27.74
N SER A 304 1.82 29.42 28.95
CA SER A 304 1.37 30.45 29.87
C SER A 304 2.50 31.44 30.17
N ASP A 305 3.72 30.94 30.33
CA ASP A 305 4.85 31.81 30.61
C ASP A 305 5.38 32.47 29.35
N LEU A 306 5.31 31.78 28.22
CA LEU A 306 5.83 32.39 26.97
C LEU A 306 4.82 33.39 26.42
N LEU A 307 3.53 33.06 26.48
CA LEU A 307 2.47 33.97 25.96
C LEU A 307 1.85 34.74 27.13
N ARG A 308 2.66 35.29 28.03
CA ARG A 308 2.11 36.00 29.23
C ARG A 308 1.59 37.38 28.82
N ASN A 309 2.29 38.06 27.90
CA ASN A 309 1.85 39.42 27.48
C ASN A 309 1.05 39.34 26.18
N HIS A 310 0.46 38.18 25.88
CA HIS A 310 -0.31 38.02 24.61
C HIS A 310 -1.66 37.35 24.88
N TYR A 311 -2.16 37.45 26.12
CA TYR A 311 -3.47 36.86 26.53
C TYR A 311 -3.50 35.34 26.30
N HIS A 312 -2.37 34.66 26.53
CA HIS A 312 -2.25 33.19 26.42
C HIS A 312 -2.68 32.65 25.05
N LYS A 313 -2.56 33.43 23.98
CA LYS A 313 -2.91 32.87 22.66
C LYS A 313 -1.93 33.47 21.64
N PHE A 314 -1.63 32.73 20.57
CA PHE A 314 -0.71 33.23 19.53
C PHE A 314 -1.51 34.12 18.58
N PRO A 315 -0.90 35.18 18.00
CA PRO A 315 -1.58 36.01 17.00
C PRO A 315 -2.14 35.15 15.90
N PRO A 316 -3.26 35.56 15.28
CA PRO A 316 -3.87 34.70 14.26
C PRO A 316 -3.17 34.78 12.91
N ASN A 317 -1.84 34.83 12.93
CA ASN A 317 -1.03 34.62 11.74
C ASN A 317 0.25 33.86 12.08
N ILE A 318 0.37 33.35 13.31
CA ILE A 318 1.60 32.81 13.84
C ILE A 318 1.44 31.31 14.04
N ASN A 319 2.36 30.54 13.47
CA ASN A 319 2.42 29.11 13.69
C ASN A 319 3.71 28.78 14.42
N PRO A 320 3.67 28.29 15.63
CA PRO A 320 4.93 28.16 16.34
C PRO A 320 5.77 27.03 15.84
N SER A 321 5.22 26.18 15.00
CA SER A 321 5.95 25.07 14.44
C SER A 321 6.73 25.49 13.22
N LEU A 322 6.06 26.18 12.33
CA LEU A 322 6.66 26.72 11.15
C LEU A 322 7.75 27.66 11.53
N ILE A 323 7.51 28.48 12.51
CA ILE A 323 8.50 29.43 12.92
C ILE A 323 9.72 28.77 13.47
N SER A 324 9.55 27.87 14.40
CA SER A 324 10.66 27.25 15.05
C SER A 324 11.44 26.46 14.07
N LEU A 325 10.74 25.80 13.17
CA LEU A 325 11.41 25.04 12.12
C LEU A 325 12.30 25.94 11.28
N LYS A 326 11.91 27.20 11.08
CA LYS A 326 12.74 28.14 10.37
C LYS A 326 13.86 28.68 11.25
N ASP A 327 13.59 28.92 12.54
CA ASP A 327 14.63 29.35 13.46
C ASP A 327 15.75 28.31 13.52
N ARG A 328 15.40 27.02 13.46
CA ARG A 328 16.38 25.96 13.61
C ARG A 328 17.22 25.75 12.36
N PHE A 329 16.60 25.86 11.17
CA PHE A 329 17.25 25.46 9.94
C PHE A 329 17.24 26.51 8.84
N LEU A 330 16.58 27.65 9.01
CA LEU A 330 16.59 28.73 8.03
C LEU A 330 16.74 30.07 8.73
N PRO A 331 17.85 30.29 9.45
CA PRO A 331 18.06 31.60 10.07
C PRO A 331 17.96 32.75 9.08
N HIS A 332 18.55 32.61 7.89
CA HIS A 332 18.44 33.61 6.84
C HIS A 332 17.19 33.32 6.02
N GLU A 333 16.16 34.13 6.19
CA GLU A 333 14.84 33.89 5.64
C GLU A 333 14.60 34.62 4.32
N LYS A 334 15.63 35.24 3.75
CA LYS A 334 15.44 36.07 2.57
C LYS A 334 14.95 35.25 1.38
N HIS A 335 15.71 34.22 0.99
CA HIS A 335 15.41 33.49 -0.24
C HIS A 335 14.01 32.88 -0.21
N SER A 336 13.65 32.25 0.91
CA SER A 336 12.40 31.49 0.96
C SER A 336 11.19 32.40 0.77
N GLN A 337 11.20 33.59 1.38
CA GLN A 337 10.06 34.49 1.26
C GLN A 337 9.86 34.94 -0.18
N LYS A 338 10.94 35.07 -0.95
CA LYS A 338 10.82 35.42 -2.37
C LYS A 338 10.15 34.28 -3.13
N VAL A 339 10.58 33.05 -2.90
CA VAL A 339 9.99 31.90 -3.58
C VAL A 339 8.50 31.83 -3.28
N LYS A 340 8.12 31.98 -2.01
CA LYS A 340 6.72 31.98 -1.65
C LYS A 340 5.95 33.05 -2.44
N LYS A 341 6.51 34.25 -2.53
CA LYS A 341 5.83 35.34 -3.24
C LYS A 341 5.53 34.95 -4.68
N GLU A 342 6.54 34.41 -5.38
CA GLU A 342 6.34 34.03 -6.78
C GLU A 342 5.41 32.82 -6.89
N CYS A 343 5.38 31.95 -5.90
CA CYS A 343 4.43 30.84 -5.91
C CYS A 343 3.00 31.36 -6.00
N VAL A 344 2.70 32.42 -5.25
CA VAL A 344 1.34 32.99 -5.28
C VAL A 344 1.06 33.62 -6.64
N LYS A 345 2.02 34.37 -7.18
CA LYS A 345 1.80 35.04 -8.46
C LYS A 345 1.58 34.03 -9.58
N LEU A 346 2.45 33.01 -9.66
CA LEU A 346 2.29 31.98 -10.68
C LEU A 346 0.99 31.22 -10.50
N PHE A 347 0.62 30.92 -9.25
CA PHE A 347 -0.62 30.21 -8.99
C PHE A 347 -1.82 30.98 -9.54
N GLU A 348 -1.91 32.27 -9.22
CA GLU A 348 -3.06 33.07 -9.67
C GLU A 348 -3.03 33.26 -11.18
N ALA A 349 -1.84 33.48 -11.75
CA ALA A 349 -1.74 33.70 -13.20
C ALA A 349 -2.18 32.47 -13.98
N LEU A 350 -1.94 31.27 -13.44
CA LEU A 350 -2.25 30.03 -14.13
C LEU A 350 -3.60 29.44 -13.76
N SER A 351 -4.36 30.10 -12.89
CA SER A 351 -5.63 29.52 -12.42
C SER A 351 -6.60 29.16 -13.54
N PRO A 352 -6.68 29.89 -14.67
CA PRO A 352 -7.57 29.43 -15.75
C PRO A 352 -7.24 28.05 -16.28
N LEU A 353 -6.00 27.59 -16.11
CA LEU A 353 -5.59 26.30 -16.65
C LEU A 353 -5.78 25.16 -15.66
N HIS A 354 -5.42 25.37 -14.39
CA HIS A 354 -5.50 24.30 -13.40
C HIS A 354 -6.76 24.33 -12.57
N LYS A 355 -7.42 25.49 -12.44
CA LYS A 355 -8.70 25.62 -11.76
C LYS A 355 -8.68 24.89 -10.41
N ILE A 356 -7.65 25.18 -9.62
CA ILE A 356 -7.43 24.52 -8.34
C ILE A 356 -8.00 25.40 -7.24
N ASP A 357 -8.67 24.77 -6.28
CA ASP A 357 -9.26 25.49 -5.15
C ASP A 357 -8.23 26.40 -4.49
N GLU A 358 -8.63 27.65 -4.27
CA GLU A 358 -7.75 28.63 -3.64
C GLU A 358 -7.30 28.22 -2.25
N LYS A 359 -7.92 27.20 -1.64
CA LYS A 359 -7.50 26.79 -0.30
C LYS A 359 -6.14 26.13 -0.32
N TYR A 360 -5.68 25.62 -1.47
CA TYR A 360 -4.40 24.96 -1.57
C TYR A 360 -3.23 25.94 -1.69
N LEU A 361 -3.49 27.25 -1.81
CA LEU A 361 -2.40 28.21 -1.69
C LEU A 361 -1.71 28.09 -0.35
N PHE A 362 -2.48 27.80 0.70
CA PHE A 362 -1.91 27.62 2.03
C PHE A 362 -0.72 26.67 1.99
N HIS A 363 -0.88 25.53 1.30
CA HIS A 363 0.16 24.51 1.27
C HIS A 363 1.31 24.92 0.35
N LEU A 364 0.99 25.40 -0.86
CA LEU A 364 2.03 25.78 -1.80
C LEU A 364 2.94 26.86 -1.24
N LYS A 365 2.39 27.76 -0.43
CA LYS A 365 3.21 28.82 0.15
C LYS A 365 4.19 28.26 1.18
N ILE A 366 3.70 27.38 2.06
CA ILE A 366 4.58 26.78 3.05
C ILE A 366 5.62 25.90 2.38
N ALA A 367 5.21 25.14 1.36
CA ALA A 367 6.18 24.35 0.61
C ALA A 367 7.24 25.25 -0.01
N GLY A 368 6.83 26.43 -0.47
CA GLY A 368 7.80 27.36 -1.04
C GLY A 368 8.74 27.94 0.00
N GLU A 369 8.28 28.10 1.24
CA GLU A 369 9.18 28.57 2.29
C GLU A 369 10.22 27.51 2.62
N LEU A 370 9.82 26.24 2.67
CA LEU A 370 10.64 25.18 3.25
C LEU A 370 11.22 24.23 2.22
N ALA A 371 11.02 24.49 0.92
CA ALA A 371 11.45 23.54 -0.10
C ALA A 371 12.94 23.23 0.01
N SER A 372 13.75 24.22 0.36
CA SER A 372 15.20 24.06 0.43
C SER A 372 15.71 23.88 1.85
N MET A 373 14.81 23.71 2.81
CA MET A 373 15.21 23.57 4.21
C MET A 373 16.24 22.46 4.38
N GLY A 374 15.99 21.29 3.78
CA GLY A 374 16.85 20.14 3.96
C GLY A 374 18.25 20.27 3.42
N LYS A 375 18.60 21.40 2.80
CA LYS A 375 19.96 21.57 2.32
C LYS A 375 20.96 21.73 3.47
N ILE A 376 20.49 22.04 4.68
CA ILE A 376 21.37 22.12 5.83
C ILE A 376 21.89 20.75 6.22
N LEU A 377 21.25 19.68 5.73
CA LEU A 377 21.73 18.32 5.95
C LEU A 377 22.61 17.86 4.80
N SER A 378 22.18 18.09 3.57
CA SER A 378 22.96 17.75 2.39
C SER A 378 22.35 18.40 1.15
N VAL A 379 23.17 19.06 0.35
CA VAL A 379 22.66 19.63 -0.91
C VAL A 379 22.16 18.54 -1.83
N TYR A 380 22.70 17.32 -1.68
CA TYR A 380 22.26 16.20 -2.50
C TYR A 380 21.04 15.55 -1.88
N LEU A 381 20.00 15.34 -2.70
CA LEU A 381 18.68 14.93 -2.21
C LEU A 381 18.14 15.94 -1.21
N ALA A 382 18.43 17.22 -1.45
CA ALA A 382 18.03 18.25 -0.51
C ALA A 382 16.51 18.35 -0.39
N HIS A 383 15.78 18.13 -1.49
CA HIS A 383 14.33 18.28 -1.44
C HIS A 383 13.67 17.13 -0.68
N LYS A 384 14.22 15.92 -0.81
CA LYS A 384 13.72 14.81 0.01
C LYS A 384 13.94 15.08 1.48
N HIS A 385 15.17 15.47 1.85
CA HIS A 385 15.44 15.87 3.24
C HIS A 385 14.40 16.87 3.72
N SER A 386 14.10 17.88 2.91
CA SER A 386 13.10 18.87 3.28
C SER A 386 11.76 18.20 3.60
N ALA A 387 11.29 17.33 2.70
CA ALA A 387 10.05 16.62 2.97
C ALA A 387 10.12 15.86 4.28
N TYR A 388 11.25 15.18 4.53
CA TYR A 388 11.40 14.41 5.76
C TYR A 388 11.23 15.31 6.99
N PHE A 389 11.90 16.46 7.00
CA PHE A 389 11.72 17.41 8.09
C PHE A 389 10.26 17.80 8.24
N ILE A 390 9.61 18.16 7.12
CA ILE A 390 8.24 18.63 7.15
C ILE A 390 7.31 17.57 7.71
N LEU A 391 7.43 16.34 7.21
CA LEU A 391 6.50 15.29 7.58
C LEU A 391 6.62 14.91 9.06
N ASN A 392 7.79 15.13 9.67
CA ASN A 392 8.04 14.66 11.03
C ASN A 392 8.04 15.77 12.08
N ALA A 393 8.15 17.04 11.68
CA ALA A 393 8.25 18.12 12.65
C ALA A 393 7.31 19.30 12.40
N LEU A 394 6.60 19.33 11.27
CA LEU A 394 5.63 20.41 11.02
C LEU A 394 4.30 19.98 11.61
N SER A 395 4.22 20.07 12.94
CA SER A 395 3.16 19.42 13.71
C SER A 395 2.16 20.40 14.30
N TYR A 396 2.60 21.38 15.10
CA TYR A 396 1.67 22.26 15.78
C TYR A 396 0.88 23.10 14.78
N GLY A 397 -0.44 23.04 14.87
CA GLY A 397 -1.29 23.86 14.04
C GLY A 397 -1.49 23.35 12.62
N PHE A 398 -1.11 22.10 12.35
CA PHE A 398 -1.27 21.51 11.03
C PHE A 398 -1.95 20.15 11.17
N SER A 399 -2.84 19.84 10.24
CA SER A 399 -3.38 18.50 10.15
C SER A 399 -2.38 17.57 9.47
N HIS A 400 -2.64 16.27 9.55
CA HIS A 400 -1.77 15.32 8.87
C HIS A 400 -1.86 15.50 7.35
N GLN A 401 -3.04 15.82 6.83
CA GLN A 401 -3.15 16.09 5.40
C GLN A 401 -2.33 17.30 5.01
N ASP A 402 -2.34 18.35 5.84
CA ASP A 402 -1.49 19.50 5.59
C ASP A 402 -0.03 19.08 5.47
N ARG A 403 0.47 18.31 6.44
CA ARG A 403 1.81 17.78 6.36
C ARG A 403 2.01 17.01 5.06
N ALA A 404 1.14 16.05 4.80
CA ALA A 404 1.28 15.19 3.62
C ALA A 404 1.40 16.03 2.35
N ILE A 405 0.51 17.01 2.19
CA ILE A 405 0.51 17.81 0.97
C ILE A 405 1.81 18.59 0.84
N ILE A 406 2.15 19.37 1.86
CA ILE A 406 3.37 20.17 1.82
C ILE A 406 4.59 19.28 1.58
N CYS A 407 4.65 18.17 2.32
CA CYS A 407 5.73 17.21 2.15
C CYS A 407 5.92 16.83 0.68
N LEU A 408 4.81 16.50 0.00
CA LEU A 408 4.90 16.00 -1.36
C LEU A 408 5.32 17.08 -2.34
N LEU A 409 4.84 18.30 -2.13
CA LEU A 409 5.21 19.40 -3.03
C LEU A 409 6.73 19.59 -3.03
N ALA A 410 7.32 19.70 -1.84
CA ALA A 410 8.76 19.85 -1.74
C ALA A 410 9.49 18.64 -2.31
N GLN A 411 9.05 17.43 -1.93
CA GLN A 411 9.80 16.22 -2.24
C GLN A 411 9.99 16.05 -3.74
N PHE A 412 8.95 16.33 -4.53
CA PHE A 412 8.95 15.99 -5.95
C PHE A 412 9.13 17.23 -6.83
N SER A 413 9.78 18.26 -6.29
CA SER A 413 10.20 19.38 -7.11
C SER A 413 11.00 18.91 -8.31
N HIS A 414 10.67 19.45 -9.48
CA HIS A 414 11.34 19.07 -10.73
C HIS A 414 11.25 17.58 -11.01
N LYS A 415 10.21 16.92 -10.49
CA LYS A 415 10.02 15.49 -10.69
C LYS A 415 8.55 15.20 -10.96
N LYS A 416 8.30 14.00 -11.50
CA LYS A 416 6.95 13.51 -11.70
C LYS A 416 6.53 12.67 -10.52
N ILE A 417 5.39 13.03 -9.91
CA ILE A 417 4.90 12.32 -8.73
C ILE A 417 4.44 10.94 -9.14
N PRO A 418 4.96 9.86 -8.56
CA PRO A 418 4.48 8.52 -8.90
C PRO A 418 2.99 8.38 -8.59
N LYS A 419 2.36 7.44 -9.30
CA LYS A 419 0.93 7.21 -9.12
C LYS A 419 0.61 6.35 -7.90
N ASP A 420 1.58 5.59 -7.40
CA ASP A 420 1.35 4.67 -6.29
C ASP A 420 1.99 5.17 -4.99
N ASN A 421 2.04 6.49 -4.80
CA ASN A 421 2.66 7.06 -3.62
C ASN A 421 1.77 6.84 -2.39
N ALA A 422 2.37 6.36 -1.30
CA ALA A 422 1.59 6.02 -0.11
C ALA A 422 1.03 7.26 0.56
N ILE A 423 1.83 8.32 0.68
CA ILE A 423 1.36 9.54 1.33
C ILE A 423 0.31 10.23 0.48
N ALA A 424 0.43 10.14 -0.85
CA ALA A 424 -0.60 10.72 -1.71
C ALA A 424 -1.96 10.07 -1.49
N HIS A 425 -1.97 8.78 -1.16
CA HIS A 425 -3.21 8.03 -0.96
C HIS A 425 -3.53 7.81 0.51
N MET A 426 -2.86 8.51 1.42
CA MET A 426 -3.13 8.32 2.85
C MET A 426 -4.58 8.58 3.21
N SER A 427 -5.34 9.21 2.33
CA SER A 427 -6.74 9.53 2.60
C SER A 427 -7.45 9.71 1.27
N ALA A 428 -8.78 9.55 1.30
CA ALA A 428 -9.59 9.79 0.13
C ALA A 428 -9.82 11.27 -0.13
N MET A 429 -9.64 12.12 0.89
CA MET A 429 -9.83 13.56 0.74
C MET A 429 -8.59 14.25 0.22
N MET A 430 -7.47 13.53 0.04
CA MET A 430 -6.28 14.14 -0.51
C MET A 430 -6.55 14.65 -1.94
N PRO A 431 -5.85 15.70 -2.36
CA PRO A 431 -6.03 16.16 -3.74
C PRO A 431 -5.58 15.12 -4.75
N SER A 432 -6.06 15.26 -5.97
CA SER A 432 -5.72 14.32 -7.02
C SER A 432 -4.25 14.45 -7.40
N LEU A 433 -3.75 13.43 -8.10
CA LEU A 433 -2.35 13.44 -8.52
C LEU A 433 -2.07 14.59 -9.49
N LEU A 434 -3.04 14.91 -10.37
CA LEU A 434 -2.85 16.02 -11.28
C LEU A 434 -2.80 17.35 -10.55
N THR A 435 -3.48 17.46 -9.40
CA THR A 435 -3.40 18.67 -8.60
C THR A 435 -2.03 18.79 -7.94
N LEU A 436 -1.57 17.71 -7.30
CA LEU A 436 -0.26 17.72 -6.67
C LEU A 436 0.84 18.01 -7.68
N GLN A 437 0.68 17.50 -8.91
CA GLN A 437 1.66 17.78 -9.95
C GLN A 437 1.67 19.27 -10.30
N TRP A 438 0.49 19.87 -10.38
CA TRP A 438 0.41 21.31 -10.66
C TRP A 438 1.15 22.13 -9.62
N LEU A 439 0.86 21.88 -8.34
CA LEU A 439 1.49 22.66 -7.28
C LEU A 439 2.98 22.42 -7.22
N SER A 440 3.41 21.16 -7.39
CA SER A 440 4.84 20.87 -7.42
C SER A 440 5.52 21.56 -8.58
N PHE A 441 4.87 21.58 -9.75
CA PHE A 441 5.44 22.25 -10.91
C PHE A 441 5.57 23.75 -10.68
N ILE A 442 4.55 24.38 -10.11
CA ILE A 442 4.60 25.82 -9.85
C ILE A 442 5.74 26.13 -8.90
N LEU A 443 5.86 25.36 -7.81
CA LEU A 443 6.99 25.52 -6.90
C LEU A 443 8.31 25.43 -7.66
N SER A 444 8.44 24.43 -8.54
CA SER A 444 9.68 24.24 -9.27
C SER A 444 10.02 25.46 -10.11
N LEU A 445 9.05 25.97 -10.87
CA LEU A 445 9.29 27.16 -11.68
C LEU A 445 9.64 28.35 -10.79
N ALA A 446 8.92 28.51 -9.68
CA ALA A 446 9.25 29.58 -8.74
C ALA A 446 10.69 29.48 -8.27
N GLU A 447 11.18 28.26 -8.04
CA GLU A 447 12.56 28.08 -7.60
C GLU A 447 13.54 28.53 -8.67
N ASN A 448 13.31 28.14 -9.92
CA ASN A 448 14.21 28.53 -11.00
C ASN A 448 14.24 30.04 -11.17
N LEU A 449 13.07 30.68 -11.20
CA LEU A 449 13.01 32.13 -11.40
C LEU A 449 13.58 32.89 -10.21
N CYS A 450 13.77 32.24 -9.06
CA CYS A 450 14.33 32.89 -7.89
C CYS A 450 15.78 32.49 -7.64
N LEU A 451 16.36 31.67 -8.50
CA LEU A 451 17.75 31.25 -8.33
C LEU A 451 18.68 32.46 -8.23
N THR A 452 18.67 33.30 -9.24
CA THR A 452 19.42 34.56 -9.18
C THR A 452 18.65 35.54 -8.30
N ASP A 453 19.12 36.78 -8.23
CA ASP A 453 18.44 37.81 -7.45
C ASP A 453 17.58 38.70 -8.33
N SER A 454 17.16 38.21 -9.50
CA SER A 454 16.36 39.01 -10.42
C SER A 454 15.06 39.44 -9.75
N HIS A 455 14.55 40.59 -10.19
CA HIS A 455 13.37 41.21 -9.58
C HIS A 455 12.31 41.48 -10.63
N HIS A 456 11.14 41.88 -10.15
CA HIS A 456 10.09 42.45 -10.98
C HIS A 456 9.67 41.48 -12.09
N LEU A 457 9.35 40.25 -11.67
CA LEU A 457 8.77 39.28 -12.57
C LEU A 457 7.28 39.57 -12.77
N LYS A 458 6.81 39.43 -14.00
CA LYS A 458 5.40 39.60 -14.29
C LYS A 458 4.95 38.51 -15.26
N TYR A 459 3.76 37.97 -15.01
CA TYR A 459 3.26 36.82 -15.73
C TYR A 459 1.93 37.15 -16.42
N THR A 460 1.74 36.58 -17.61
CA THR A 460 0.51 36.73 -18.37
C THR A 460 0.22 35.41 -19.07
N LEU A 461 -1.06 35.07 -19.14
CA LEU A 461 -1.51 33.79 -19.73
C LEU A 461 -2.21 34.03 -21.07
N GLU A 462 -1.75 33.38 -22.13
CA GLU A 462 -2.37 33.55 -23.47
C GLU A 462 -2.71 32.18 -24.03
N LYS A 463 -3.74 31.54 -23.48
CA LYS A 463 -4.27 30.23 -23.94
C LYS A 463 -3.17 29.18 -24.00
N ASN A 464 -2.73 28.71 -22.82
CA ASN A 464 -1.68 27.70 -22.52
C ASN A 464 -0.28 28.30 -22.61
N LYS A 465 -0.17 29.59 -22.90
CA LYS A 465 1.18 30.19 -23.03
C LYS A 465 1.41 31.11 -21.84
N LEU A 466 2.30 30.68 -20.93
CA LEU A 466 2.72 31.53 -19.83
C LEU A 466 3.90 32.35 -20.33
N VAL A 467 3.79 33.67 -20.24
CA VAL A 467 4.83 34.58 -20.69
C VAL A 467 5.43 35.23 -19.45
N ILE A 468 6.70 34.95 -19.21
CA ILE A 468 7.44 35.51 -18.09
C ILE A 468 8.10 36.80 -18.53
N HIS A 469 7.69 37.91 -17.94
CA HIS A 469 8.19 39.23 -18.31
C HIS A 469 9.20 39.69 -17.25
N SER A 470 10.36 40.14 -17.72
CA SER A 470 11.38 40.65 -16.83
C SER A 470 12.40 41.42 -17.65
N ASN A 471 13.10 42.34 -16.99
CA ASN A 471 14.19 43.07 -17.63
C ASN A 471 15.51 42.32 -17.55
N ASP A 472 15.65 41.42 -16.59
CA ASP A 472 16.90 40.69 -16.41
C ASP A 472 17.02 39.55 -17.43
N ALA A 473 18.27 39.18 -17.69
CA ALA A 473 18.55 38.15 -18.70
C ALA A 473 17.89 36.83 -18.34
N LEU A 474 17.81 36.50 -17.06
CA LEU A 474 17.28 35.22 -16.61
C LEU A 474 17.89 34.06 -17.42
N TYR A 475 19.21 34.13 -17.62
CA TYR A 475 19.88 33.12 -18.42
C TYR A 475 19.69 31.73 -17.83
N LEU A 476 20.03 31.56 -16.56
CA LEU A 476 19.95 30.24 -15.95
C LEU A 476 18.53 29.71 -15.93
N ALA A 477 17.56 30.57 -15.57
CA ALA A 477 16.16 30.13 -15.58
C ALA A 477 15.75 29.62 -16.95
N LYS A 478 16.20 30.30 -18.01
CA LYS A 478 15.84 29.87 -19.36
C LYS A 478 16.46 28.51 -19.69
N GLU A 479 17.69 28.29 -19.25
CA GLU A 479 18.38 27.03 -19.54
C GLU A 479 17.76 25.85 -18.81
N MET A 480 17.23 26.09 -17.61
CA MET A 480 16.68 25.01 -16.79
C MET A 480 15.27 24.62 -17.18
N LEU A 481 14.65 25.35 -18.11
CA LEU A 481 13.24 25.11 -18.43
C LEU A 481 12.94 23.68 -18.84
N PRO A 482 13.75 23.02 -19.68
CA PRO A 482 13.43 21.63 -20.04
C PRO A 482 13.36 20.69 -18.85
N LYS A 483 14.11 20.95 -17.77
CA LYS A 483 14.13 20.04 -16.64
C LYS A 483 12.86 20.10 -15.80
N LEU A 484 11.93 21.00 -16.12
CA LEU A 484 10.66 21.05 -15.41
C LEU A 484 9.74 19.94 -15.87
N VAL A 485 8.92 19.43 -14.94
CA VAL A 485 7.91 18.43 -15.24
C VAL A 485 6.57 19.17 -15.29
N LYS A 486 6.07 19.42 -16.49
CA LYS A 486 4.81 20.12 -16.67
C LYS A 486 3.65 19.19 -16.33
N PRO A 487 2.60 19.69 -15.67
CA PRO A 487 1.45 18.82 -15.37
C PRO A 487 0.60 18.53 -16.59
N ILE A 488 0.54 19.45 -17.54
CA ILE A 488 -0.16 19.25 -18.81
C ILE A 488 0.62 19.92 -19.92
N PRO A 489 0.38 19.54 -21.17
CA PRO A 489 1.02 20.25 -22.29
C PRO A 489 0.89 21.76 -22.14
N LEU A 490 2.04 22.44 -22.04
CA LEU A 490 2.06 23.84 -21.65
C LEU A 490 3.26 24.51 -22.28
N THR A 491 3.04 25.68 -22.90
CA THR A 491 4.12 26.46 -23.48
C THR A 491 4.53 27.56 -22.52
N ILE A 492 5.84 27.74 -22.35
CA ILE A 492 6.40 28.74 -21.47
C ILE A 492 7.50 29.47 -22.24
N GLU A 493 7.40 30.80 -22.30
CA GLU A 493 8.41 31.58 -23.02
C GLU A 493 8.65 32.89 -22.29
N PHE A 494 9.90 33.36 -22.36
CA PHE A 494 10.30 34.62 -21.75
C PHE A 494 10.21 35.75 -22.76
N ALA A 495 9.74 36.91 -22.31
CA ALA A 495 9.59 38.07 -23.18
C ALA A 495 10.82 38.97 -23.08
N ALA B 13 37.82 33.10 5.95
CA ALA B 13 36.58 33.37 5.22
C ALA B 13 35.53 32.32 5.58
N LYS B 14 34.45 32.77 6.24
CA LYS B 14 33.39 31.84 6.63
C LYS B 14 32.75 31.18 5.41
N ILE B 15 32.20 31.98 4.50
CA ILE B 15 31.53 31.48 3.31
C ILE B 15 32.44 31.72 2.10
N THR B 16 32.74 30.66 1.37
CA THR B 16 33.65 30.69 0.23
C THR B 16 32.98 30.05 -0.97
N THR B 17 32.91 30.79 -2.08
CA THR B 17 32.36 30.29 -3.33
C THR B 17 33.50 29.89 -4.27
N VAL B 18 33.33 28.73 -4.92
CA VAL B 18 34.31 28.22 -5.87
C VAL B 18 33.62 28.04 -7.22
N ILE B 19 34.19 28.63 -8.27
CA ILE B 19 33.63 28.59 -9.62
C ILE B 19 34.62 27.86 -10.51
N ASP B 20 34.13 26.84 -11.21
CA ASP B 20 34.95 25.93 -12.00
C ASP B 20 34.48 26.02 -13.45
N ILE B 21 35.27 26.67 -14.29
CA ILE B 21 34.94 26.85 -15.70
C ILE B 21 35.54 25.67 -16.45
N GLY B 22 34.74 24.64 -16.67
CA GLY B 22 35.20 23.46 -17.38
C GLY B 22 34.95 23.54 -18.86
N SER B 23 35.48 22.55 -19.58
CA SER B 23 35.32 22.51 -21.03
C SER B 23 33.92 22.12 -21.45
N ASN B 24 33.17 21.44 -20.58
CA ASN B 24 31.82 20.98 -20.89
C ASN B 24 30.74 21.76 -20.15
N SER B 25 30.94 22.07 -18.87
CA SER B 25 29.94 22.77 -18.09
C SER B 25 30.64 23.79 -17.19
N VAL B 26 29.84 24.69 -16.62
CA VAL B 26 30.32 25.72 -15.70
C VAL B 26 29.64 25.48 -14.37
N ARG B 27 30.44 25.22 -13.34
CA ARG B 27 29.92 24.77 -12.05
C ARG B 27 30.30 25.75 -10.94
N LEU B 28 29.43 25.81 -9.94
CA LEU B 28 29.58 26.70 -8.79
C LEU B 28 29.31 25.92 -7.52
N ALA B 29 30.10 26.19 -6.47
CA ALA B 29 29.92 25.54 -5.18
C ALA B 29 30.16 26.56 -4.08
N VAL B 30 29.24 26.62 -3.12
CA VAL B 30 29.34 27.50 -1.97
C VAL B 30 29.66 26.64 -0.75
N PHE B 31 30.81 26.91 -0.13
CA PHE B 31 31.27 26.18 1.05
C PHE B 31 31.10 27.06 2.28
N LYS B 32 30.60 26.46 3.36
CA LYS B 32 30.47 27.14 4.65
C LYS B 32 31.41 26.50 5.65
N LYS B 33 32.16 27.32 6.37
CA LYS B 33 33.12 26.86 7.37
C LYS B 33 32.50 27.02 8.75
N THR B 34 32.20 25.90 9.38
CA THR B 34 31.54 25.90 10.70
C THR B 34 32.52 25.91 11.85
N SER B 35 33.75 25.45 11.63
CA SER B 35 34.79 25.45 12.67
C SER B 35 36.14 25.40 11.96
N GLN B 36 37.21 25.21 12.74
CA GLN B 36 38.56 25.20 12.19
C GLN B 36 38.66 24.22 11.02
N PHE B 37 38.23 22.98 11.23
CA PHE B 37 38.27 21.95 10.20
C PHE B 37 36.88 21.54 9.73
N GLY B 38 35.83 22.16 10.25
CA GLY B 38 34.47 21.80 9.87
C GLY B 38 33.97 22.66 8.72
N PHE B 39 33.36 22.01 7.74
CA PHE B 39 32.75 22.71 6.61
C PHE B 39 31.69 21.79 6.01
N TYR B 40 30.84 22.38 5.19
CA TYR B 40 29.87 21.58 4.43
C TYR B 40 29.47 22.35 3.17
N LEU B 41 29.12 21.57 2.14
CA LEU B 41 28.71 22.14 0.86
C LEU B 41 27.34 22.77 1.01
N LEU B 42 27.29 24.11 0.97
CA LEU B 42 26.05 24.82 1.29
C LEU B 42 25.13 24.93 0.09
N PHE B 43 25.67 25.23 -1.10
CA PHE B 43 24.87 25.37 -2.30
C PHE B 43 25.69 24.97 -3.51
N GLU B 44 25.02 24.36 -4.48
CA GLU B 44 25.64 23.97 -5.74
C GLU B 44 24.68 24.27 -6.88
N THR B 45 25.25 24.59 -8.05
CA THR B 45 24.46 24.72 -9.26
C THR B 45 25.41 24.62 -10.45
N LYS B 46 24.83 24.52 -11.65
CA LYS B 46 25.61 24.29 -12.85
C LYS B 46 24.99 25.04 -14.03
N SER B 47 25.74 25.05 -15.12
CA SER B 47 25.28 25.55 -16.41
C SER B 47 26.01 24.75 -17.47
N LYS B 48 25.32 24.40 -18.55
CA LYS B 48 25.86 23.52 -19.59
C LYS B 48 26.45 24.32 -20.74
N VAL B 49 27.10 25.45 -20.43
CA VAL B 49 27.61 26.35 -21.47
C VAL B 49 28.39 25.58 -22.52
N ARG B 50 29.32 24.73 -22.11
CA ARG B 50 30.21 24.02 -23.03
C ARG B 50 31.00 25.03 -23.87
N ILE B 51 31.88 25.77 -23.18
CA ILE B 51 32.66 26.82 -23.82
C ILE B 51 33.57 26.29 -24.91
N SER B 52 33.83 24.99 -24.93
CA SER B 52 34.72 24.39 -25.92
C SER B 52 33.97 23.98 -27.19
N GLU B 53 32.72 24.37 -27.34
CA GLU B 53 31.90 23.85 -28.43
C GLU B 53 32.45 24.34 -29.77
N GLY B 54 32.76 23.39 -30.65
CA GLY B 54 33.24 23.70 -31.97
C GLY B 54 34.64 24.29 -32.03
N CYS B 55 35.38 24.31 -30.93
CA CYS B 55 36.69 24.92 -30.92
C CYS B 55 37.79 23.98 -31.40
N TYR B 56 37.57 22.67 -31.33
CA TYR B 56 38.64 21.74 -31.66
C TYR B 56 38.91 21.67 -33.16
N ALA B 57 37.99 22.14 -33.99
CA ALA B 57 38.21 22.23 -35.43
C ALA B 57 38.82 23.56 -35.85
N PHE B 58 39.08 24.46 -34.91
CA PHE B 58 39.67 25.77 -35.20
C PHE B 58 40.78 26.07 -34.21
N ASN B 59 41.64 25.08 -33.98
CA ASN B 59 42.85 25.25 -33.19
C ASN B 59 42.56 25.70 -31.76
N GLY B 60 41.41 25.30 -31.22
CA GLY B 60 41.09 25.59 -29.85
C GLY B 60 40.68 27.01 -29.56
N ILE B 61 40.45 27.83 -30.58
CA ILE B 61 39.93 29.17 -30.38
C ILE B 61 38.50 29.07 -29.86
N LEU B 62 38.25 29.63 -28.68
CA LEU B 62 36.91 29.69 -28.13
C LEU B 62 35.99 30.48 -29.05
N GLN B 63 34.91 29.84 -29.49
CA GLN B 63 34.02 30.47 -30.44
C GLN B 63 33.20 31.58 -29.77
N GLU B 64 32.54 32.39 -30.60
CA GLU B 64 31.88 33.60 -30.10
C GLU B 64 30.63 33.25 -29.29
N ILE B 65 29.75 32.43 -29.85
CA ILE B 65 28.51 32.10 -29.16
C ILE B 65 28.79 31.44 -27.81
N PRO B 66 29.62 30.38 -27.72
CA PRO B 66 29.90 29.82 -26.39
C PRO B 66 30.44 30.83 -25.40
N MET B 67 31.27 31.78 -25.85
CA MET B 67 31.77 32.80 -24.93
C MET B 67 30.64 33.69 -24.43
N GLN B 68 29.70 34.06 -25.31
CA GLN B 68 28.56 34.86 -24.87
C GLN B 68 27.75 34.11 -23.82
N ARG B 69 27.56 32.79 -24.02
CA ARG B 69 26.86 31.99 -23.03
C ARG B 69 27.63 31.91 -21.72
N ALA B 70 28.95 31.72 -21.79
CA ALA B 70 29.76 31.65 -20.58
C ALA B 70 29.70 32.94 -19.80
N VAL B 71 29.69 34.09 -20.48
CA VAL B 71 29.64 35.37 -19.79
C VAL B 71 28.31 35.53 -19.08
N LYS B 72 27.20 35.24 -19.77
CA LYS B 72 25.89 35.37 -19.16
C LYS B 72 25.75 34.47 -17.94
N ALA B 73 26.28 33.25 -18.03
CA ALA B 73 26.19 32.33 -16.91
C ALA B 73 27.11 32.77 -15.76
N LEU B 74 28.35 33.14 -16.09
CA LEU B 74 29.27 33.58 -15.06
C LEU B 74 28.80 34.85 -14.36
N SER B 75 28.04 35.69 -15.07
CA SER B 75 27.52 36.90 -14.44
C SER B 75 26.49 36.56 -13.37
N GLU B 76 25.62 35.60 -13.64
CA GLU B 76 24.64 35.20 -12.64
C GLU B 76 25.26 34.34 -11.54
N PHE B 77 26.35 33.62 -11.84
CA PHE B 77 27.09 32.93 -10.80
C PHE B 77 27.69 33.93 -9.82
N LYS B 78 28.21 35.05 -10.32
CA LYS B 78 28.68 36.11 -9.44
C LYS B 78 27.55 36.64 -8.57
N GLU B 79 26.37 36.82 -9.14
CA GLU B 79 25.22 37.25 -8.36
C GLU B 79 24.92 36.24 -7.25
N ILE B 80 24.88 34.95 -7.60
CA ILE B 80 24.60 33.93 -6.61
C ILE B 80 25.63 33.97 -5.48
N ALA B 81 26.91 34.07 -5.84
CA ALA B 81 27.96 34.10 -4.83
C ALA B 81 27.76 35.25 -3.85
N LEU B 82 27.26 36.38 -4.32
CA LEU B 82 27.12 37.55 -3.46
C LEU B 82 25.93 37.44 -2.52
N LYS B 83 24.81 36.89 -3.00
CA LYS B 83 23.65 36.77 -2.14
C LYS B 83 23.86 35.75 -1.02
N TYR B 84 24.87 34.88 -1.14
CA TYR B 84 25.28 34.02 -0.04
C TYR B 84 26.33 34.69 0.84
N LYS B 85 26.58 35.99 0.65
CA LYS B 85 27.51 36.76 1.48
C LYS B 85 28.90 36.15 1.44
N SER B 86 29.36 35.81 0.24
CA SER B 86 30.67 35.19 0.09
C SER B 86 31.78 36.17 0.45
N LYS B 87 32.71 35.73 1.30
CA LYS B 87 33.87 36.53 1.64
C LYS B 87 35.06 36.24 0.73
N LYS B 88 34.97 35.24 -0.14
CA LYS B 88 36.07 34.85 -1.00
C LYS B 88 35.49 34.15 -2.23
N ILE B 89 35.93 34.56 -3.41
CA ILE B 89 35.46 33.97 -4.67
C ILE B 89 36.69 33.49 -5.43
N LEU B 90 36.81 32.18 -5.58
CA LEU B 90 37.90 31.55 -6.30
C LEU B 90 37.36 30.98 -7.60
N CYS B 91 37.88 31.48 -8.71
CA CYS B 91 37.42 31.06 -10.04
C CYS B 91 38.59 30.49 -10.81
N VAL B 92 38.39 29.33 -11.44
CA VAL B 92 39.45 28.63 -12.15
C VAL B 92 38.92 28.16 -13.50
N ALA B 93 39.83 28.10 -14.48
CA ALA B 93 39.52 27.61 -15.81
C ALA B 93 40.49 26.50 -16.18
N THR B 94 40.04 25.60 -17.04
CA THR B 94 40.72 24.33 -17.29
C THR B 94 40.93 24.18 -18.80
N SER B 95 41.18 22.93 -19.22
CA SER B 95 41.76 22.59 -20.53
C SER B 95 41.32 23.51 -21.67
N ALA B 96 40.01 23.65 -21.91
CA ALA B 96 39.57 24.39 -23.08
C ALA B 96 40.09 25.82 -23.06
N VAL B 97 40.13 26.44 -21.89
CA VAL B 97 40.67 27.79 -21.79
C VAL B 97 42.19 27.77 -21.81
N ARG B 98 42.81 26.82 -21.09
CA ARG B 98 44.25 26.62 -21.15
C ARG B 98 44.78 26.70 -22.58
N ASP B 99 44.17 25.91 -23.46
CA ASP B 99 44.69 25.70 -24.81
C ASP B 99 44.24 26.78 -25.79
N ALA B 100 43.42 27.73 -25.35
CA ALA B 100 42.79 28.66 -26.28
C ALA B 100 43.75 29.77 -26.66
N PRO B 101 44.03 29.97 -27.95
CA PRO B 101 44.84 31.14 -28.36
C PRO B 101 44.28 32.46 -27.89
N ASN B 102 42.98 32.57 -27.69
CA ASN B 102 42.33 33.82 -27.27
C ASN B 102 41.91 33.76 -25.80
N ARG B 103 42.66 33.02 -24.97
CA ARG B 103 42.29 32.88 -23.57
C ARG B 103 42.31 34.23 -22.86
N LEU B 104 43.34 35.05 -23.13
CA LEU B 104 43.41 36.36 -22.49
C LEU B 104 42.18 37.20 -22.81
N GLU B 105 41.71 37.14 -24.05
CA GLU B 105 40.55 37.92 -24.44
C GLU B 105 39.32 37.50 -23.66
N PHE B 106 39.12 36.19 -23.48
CA PHE B 106 37.95 35.70 -22.75
C PHE B 106 38.05 36.04 -21.27
N VAL B 107 39.24 35.87 -20.68
CA VAL B 107 39.43 36.22 -19.27
C VAL B 107 39.06 37.67 -19.04
N ALA B 108 39.55 38.57 -19.90
CA ALA B 108 39.27 39.99 -19.72
C ALA B 108 37.82 40.31 -20.01
N ARG B 109 37.20 39.56 -20.92
CA ARG B 109 35.79 39.76 -21.24
C ARG B 109 34.90 39.44 -20.03
N VAL B 110 35.27 38.41 -19.27
CA VAL B 110 34.50 38.05 -18.08
C VAL B 110 34.70 39.09 -16.99
N LYS B 111 35.93 39.59 -16.84
CA LYS B 111 36.19 40.59 -15.81
C LYS B 111 35.41 41.87 -16.08
N LYS B 112 35.36 42.29 -17.34
CA LYS B 112 34.62 43.50 -17.69
C LYS B 112 33.13 43.34 -17.43
N ALA B 113 32.61 42.12 -17.58
CA ALA B 113 31.16 41.91 -17.52
C ALA B 113 30.65 41.76 -16.08
N CYS B 114 31.36 40.99 -15.25
CA CYS B 114 30.88 40.71 -13.90
C CYS B 114 31.92 40.84 -12.80
N GLY B 115 33.19 41.08 -13.12
CA GLY B 115 34.21 41.29 -12.11
C GLY B 115 35.01 40.06 -11.74
N LEU B 116 34.53 38.87 -12.06
CA LEU B 116 35.27 37.65 -11.75
C LEU B 116 36.64 37.69 -12.40
N GLN B 117 37.65 37.26 -11.65
CA GLN B 117 39.03 37.18 -12.13
C GLN B 117 39.36 35.70 -12.31
N ILE B 118 39.23 35.23 -13.55
CA ILE B 118 39.47 33.82 -13.83
C ILE B 118 40.96 33.53 -13.68
N LYS B 119 41.27 32.42 -13.01
CA LYS B 119 42.64 31.96 -12.83
C LYS B 119 42.80 30.67 -13.63
N ILE B 120 43.42 30.78 -14.80
CA ILE B 120 43.72 29.60 -15.61
C ILE B 120 44.74 28.74 -14.87
N ILE B 121 44.44 27.46 -14.73
CA ILE B 121 45.29 26.51 -14.02
C ILE B 121 45.78 25.46 -15.00
N ASP B 122 47.04 25.08 -14.89
CA ASP B 122 47.63 24.11 -15.81
C ASP B 122 47.10 22.71 -15.53
N GLY B 123 47.36 21.79 -16.46
CA GLY B 123 46.86 20.44 -16.33
C GLY B 123 47.40 19.71 -15.12
N GLN B 124 48.62 20.04 -14.69
CA GLN B 124 49.18 19.45 -13.49
C GLN B 124 48.45 19.95 -12.25
N LYS B 125 48.24 21.27 -12.16
CA LYS B 125 47.47 21.82 -11.05
C LYS B 125 46.07 21.22 -11.01
N GLU B 126 45.41 21.15 -12.17
CA GLU B 126 44.09 20.53 -12.22
C GLU B 126 44.13 19.13 -11.64
N ALA B 127 45.15 18.35 -11.99
CA ALA B 127 45.31 17.01 -11.43
C ALA B 127 45.58 17.08 -9.94
N LEU B 128 46.41 18.03 -9.50
CA LEU B 128 46.75 18.14 -8.10
C LEU B 128 45.51 18.39 -7.25
N TYR B 129 44.73 19.41 -7.60
CA TYR B 129 43.55 19.75 -6.82
C TYR B 129 42.63 18.54 -6.65
N GLY B 130 42.45 17.76 -7.71
CA GLY B 130 41.65 16.54 -7.58
C GLY B 130 42.26 15.57 -6.58
N GLY B 131 43.57 15.38 -6.65
CA GLY B 131 44.23 14.49 -5.69
C GLY B 131 44.08 14.97 -4.27
N ILE B 132 44.14 16.29 -4.06
CA ILE B 132 44.00 16.83 -2.71
C ILE B 132 42.63 16.47 -2.14
N ALA B 133 41.59 16.61 -2.94
CA ALA B 133 40.24 16.29 -2.49
C ALA B 133 40.13 14.82 -2.09
N CYS B 134 40.55 13.93 -2.99
CA CYS B 134 40.38 12.50 -2.75
C CYS B 134 41.24 12.02 -1.58
N ALA B 135 42.43 12.60 -1.40
CA ALA B 135 43.30 12.18 -0.32
C ALA B 135 42.76 12.56 1.05
N ASN B 136 41.82 13.51 1.12
CA ASN B 136 41.30 13.99 2.39
C ASN B 136 39.84 13.64 2.64
N LEU B 137 39.07 13.36 1.60
CA LEU B 137 37.62 13.23 1.73
C LEU B 137 37.11 11.85 1.33
N LEU B 138 37.99 10.86 1.18
CA LEU B 138 37.58 9.49 0.89
C LEU B 138 38.11 8.55 1.95
N HIS B 139 37.50 7.37 2.01
CA HIS B 139 37.78 6.38 3.04
C HIS B 139 38.91 5.42 2.65
N LYS B 140 39.75 5.80 1.70
CA LYS B 140 40.94 5.03 1.37
C LYS B 140 42.07 6.00 1.07
N ASN B 141 43.28 5.61 1.47
CA ASN B 141 44.42 6.51 1.46
C ASN B 141 45.39 6.26 0.30
N SER B 142 45.17 5.22 -0.51
CA SER B 142 46.11 4.84 -1.55
C SER B 142 45.36 4.48 -2.83
N GLY B 143 45.77 5.09 -3.93
CA GLY B 143 45.13 4.83 -5.21
C GLY B 143 45.40 5.96 -6.19
N ILE B 144 44.83 5.81 -7.38
CA ILE B 144 45.01 6.74 -8.48
C ILE B 144 43.67 7.39 -8.81
N THR B 145 43.66 8.71 -8.95
CA THR B 145 42.46 9.42 -9.37
C THR B 145 42.28 9.31 -10.88
N ILE B 146 41.02 9.35 -11.31
CA ILE B 146 40.66 9.37 -12.72
C ILE B 146 39.60 10.45 -12.88
N ASP B 147 40.01 11.63 -13.35
CA ASP B 147 39.13 12.78 -13.51
C ASP B 147 38.93 13.02 -15.00
N ILE B 148 37.91 12.38 -15.56
CA ILE B 148 37.58 12.56 -16.98
C ILE B 148 36.77 13.84 -17.13
N GLY B 149 37.28 14.77 -17.93
CA GLY B 149 36.57 16.00 -18.22
C GLY B 149 36.23 16.12 -19.70
N GLY B 150 35.77 17.30 -20.11
CA GLY B 150 35.46 17.51 -21.51
C GLY B 150 36.69 17.51 -22.40
N GLY B 151 37.78 18.14 -21.94
CA GLY B 151 38.96 18.29 -22.77
C GLY B 151 40.21 17.57 -22.28
N SER B 152 40.25 17.17 -21.01
CA SER B 152 41.45 16.54 -20.48
C SER B 152 41.07 15.50 -19.43
N THR B 153 42.01 14.60 -19.17
CA THR B 153 41.87 13.57 -18.15
C THR B 153 43.08 13.64 -17.22
N ALA B 154 42.81 13.73 -15.92
CA ALA B 154 43.85 13.86 -14.92
C ALA B 154 43.99 12.59 -14.10
N CYS B 155 45.19 12.35 -13.59
CA CYS B 155 45.46 11.25 -12.69
C CYS B 155 46.44 11.70 -11.62
N ALA B 156 46.16 11.31 -10.37
CA ALA B 156 47.01 11.65 -9.24
C ALA B 156 47.28 10.38 -8.46
N LEU B 157 48.55 10.01 -8.33
CA LEU B 157 48.93 8.85 -7.54
C LEU B 157 49.00 9.24 -6.07
N ILE B 158 48.28 8.51 -5.23
CA ILE B 158 48.20 8.78 -3.80
C ILE B 158 48.67 7.54 -3.06
N GLU B 159 49.57 7.73 -2.09
CA GLU B 159 50.07 6.65 -1.25
C GLU B 159 49.98 7.10 0.20
N LYS B 160 49.11 6.43 0.97
CA LYS B 160 48.94 6.70 2.39
C LYS B 160 48.67 8.19 2.65
N GLY B 161 47.73 8.74 1.87
CA GLY B 161 47.31 10.12 2.05
C GLY B 161 48.17 11.15 1.38
N LYS B 162 49.32 10.78 0.82
CA LYS B 162 50.26 11.72 0.21
C LYS B 162 50.27 11.55 -1.30
N ILE B 163 50.34 12.67 -2.01
CA ILE B 163 50.34 12.69 -3.47
C ILE B 163 51.78 12.50 -3.96
N LYS B 164 52.00 11.43 -4.72
CA LYS B 164 53.34 11.04 -5.13
C LYS B 164 53.67 11.35 -6.59
N ASP B 165 52.66 11.57 -7.44
CA ASP B 165 52.90 11.85 -8.84
C ASP B 165 51.61 12.36 -9.48
N LEU B 166 51.74 12.99 -10.64
CA LEU B 166 50.61 13.62 -11.32
C LEU B 166 50.80 13.54 -12.83
N ILE B 167 49.70 13.26 -13.55
CA ILE B 167 49.71 13.24 -15.00
C ILE B 167 48.48 13.97 -15.52
N SER B 168 48.63 14.61 -16.68
CA SER B 168 47.53 15.27 -17.37
C SER B 168 47.54 14.85 -18.84
N LEU B 169 46.44 14.25 -19.29
CA LEU B 169 46.30 13.81 -20.67
C LEU B 169 45.30 14.69 -21.40
N ASP B 170 45.52 14.85 -22.70
CA ASP B 170 44.68 15.71 -23.53
C ASP B 170 43.62 14.92 -24.29
N VAL B 171 43.04 13.93 -23.63
CA VAL B 171 41.85 13.23 -24.13
C VAL B 171 40.67 13.68 -23.28
N GLY B 172 39.50 13.79 -23.91
CA GLY B 172 38.31 14.27 -23.21
C GLY B 172 37.07 13.94 -24.01
N THR B 173 35.94 13.94 -23.30
CA THR B 173 34.67 13.54 -23.92
C THR B 173 34.37 14.41 -25.15
N ILE B 174 34.33 15.73 -24.96
CA ILE B 174 33.96 16.61 -26.05
C ILE B 174 35.07 16.71 -27.08
N ARG B 175 36.33 16.56 -26.66
CA ARG B 175 37.43 16.50 -27.62
C ARG B 175 37.29 15.29 -28.53
N ILE B 176 37.06 14.11 -27.93
CA ILE B 176 36.90 12.90 -28.73
C ILE B 176 35.63 12.96 -29.55
N LYS B 177 34.59 13.61 -29.02
CA LYS B 177 33.33 13.71 -29.74
C LYS B 177 33.50 14.49 -31.04
N GLU B 178 34.03 15.70 -30.95
CA GLU B 178 34.15 16.57 -32.12
C GLU B 178 35.26 16.16 -33.07
N MET B 179 36.18 15.29 -32.66
CA MET B 179 37.26 14.86 -33.53
C MET B 179 36.93 13.57 -34.27
N PHE B 180 36.24 12.63 -33.62
CA PHE B 180 35.98 11.32 -34.21
C PHE B 180 34.50 10.98 -34.31
N LEU B 181 33.72 11.17 -33.23
CA LEU B 181 32.37 10.62 -33.19
C LEU B 181 31.37 11.47 -33.96
N ASP B 182 31.57 12.79 -34.03
CA ASP B 182 30.69 13.63 -34.85
C ASP B 182 30.96 13.43 -36.33
N LYS B 183 32.21 13.13 -36.70
CA LYS B 183 32.55 12.75 -38.05
C LYS B 183 32.26 11.28 -38.34
N ASP B 184 31.75 10.53 -37.35
CA ASP B 184 31.36 9.14 -37.51
C ASP B 184 32.52 8.26 -37.97
N LEU B 185 33.76 8.67 -37.70
CA LEU B 185 34.89 7.79 -37.93
C LEU B 185 34.75 6.54 -37.08
N ASP B 186 35.38 5.46 -37.53
CA ASP B 186 35.33 4.21 -36.78
C ASP B 186 35.84 4.42 -35.37
N VAL B 187 35.22 3.73 -34.41
CA VAL B 187 35.59 3.91 -33.01
C VAL B 187 37.04 3.49 -32.78
N LYS B 188 37.54 2.54 -33.56
CA LYS B 188 38.90 2.07 -33.39
C LYS B 188 39.92 3.18 -33.66
N LEU B 189 39.56 4.14 -34.51
CA LEU B 189 40.44 5.29 -34.71
C LEU B 189 40.43 6.21 -33.48
N ALA B 190 39.27 6.35 -32.83
CA ALA B 190 39.21 7.12 -31.59
C ALA B 190 39.80 6.34 -30.43
N LYS B 191 39.67 5.00 -30.44
CA LYS B 191 40.25 4.19 -29.37
C LYS B 191 41.77 4.22 -29.43
N ALA B 192 42.34 4.11 -30.63
CA ALA B 192 43.79 4.15 -30.78
C ALA B 192 44.35 5.47 -30.27
N PHE B 193 43.72 6.59 -30.65
CA PHE B 193 44.17 7.90 -30.21
C PHE B 193 44.27 7.98 -28.69
N ILE B 194 43.26 7.46 -27.99
CA ILE B 194 43.24 7.56 -26.54
C ILE B 194 44.33 6.68 -25.93
N GLN B 195 44.52 5.47 -26.48
CA GLN B 195 45.57 4.59 -25.97
C GLN B 195 46.94 5.23 -26.07
N LYS B 196 47.19 5.96 -27.16
CA LYS B 196 48.51 6.57 -27.36
C LYS B 196 48.82 7.56 -26.24
N GLU B 197 47.80 8.24 -25.72
CA GLU B 197 48.02 9.18 -24.63
C GLU B 197 48.01 8.48 -23.27
N VAL B 198 47.18 7.45 -23.12
CA VAL B 198 47.12 6.74 -21.84
C VAL B 198 48.43 6.03 -21.55
N SER B 199 49.15 5.59 -22.60
CA SER B 199 50.44 4.94 -22.39
C SER B 199 51.39 5.82 -21.58
N LYS B 200 51.18 7.13 -21.59
CA LYS B 200 52.00 8.07 -20.85
C LYS B 200 51.69 8.07 -19.35
N LEU B 201 50.92 7.11 -18.84
CA LEU B 201 50.66 7.00 -17.41
C LEU B 201 51.73 6.10 -16.80
N PRO B 202 52.66 6.63 -16.01
CA PRO B 202 53.80 5.82 -15.54
C PRO B 202 53.55 5.00 -14.29
N PHE B 203 52.31 4.83 -13.85
CA PHE B 203 52.03 4.13 -12.60
C PHE B 203 50.84 3.19 -12.77
N LYS B 204 50.72 2.27 -11.82
CA LYS B 204 49.60 1.34 -11.74
C LYS B 204 49.19 1.20 -10.29
N HIS B 205 47.96 0.72 -10.08
CA HIS B 205 47.45 0.52 -8.72
C HIS B 205 46.14 -0.23 -8.80
N LYS B 206 45.86 -1.03 -7.76
CA LYS B 206 44.63 -1.80 -7.72
C LYS B 206 43.41 -0.92 -7.44
N ASN B 207 43.62 0.26 -6.87
CA ASN B 207 42.53 1.17 -6.53
C ASN B 207 42.47 2.33 -7.52
N ALA B 208 41.25 2.83 -7.73
CA ALA B 208 41.02 4.00 -8.55
C ALA B 208 39.97 4.88 -7.88
N PHE B 209 40.12 6.18 -8.04
CA PHE B 209 39.18 7.17 -7.53
C PHE B 209 38.49 7.82 -8.72
N GLY B 210 37.23 7.45 -8.96
CA GLY B 210 36.50 8.01 -10.08
C GLY B 210 36.03 9.41 -9.82
N VAL B 211 36.45 10.36 -10.67
CA VAL B 211 36.16 11.78 -10.48
C VAL B 211 35.54 12.31 -11.77
N GLY B 212 34.57 13.22 -11.62
CA GLY B 212 34.01 13.92 -12.74
C GLY B 212 32.58 13.46 -13.04
N GLY B 213 31.90 14.28 -13.85
CA GLY B 213 30.51 13.98 -14.18
C GLY B 213 30.35 12.71 -14.98
N THR B 214 31.22 12.49 -15.97
CA THR B 214 31.13 11.28 -16.78
C THR B 214 31.14 10.04 -15.91
N ILE B 215 32.03 10.00 -14.92
CA ILE B 215 32.11 8.83 -14.06
C ILE B 215 30.94 8.80 -13.08
N ARG B 216 30.48 9.96 -12.62
CA ARG B 216 29.29 9.98 -11.77
C ARG B 216 28.09 9.44 -12.53
N ALA B 217 28.01 9.71 -13.83
CA ALA B 217 26.92 9.18 -14.64
C ALA B 217 27.02 7.66 -14.76
N LEU B 218 28.21 7.15 -15.07
CA LEU B 218 28.39 5.72 -15.16
C LEU B 218 28.21 5.05 -13.81
N SER B 219 28.55 5.74 -12.72
CA SER B 219 28.32 5.19 -11.39
C SER B 219 26.83 5.05 -11.13
N LYS B 220 26.05 6.08 -11.44
CA LYS B 220 24.59 5.97 -11.31
C LYS B 220 24.07 4.79 -12.11
N VAL B 221 24.56 4.62 -13.35
CA VAL B 221 24.12 3.51 -14.19
C VAL B 221 24.30 2.18 -13.45
N LEU B 222 25.47 1.99 -12.83
CA LEU B 222 25.72 0.73 -12.13
C LEU B 222 24.88 0.62 -10.86
N MET B 223 24.76 1.72 -10.11
CA MET B 223 23.91 1.71 -8.93
C MET B 223 22.49 1.26 -9.28
N LYS B 224 21.99 1.71 -10.44
CA LYS B 224 20.69 1.25 -10.91
C LYS B 224 20.75 -0.21 -11.33
N ARG B 225 21.84 -0.62 -11.99
CA ARG B 225 21.96 -1.98 -12.50
C ARG B 225 21.97 -3.01 -11.38
N PHE B 226 22.40 -2.62 -10.18
CA PHE B 226 22.54 -3.56 -9.06
C PHE B 226 21.55 -3.29 -7.94
N ASP B 227 20.57 -2.42 -8.16
CA ASP B 227 19.61 -2.02 -7.12
C ASP B 227 20.32 -1.76 -5.80
N TYR B 228 21.23 -0.80 -5.84
CA TYR B 228 21.98 -0.45 -4.64
C TYR B 228 21.05 0.22 -3.63
N PRO B 229 21.06 -0.19 -2.37
CA PRO B 229 20.11 0.41 -1.41
C PRO B 229 20.48 1.83 -1.00
N ILE B 230 21.76 2.17 -0.96
CA ILE B 230 22.20 3.49 -0.52
C ILE B 230 22.31 4.40 -1.75
N ASP B 231 21.69 5.57 -1.67
CA ASP B 231 21.57 6.48 -2.80
C ASP B 231 22.62 7.59 -2.76
N SER B 232 23.84 7.27 -2.33
CA SER B 232 24.91 8.25 -2.21
C SER B 232 26.05 7.86 -3.15
N LEU B 233 26.43 8.78 -4.04
CA LEU B 233 27.49 8.50 -5.00
C LEU B 233 28.85 8.40 -4.31
N HIS B 234 29.16 9.37 -3.46
CA HIS B 234 30.46 9.41 -2.81
C HIS B 234 30.69 8.13 -2.02
N GLY B 235 31.77 7.43 -2.35
CA GLY B 235 32.13 6.21 -1.66
C GLY B 235 31.64 4.93 -2.31
N TYR B 236 30.85 5.02 -3.38
CA TYR B 236 30.34 3.83 -4.04
C TYR B 236 31.49 3.01 -4.62
N GLU B 237 31.50 1.71 -4.30
CA GLU B 237 32.58 0.83 -4.73
C GLU B 237 32.14 0.03 -5.95
N ILE B 238 33.05 -0.10 -6.92
CA ILE B 238 32.77 -0.71 -8.22
C ILE B 238 33.88 -1.69 -8.53
N ASP B 239 33.52 -2.94 -8.77
CA ASP B 239 34.47 -3.95 -9.23
C ASP B 239 34.86 -3.65 -10.67
N ALA B 240 36.12 -3.29 -10.89
CA ALA B 240 36.54 -2.87 -12.22
C ALA B 240 36.48 -4.02 -13.21
N HIS B 241 36.99 -5.20 -12.81
CA HIS B 241 37.04 -6.32 -13.73
C HIS B 241 35.65 -6.77 -14.14
N LYS B 242 34.72 -6.86 -13.18
CA LYS B 242 33.39 -7.39 -13.48
C LYS B 242 32.63 -6.47 -14.42
N ASN B 243 32.82 -5.16 -14.32
CA ASN B 243 32.04 -4.21 -15.09
C ASN B 243 32.78 -3.64 -16.30
N LEU B 244 34.06 -3.99 -16.48
CA LEU B 244 34.80 -3.44 -17.62
C LEU B 244 34.09 -3.73 -18.94
N ALA B 245 33.57 -4.95 -19.09
CA ALA B 245 32.86 -5.30 -20.30
C ALA B 245 31.60 -4.45 -20.46
N PHE B 246 30.87 -4.24 -19.36
CA PHE B 246 29.64 -3.46 -19.43
C PHE B 246 29.93 -2.02 -19.82
N ILE B 247 31.03 -1.46 -19.32
CA ILE B 247 31.35 -0.06 -19.62
C ILE B 247 31.66 0.11 -21.10
N GLU B 248 32.46 -0.81 -21.66
CA GLU B 248 32.77 -0.73 -23.09
C GLU B 248 31.50 -0.86 -23.92
N LYS B 249 30.58 -1.72 -23.49
CA LYS B 249 29.32 -1.90 -24.20
C LYS B 249 28.58 -0.57 -24.36
N ILE B 250 28.62 0.28 -23.33
CA ILE B 250 27.90 1.55 -23.37
C ILE B 250 28.32 2.39 -24.57
N VAL B 251 29.56 2.20 -25.04
CA VAL B 251 30.08 3.04 -26.11
C VAL B 251 29.25 2.86 -27.39
N MET B 252 28.79 1.63 -27.64
CA MET B 252 28.15 1.30 -28.90
C MET B 252 26.62 1.28 -28.82
N LEU B 253 26.05 1.89 -27.79
CA LEU B 253 24.61 1.93 -27.63
C LEU B 253 24.02 3.14 -28.36
N LYS B 254 22.77 2.99 -28.79
CA LYS B 254 22.03 4.09 -29.39
C LYS B 254 21.39 4.94 -28.29
N GLU B 255 20.92 6.13 -28.68
CA GLU B 255 20.44 7.09 -27.68
C GLU B 255 19.28 6.55 -26.86
N ASP B 256 18.43 5.70 -27.44
CA ASP B 256 17.29 5.18 -26.69
C ASP B 256 17.74 4.17 -25.65
N GLN B 257 18.75 3.35 -25.97
CA GLN B 257 19.26 2.38 -25.01
C GLN B 257 19.89 3.07 -23.80
N LEU B 258 20.57 4.20 -24.03
CA LEU B 258 21.21 4.91 -22.93
C LEU B 258 20.17 5.49 -21.97
N ARG B 259 19.03 5.95 -22.51
CA ARG B 259 17.97 6.47 -21.65
C ARG B 259 17.44 5.39 -20.72
N LEU B 260 17.38 4.14 -21.19
CA LEU B 260 16.86 3.06 -20.38
C LEU B 260 17.81 2.67 -19.25
N LEU B 261 19.10 2.96 -19.39
CA LEU B 261 20.04 2.74 -18.30
C LEU B 261 20.02 3.86 -17.27
N GLY B 262 19.39 4.99 -17.58
CA GLY B 262 19.27 6.10 -16.66
C GLY B 262 20.05 7.34 -17.04
N VAL B 263 20.75 7.33 -18.17
CA VAL B 263 21.57 8.47 -18.56
C VAL B 263 20.68 9.67 -18.84
N ASN B 264 21.02 10.81 -18.25
CA ASN B 264 20.27 12.03 -18.49
C ASN B 264 20.35 12.42 -19.97
N GLU B 265 19.46 13.32 -20.37
CA GLU B 265 19.47 13.79 -21.75
C GLU B 265 20.76 14.55 -22.05
N GLU B 266 21.23 15.34 -21.09
CA GLU B 266 22.40 16.20 -21.29
C GLU B 266 23.71 15.44 -21.27
N ARG B 267 23.70 14.15 -20.93
CA ARG B 267 24.91 13.32 -20.97
C ARG B 267 24.93 12.38 -22.17
N LEU B 268 23.90 12.42 -23.03
CA LEU B 268 23.79 11.41 -24.08
C LEU B 268 24.90 11.54 -25.11
N ASP B 269 25.27 12.77 -25.48
CA ASP B 269 26.26 12.97 -26.52
C ASP B 269 27.69 12.85 -26.03
N SER B 270 27.91 12.81 -24.71
CA SER B 270 29.27 12.80 -24.16
C SER B 270 29.63 11.53 -23.40
N ILE B 271 28.66 10.74 -22.93
CA ILE B 271 29.00 9.61 -22.08
C ILE B 271 29.61 8.47 -22.89
N ARG B 272 29.20 8.32 -24.16
CA ARG B 272 29.77 7.27 -24.99
C ARG B 272 31.29 7.40 -25.07
N SER B 273 31.77 8.55 -25.54
CA SER B 273 33.21 8.79 -25.60
C SER B 273 33.82 8.79 -24.21
N GLY B 274 33.04 9.16 -23.19
CA GLY B 274 33.56 9.12 -21.82
C GLY B 274 33.80 7.71 -21.34
N ALA B 275 32.83 6.83 -21.54
CA ALA B 275 33.01 5.43 -21.17
C ALA B 275 34.23 4.82 -21.87
N LEU B 276 34.51 5.27 -23.10
CA LEU B 276 35.65 4.71 -23.83
C LEU B 276 36.97 5.10 -23.18
N ILE B 277 37.12 6.36 -22.80
CA ILE B 277 38.30 6.78 -22.05
C ILE B 277 38.43 5.95 -20.78
N LEU B 278 37.37 5.90 -19.99
CA LEU B 278 37.44 5.20 -18.71
C LEU B 278 37.82 3.74 -18.89
N SER B 279 37.31 3.10 -19.94
CA SER B 279 37.61 1.69 -20.15
C SER B 279 39.08 1.50 -20.56
N VAL B 280 39.62 2.44 -21.35
CA VAL B 280 41.02 2.32 -21.75
C VAL B 280 41.95 2.59 -20.58
N VAL B 281 41.55 3.49 -19.67
CA VAL B 281 42.39 3.81 -18.53
C VAL B 281 42.36 2.68 -17.51
N LEU B 282 41.17 2.17 -17.21
CA LEU B 282 41.06 1.08 -16.23
C LEU B 282 41.93 -0.10 -16.62
N GLU B 283 41.97 -0.42 -17.93
CA GLU B 283 42.79 -1.53 -18.38
C GLU B 283 44.28 -1.24 -18.20
N HIS B 284 44.69 0.00 -18.51
CA HIS B 284 46.11 0.34 -18.44
C HIS B 284 46.61 0.35 -17.00
N LEU B 285 45.84 0.96 -16.08
CA LEU B 285 46.25 1.03 -14.68
C LEU B 285 46.09 -0.30 -13.96
N LYS B 286 45.50 -1.32 -14.59
CA LYS B 286 45.27 -2.61 -13.95
C LYS B 286 44.40 -2.45 -12.70
N THR B 287 43.44 -1.54 -12.77
CA THR B 287 42.53 -1.31 -11.66
C THR B 287 41.66 -2.53 -11.42
N SER B 288 41.36 -2.80 -10.15
CA SER B 288 40.38 -3.80 -9.77
C SER B 288 39.23 -3.23 -8.95
N LEU B 289 39.43 -2.11 -8.26
CA LEU B 289 38.38 -1.46 -7.47
C LEU B 289 38.39 0.03 -7.77
N MET B 290 37.28 0.54 -8.29
CA MET B 290 37.11 1.98 -8.49
C MET B 290 36.09 2.49 -7.48
N ILE B 291 36.49 3.48 -6.69
CA ILE B 291 35.61 4.14 -5.73
C ILE B 291 35.12 5.43 -6.36
N THR B 292 33.81 5.53 -6.56
CA THR B 292 33.23 6.77 -7.05
C THR B 292 33.50 7.90 -6.05
N SER B 293 33.95 9.04 -6.56
CA SER B 293 34.16 10.22 -5.75
C SER B 293 33.10 11.26 -6.07
N GLY B 294 32.62 11.95 -5.04
CA GLY B 294 31.73 13.08 -5.20
C GLY B 294 32.42 14.42 -5.10
N VAL B 295 33.71 14.44 -4.83
CA VAL B 295 34.50 15.67 -4.73
C VAL B 295 35.61 15.63 -5.77
N GLY B 296 36.06 16.82 -6.16
CA GLY B 296 37.10 16.94 -7.17
C GLY B 296 37.81 18.28 -7.12
N VAL B 297 38.10 18.84 -8.30
CA VAL B 297 38.84 20.10 -8.39
C VAL B 297 38.23 21.14 -7.46
N ARG B 298 36.91 21.29 -7.51
CA ARG B 298 36.25 22.32 -6.71
C ARG B 298 36.60 22.17 -5.24
N GLU B 299 36.41 20.97 -4.68
CA GLU B 299 36.71 20.77 -3.27
C GLU B 299 38.20 20.92 -3.01
N GLY B 300 39.04 20.49 -3.95
CA GLY B 300 40.48 20.64 -3.78
C GLY B 300 40.89 22.10 -3.63
N VAL B 301 40.36 22.96 -4.51
CA VAL B 301 40.66 24.39 -4.43
C VAL B 301 40.30 24.93 -3.04
N PHE B 302 39.19 24.45 -2.48
CA PHE B 302 38.78 24.90 -1.15
C PHE B 302 39.71 24.36 -0.08
N LEU B 303 39.99 23.05 -0.12
CA LEU B 303 40.83 22.46 0.91
C LEU B 303 42.24 23.01 0.89
N SER B 304 42.74 23.40 -0.30
CA SER B 304 44.06 24.00 -0.37
C SER B 304 44.12 25.30 0.41
N ASP B 305 43.01 26.03 0.47
CA ASP B 305 42.95 27.26 1.26
C ASP B 305 42.66 26.95 2.73
N LEU B 306 41.77 25.99 2.99
CA LEU B 306 41.42 25.64 4.37
C LEU B 306 42.62 25.08 5.12
N LEU B 307 43.28 24.08 4.53
CA LEU B 307 44.44 23.44 5.14
C LEU B 307 45.72 24.03 4.56
N ARG B 308 45.92 25.32 4.84
CA ARG B 308 47.11 26.02 4.36
C ARG B 308 48.32 25.71 5.23
N ASN B 309 48.12 25.64 6.54
CA ASN B 309 49.20 25.43 7.49
C ASN B 309 49.36 23.97 7.90
N HIS B 310 48.46 23.08 7.44
CA HIS B 310 48.50 21.67 7.81
C HIS B 310 48.91 20.78 6.64
N TYR B 311 49.68 21.33 5.70
CA TYR B 311 50.27 20.56 4.60
C TYR B 311 49.18 19.91 3.74
N HIS B 312 48.08 20.64 3.58
CA HIS B 312 46.91 20.21 2.76
C HIS B 312 46.39 18.85 3.21
N LYS B 313 46.56 18.50 4.48
CA LYS B 313 46.09 17.25 5.04
C LYS B 313 45.42 17.53 6.38
N PHE B 314 44.37 16.74 6.68
CA PHE B 314 43.71 16.87 7.97
C PHE B 314 44.55 16.20 9.06
N PRO B 315 44.67 16.81 10.23
CA PRO B 315 45.36 16.15 11.34
C PRO B 315 44.75 14.78 11.61
N PRO B 316 45.51 13.84 12.16
CA PRO B 316 44.95 12.51 12.42
C PRO B 316 43.78 12.59 13.39
N ASN B 317 42.75 11.80 13.09
CA ASN B 317 41.54 11.72 13.92
C ASN B 317 40.69 12.97 13.79
N ILE B 318 40.80 13.66 12.66
CA ILE B 318 39.99 14.85 12.36
C ILE B 318 39.21 14.55 11.08
N ASN B 319 37.90 14.39 11.21
CA ASN B 319 37.03 14.14 10.06
C ASN B 319 36.16 15.35 9.82
N PRO B 320 36.18 15.95 8.63
CA PRO B 320 35.43 17.21 8.43
C PRO B 320 33.91 17.03 8.50
N SER B 321 33.38 15.92 8.01
CA SER B 321 31.92 15.78 7.98
C SER B 321 31.39 15.45 9.37
N LEU B 322 32.09 14.60 10.13
CA LEU B 322 31.71 14.36 11.51
C LEU B 322 31.68 15.65 12.31
N ILE B 323 32.70 16.49 12.16
CA ILE B 323 32.78 17.72 12.94
C ILE B 323 31.67 18.69 12.52
N SER B 324 31.56 18.97 11.22
CA SER B 324 30.55 19.91 10.76
C SER B 324 29.14 19.44 11.10
N LEU B 325 28.93 18.12 11.10
CA LEU B 325 27.64 17.60 11.52
C LEU B 325 27.33 17.97 12.95
N LYS B 326 28.33 17.86 13.85
CA LYS B 326 28.13 18.28 15.22
C LYS B 326 28.07 19.79 15.35
N ASP B 327 28.84 20.51 14.52
CA ASP B 327 28.75 21.97 14.52
C ASP B 327 27.34 22.43 14.19
N ARG B 328 26.67 21.72 13.29
CA ARG B 328 25.36 22.14 12.82
C ARG B 328 24.24 21.73 13.77
N PHE B 329 24.36 20.58 14.42
CA PHE B 329 23.27 20.02 15.20
C PHE B 329 23.62 19.68 16.64
N LEU B 330 24.88 19.84 17.05
CA LEU B 330 25.28 19.59 18.44
C LEU B 330 26.30 20.65 18.89
N PRO B 331 25.91 21.93 18.87
CA PRO B 331 26.84 22.95 19.38
C PRO B 331 27.29 22.70 20.81
N HIS B 332 26.45 22.07 21.63
CA HIS B 332 26.80 21.74 23.02
C HIS B 332 27.17 20.26 23.06
N GLU B 333 28.45 19.98 22.84
CA GLU B 333 28.95 18.63 22.65
C GLU B 333 29.20 17.89 23.97
N LYS B 334 28.79 18.44 25.11
CA LYS B 334 29.19 17.88 26.39
C LYS B 334 28.52 16.53 26.67
N HIS B 335 27.19 16.46 26.51
CA HIS B 335 26.50 15.20 26.79
C HIS B 335 26.95 14.08 25.87
N SER B 336 27.15 14.40 24.58
CA SER B 336 27.47 13.35 23.62
C SER B 336 28.82 12.72 23.88
N GLN B 337 29.75 13.46 24.50
CA GLN B 337 31.08 12.90 24.76
C GLN B 337 31.06 11.93 25.93
N LYS B 338 30.27 12.21 26.96
CA LYS B 338 30.13 11.28 28.07
C LYS B 338 29.56 9.95 27.59
N VAL B 339 28.48 10.00 26.80
CA VAL B 339 27.90 8.77 26.25
C VAL B 339 28.96 7.98 25.51
N LYS B 340 29.75 8.66 24.67
CA LYS B 340 30.79 7.97 23.93
C LYS B 340 31.77 7.29 24.87
N LYS B 341 32.20 8.01 25.91
CA LYS B 341 33.17 7.45 26.84
C LYS B 341 32.65 6.18 27.49
N GLU B 342 31.41 6.23 27.98
CA GLU B 342 30.82 5.05 28.62
C GLU B 342 30.67 3.90 27.64
N CYS B 343 30.48 4.20 26.35
CA CYS B 343 30.41 3.14 25.36
C CYS B 343 31.72 2.36 25.29
N VAL B 344 32.85 3.07 25.42
CA VAL B 344 34.15 2.40 25.39
C VAL B 344 34.34 1.55 26.64
N LYS B 345 34.06 2.14 27.81
CA LYS B 345 34.26 1.42 29.07
C LYS B 345 33.42 0.15 29.13
N LEU B 346 32.16 0.22 28.70
CA LEU B 346 31.34 -0.97 28.68
C LEU B 346 31.87 -1.97 27.65
N PHE B 347 32.27 -1.50 26.47
CA PHE B 347 32.82 -2.38 25.46
C PHE B 347 33.99 -3.18 26.02
N GLU B 348 34.83 -2.54 26.85
CA GLU B 348 35.96 -3.24 27.43
C GLU B 348 35.52 -4.22 28.51
N ALA B 349 34.71 -3.75 29.46
CA ALA B 349 34.28 -4.61 30.56
C ALA B 349 33.58 -5.86 30.06
N LEU B 350 32.82 -5.74 28.96
CA LEU B 350 32.09 -6.87 28.41
C LEU B 350 32.88 -7.65 27.37
N SER B 351 34.12 -7.27 27.10
CA SER B 351 34.88 -7.92 26.04
C SER B 351 35.02 -9.42 26.24
N PRO B 352 35.22 -9.95 27.44
CA PRO B 352 35.35 -11.41 27.58
C PRO B 352 34.14 -12.17 27.08
N LEU B 353 32.97 -11.52 27.03
CA LEU B 353 31.73 -12.19 26.65
C LEU B 353 31.41 -12.07 25.17
N HIS B 354 31.56 -10.87 24.59
CA HIS B 354 31.16 -10.64 23.21
C HIS B 354 32.28 -10.84 22.21
N LYS B 355 33.55 -10.74 22.65
CA LYS B 355 34.70 -11.06 21.81
C LYS B 355 34.60 -10.40 20.44
N ILE B 356 34.18 -9.16 20.41
CA ILE B 356 33.98 -8.42 19.17
C ILE B 356 35.29 -7.77 18.76
N ASP B 357 35.58 -7.80 17.46
CA ASP B 357 36.80 -7.20 16.95
C ASP B 357 36.87 -5.73 17.32
N GLU B 358 38.03 -5.32 17.86
CA GLU B 358 38.19 -3.96 18.35
C GLU B 358 37.93 -2.91 17.27
N LYS B 359 37.95 -3.30 15.99
CA LYS B 359 37.77 -2.33 14.92
C LYS B 359 36.41 -1.67 14.96
N TYR B 360 35.41 -2.29 15.59
CA TYR B 360 34.07 -1.72 15.64
C TYR B 360 33.92 -0.67 16.73
N LEU B 361 34.94 -0.46 17.57
CA LEU B 361 34.93 0.69 18.46
C LEU B 361 34.74 1.98 17.67
N PHE B 362 35.40 2.07 16.52
CA PHE B 362 35.26 3.23 15.66
C PHE B 362 33.80 3.59 15.42
N HIS B 363 32.99 2.59 15.06
CA HIS B 363 31.58 2.84 14.77
C HIS B 363 30.78 3.07 16.04
N LEU B 364 31.07 2.29 17.10
CA LEU B 364 30.35 2.46 18.35
C LEU B 364 30.59 3.84 18.95
N LYS B 365 31.84 4.32 18.92
CA LYS B 365 32.15 5.63 19.46
C LYS B 365 31.37 6.73 18.74
N ILE B 366 31.30 6.66 17.40
CA ILE B 366 30.60 7.68 16.65
C ILE B 366 29.10 7.58 16.90
N ALA B 367 28.56 6.36 16.95
CA ALA B 367 27.14 6.20 17.25
C ALA B 367 26.79 6.85 18.58
N GLY B 368 27.69 6.74 19.57
CA GLY B 368 27.44 7.35 20.86
C GLY B 368 27.43 8.87 20.79
N GLU B 369 28.32 9.45 19.98
CA GLU B 369 28.30 10.90 19.79
C GLU B 369 27.01 11.36 19.16
N LEU B 370 26.56 10.66 18.12
CA LEU B 370 25.48 11.13 17.26
C LEU B 370 24.13 10.48 17.59
N ALA B 371 24.08 9.61 18.60
CA ALA B 371 22.86 8.85 18.86
C ALA B 371 21.64 9.76 18.98
N SER B 372 21.76 10.89 19.68
CA SER B 372 20.64 11.77 19.93
C SER B 372 20.65 13.02 19.05
N MET B 373 21.48 13.03 18.01
CA MET B 373 21.58 14.20 17.14
C MET B 373 20.21 14.60 16.60
N GLY B 374 19.38 13.62 16.27
CA GLY B 374 18.08 13.88 15.65
C GLY B 374 17.11 14.65 16.53
N LYS B 375 17.40 14.82 17.82
CA LYS B 375 16.50 15.58 18.67
C LYS B 375 16.33 17.01 18.20
N ILE B 376 17.28 17.53 17.41
CA ILE B 376 17.14 18.86 16.85
C ILE B 376 15.92 18.95 15.95
N LEU B 377 15.43 17.82 15.45
CA LEU B 377 14.24 17.76 14.61
C LEU B 377 12.99 17.39 15.41
N SER B 378 13.08 16.38 16.26
CA SER B 378 11.97 15.99 17.11
C SER B 378 12.48 15.03 18.17
N VAL B 379 11.98 15.16 19.40
CA VAL B 379 12.33 14.20 20.44
C VAL B 379 11.69 12.85 20.16
N TYR B 380 10.62 12.81 19.38
CA TYR B 380 9.93 11.57 19.07
C TYR B 380 10.52 10.96 17.81
N LEU B 381 10.84 9.67 17.88
CA LEU B 381 11.62 8.99 16.84
C LEU B 381 12.97 9.66 16.64
N ALA B 382 13.54 10.20 17.72
CA ALA B 382 14.80 10.93 17.61
C ALA B 382 15.91 10.04 17.06
N HIS B 383 15.98 8.79 17.53
CA HIS B 383 17.02 7.90 17.04
C HIS B 383 16.82 7.57 15.57
N LYS B 384 15.57 7.39 15.15
CA LYS B 384 15.29 7.26 13.72
C LYS B 384 15.85 8.44 12.95
N HIS B 385 15.62 9.65 13.45
CA HIS B 385 16.11 10.85 12.79
C HIS B 385 17.63 10.85 12.73
N SER B 386 18.28 10.64 13.88
CA SER B 386 19.74 10.56 13.90
C SER B 386 20.25 9.55 12.89
N ALA B 387 19.62 8.37 12.83
CA ALA B 387 19.99 7.39 11.81
C ALA B 387 19.77 7.95 10.41
N TYR B 388 18.77 8.81 10.23
CA TYR B 388 18.56 9.42 8.93
C TYR B 388 19.66 10.42 8.61
N PHE B 389 19.94 11.34 9.53
CA PHE B 389 21.03 12.29 9.37
C PHE B 389 22.33 11.56 9.01
N ILE B 390 22.65 10.52 9.78
CA ILE B 390 23.92 9.82 9.60
C ILE B 390 24.02 9.25 8.19
N LEU B 391 23.04 8.45 7.79
CA LEU B 391 23.14 7.74 6.53
C LEU B 391 23.26 8.68 5.33
N ASN B 392 22.72 9.89 5.44
CA ASN B 392 22.66 10.80 4.29
C ASN B 392 23.72 11.90 4.30
N ALA B 393 24.28 12.24 5.47
CA ALA B 393 25.18 13.39 5.56
C ALA B 393 26.58 13.06 6.09
N LEU B 394 26.83 11.84 6.54
CA LEU B 394 28.13 11.46 7.10
C LEU B 394 28.93 10.77 6.00
N SER B 395 29.51 11.58 5.11
CA SER B 395 30.05 11.09 3.85
C SER B 395 31.59 11.04 3.85
N TYR B 396 32.24 12.17 4.11
CA TYR B 396 33.69 12.28 3.90
C TYR B 396 34.44 11.38 4.88
N GLY B 397 35.26 10.48 4.32
CA GLY B 397 36.12 9.64 5.14
C GLY B 397 35.48 8.37 5.65
N PHE B 398 34.22 8.12 5.33
CA PHE B 398 33.52 6.90 5.74
C PHE B 398 33.13 6.09 4.52
N SER B 399 33.29 4.78 4.61
CA SER B 399 32.73 3.89 3.61
C SER B 399 31.21 3.81 3.80
N HIS B 400 30.54 3.23 2.81
CA HIS B 400 29.10 3.03 2.95
C HIS B 400 28.79 2.03 4.05
N GLN B 401 29.65 1.02 4.25
CA GLN B 401 29.48 0.13 5.38
C GLN B 401 29.61 0.88 6.70
N ASP B 402 30.61 1.77 6.79
CA ASP B 402 30.76 2.56 8.01
C ASP B 402 29.49 3.33 8.34
N ARG B 403 28.86 3.93 7.32
CA ARG B 403 27.59 4.62 7.53
C ARG B 403 26.52 3.64 7.96
N ALA B 404 26.42 2.50 7.28
CA ALA B 404 25.40 1.50 7.62
C ALA B 404 25.53 1.07 9.08
N ILE B 405 26.72 0.67 9.50
CA ILE B 405 26.93 0.21 10.87
C ILE B 405 26.57 1.32 11.85
N ILE B 406 27.22 2.48 11.71
CA ILE B 406 26.93 3.60 12.59
C ILE B 406 25.44 3.90 12.58
N CYS B 407 24.83 3.84 11.40
CA CYS B 407 23.41 4.16 11.28
C CYS B 407 22.57 3.20 12.11
N LEU B 408 22.82 1.89 11.98
CA LEU B 408 21.97 0.91 12.64
C LEU B 408 22.09 0.97 14.16
N LEU B 409 23.31 1.15 14.68
CA LEU B 409 23.48 1.20 16.12
C LEU B 409 22.60 2.29 16.73
N ALA B 410 22.57 3.47 16.11
CA ALA B 410 21.76 4.56 16.64
C ALA B 410 20.28 4.30 16.42
N GLN B 411 19.91 3.82 15.23
CA GLN B 411 18.50 3.64 14.90
C GLN B 411 17.80 2.72 15.89
N PHE B 412 18.40 1.57 16.19
CA PHE B 412 17.74 0.53 16.99
C PHE B 412 18.18 0.55 18.44
N SER B 413 18.50 1.73 18.96
CA SER B 413 18.76 1.87 20.38
C SER B 413 17.54 1.44 21.19
N HIS B 414 17.77 0.65 22.23
CA HIS B 414 16.72 0.15 23.12
C HIS B 414 15.72 -0.75 22.39
N LYS B 415 16.09 -1.29 21.23
CA LYS B 415 15.20 -2.11 20.44
C LYS B 415 15.96 -3.33 19.94
N LYS B 416 15.21 -4.31 19.44
CA LYS B 416 15.78 -5.51 18.82
C LYS B 416 15.91 -5.29 17.32
N ILE B 417 17.10 -5.54 16.79
CA ILE B 417 17.39 -5.34 15.38
C ILE B 417 16.77 -6.50 14.60
N PRO B 418 15.87 -6.26 13.64
CA PRO B 418 15.30 -7.37 12.89
C PRO B 418 16.34 -8.05 12.01
N LYS B 419 16.02 -9.29 11.61
CA LYS B 419 16.95 -10.11 10.85
C LYS B 419 16.90 -9.85 9.35
N ASP B 420 15.81 -9.26 8.85
CA ASP B 420 15.62 -9.04 7.42
C ASP B 420 15.97 -7.61 7.00
N ASN B 421 16.84 -6.93 7.76
CA ASN B 421 17.12 -5.54 7.49
C ASN B 421 17.89 -5.39 6.18
N ALA B 422 17.43 -4.49 5.32
CA ALA B 422 18.07 -4.30 4.02
C ALA B 422 19.49 -3.76 4.18
N ILE B 423 19.68 -2.80 5.08
CA ILE B 423 20.98 -2.17 5.24
C ILE B 423 21.96 -3.14 5.89
N ALA B 424 21.50 -3.89 6.90
CA ALA B 424 22.38 -4.82 7.60
C ALA B 424 22.95 -5.89 6.67
N HIS B 425 22.29 -6.15 5.54
CA HIS B 425 22.71 -7.21 4.62
C HIS B 425 23.24 -6.66 3.30
N MET B 426 23.59 -5.36 3.26
CA MET B 426 24.08 -4.76 2.01
C MET B 426 25.34 -5.44 1.50
N SER B 427 26.05 -6.17 2.36
CA SER B 427 27.28 -6.84 1.97
C SER B 427 27.54 -7.99 2.94
N ALA B 428 28.34 -8.95 2.47
CA ALA B 428 28.71 -10.07 3.31
C ALA B 428 29.77 -9.68 4.34
N MET B 429 30.49 -8.59 4.11
CA MET B 429 31.48 -8.11 5.06
C MET B 429 30.86 -7.35 6.22
N MET B 430 29.53 -7.14 6.20
CA MET B 430 28.87 -6.50 7.31
C MET B 430 28.97 -7.39 8.56
N PRO B 431 28.98 -6.80 9.75
CA PRO B 431 29.03 -7.61 10.97
C PRO B 431 27.73 -8.37 11.18
N SER B 432 27.84 -9.45 11.93
CA SER B 432 26.68 -10.29 12.22
C SER B 432 25.60 -9.49 12.93
N LEU B 433 24.39 -10.05 12.93
CA LEU B 433 23.30 -9.43 13.67
C LEU B 433 23.58 -9.42 15.16
N LEU B 434 24.28 -10.45 15.66
CA LEU B 434 24.61 -10.49 17.08
C LEU B 434 25.59 -9.39 17.46
N THR B 435 26.57 -9.12 16.59
CA THR B 435 27.51 -8.03 16.86
C THR B 435 26.78 -6.70 16.91
N LEU B 436 25.88 -6.45 15.95
CA LEU B 436 25.13 -5.20 15.95
C LEU B 436 24.26 -5.09 17.19
N GLN B 437 23.61 -6.18 17.60
CA GLN B 437 22.81 -6.15 18.82
C GLN B 437 23.68 -5.86 20.03
N TRP B 438 24.84 -6.53 20.12
CA TRP B 438 25.79 -6.25 21.18
C TRP B 438 26.15 -4.78 21.23
N LEU B 439 26.60 -4.23 20.09
CA LEU B 439 27.01 -2.83 20.07
C LEU B 439 25.85 -1.92 20.43
N SER B 440 24.71 -2.08 19.75
CA SER B 440 23.56 -1.22 20.04
C SER B 440 23.12 -1.34 21.50
N PHE B 441 23.15 -2.55 22.06
CA PHE B 441 22.83 -2.71 23.47
C PHE B 441 23.75 -1.87 24.34
N ILE B 442 25.07 -1.99 24.11
CA ILE B 442 26.03 -1.17 24.85
C ILE B 442 25.66 0.30 24.75
N LEU B 443 25.41 0.78 23.53
CA LEU B 443 24.97 2.14 23.33
C LEU B 443 23.76 2.46 24.21
N SER B 444 22.76 1.58 24.20
CA SER B 444 21.54 1.83 24.95
C SER B 444 21.83 1.96 26.44
N LEU B 445 22.54 0.99 27.01
CA LEU B 445 22.88 1.05 28.43
C LEU B 445 23.66 2.32 28.75
N ALA B 446 24.56 2.72 27.85
CA ALA B 446 25.33 3.95 28.09
C ALA B 446 24.41 5.17 28.16
N GLU B 447 23.44 5.26 27.25
CA GLU B 447 22.52 6.39 27.26
C GLU B 447 21.75 6.47 28.57
N ASN B 448 21.34 5.32 29.11
CA ASN B 448 20.62 5.31 30.38
C ASN B 448 21.49 5.84 31.52
N LEU B 449 22.75 5.43 31.56
CA LEU B 449 23.64 5.83 32.65
C LEU B 449 24.10 7.27 32.53
N CYS B 450 23.99 7.89 31.36
CA CYS B 450 24.34 9.28 31.18
C CYS B 450 23.12 10.19 31.23
N LEU B 451 21.95 9.64 31.55
CA LEU B 451 20.73 10.45 31.63
C LEU B 451 20.87 11.52 32.71
N THR B 452 21.46 11.17 33.85
CA THR B 452 21.80 12.14 34.87
C THR B 452 23.24 12.61 34.67
N ASP B 453 23.71 13.49 35.55
CA ASP B 453 25.09 13.99 35.47
C ASP B 453 25.99 13.17 36.39
N SER B 454 26.07 11.87 36.08
CA SER B 454 26.81 10.92 36.91
C SER B 454 28.27 10.88 36.48
N HIS B 455 29.15 10.70 37.47
CA HIS B 455 30.59 10.67 37.23
C HIS B 455 31.20 9.43 37.88
N HIS B 456 32.40 9.09 37.40
CA HIS B 456 33.23 8.05 38.01
C HIS B 456 32.54 6.69 37.98
N LEU B 457 31.75 6.42 36.95
CA LEU B 457 31.19 5.10 36.75
C LEU B 457 32.30 4.10 36.49
N LYS B 458 32.23 2.94 37.14
CA LYS B 458 33.14 1.84 36.90
C LYS B 458 32.33 0.57 36.66
N TYR B 459 32.83 -0.27 35.78
CA TYR B 459 32.16 -1.52 35.42
C TYR B 459 33.08 -2.69 35.71
N THR B 460 32.48 -3.78 36.20
CA THR B 460 33.20 -5.02 36.47
C THR B 460 32.36 -6.18 35.97
N LEU B 461 33.03 -7.18 35.41
CA LEU B 461 32.35 -8.34 34.84
C LEU B 461 32.76 -9.59 35.58
N GLU B 462 31.78 -10.40 35.97
CA GLU B 462 31.97 -11.76 36.42
C GLU B 462 31.42 -12.70 35.35
N LYS B 463 31.36 -14.00 35.67
CA LYS B 463 31.02 -15.03 34.69
C LYS B 463 29.95 -14.58 33.69
N ASN B 464 28.79 -14.13 34.20
CA ASN B 464 27.72 -13.65 33.33
C ASN B 464 27.01 -12.43 33.90
N LYS B 465 27.62 -11.74 34.86
CA LYS B 465 26.95 -10.66 35.58
C LYS B 465 27.74 -9.37 35.39
N LEU B 466 27.09 -8.37 34.81
CA LEU B 466 27.64 -7.03 34.72
C LEU B 466 27.28 -6.26 35.99
N VAL B 467 28.28 -5.71 36.65
CA VAL B 467 28.09 -4.96 37.90
C VAL B 467 28.47 -3.51 37.63
N ILE B 468 27.54 -2.60 37.96
CA ILE B 468 27.72 -1.17 37.74
C ILE B 468 28.01 -0.53 39.09
N HIS B 469 29.16 0.10 39.22
CA HIS B 469 29.59 0.74 40.45
C HIS B 469 29.43 2.25 40.32
N SER B 470 28.86 2.87 41.35
CA SER B 470 28.70 4.32 41.36
C SER B 470 28.23 4.75 42.75
N ASN B 471 28.63 5.96 43.13
CA ASN B 471 28.17 6.56 44.38
C ASN B 471 26.85 7.29 44.23
N ASP B 472 26.36 7.46 43.01
CA ASP B 472 25.09 8.13 42.77
C ASP B 472 23.93 7.15 42.90
N ALA B 473 22.74 7.71 43.15
CA ALA B 473 21.55 6.88 43.29
C ALA B 473 21.22 6.17 41.98
N LEU B 474 21.35 6.87 40.85
CA LEU B 474 21.01 6.30 39.54
C LEU B 474 19.60 5.73 39.55
N TYR B 475 18.68 6.45 40.19
CA TYR B 475 17.31 5.95 40.32
C TYR B 475 16.69 5.67 38.95
N LEU B 476 16.71 6.66 38.07
CA LEU B 476 16.07 6.49 36.76
C LEU B 476 16.71 5.35 35.97
N ALA B 477 18.05 5.36 35.89
CA ALA B 477 18.74 4.29 35.17
C ALA B 477 18.29 2.92 35.65
N LYS B 478 18.19 2.74 36.97
CA LYS B 478 17.74 1.46 37.52
C LYS B 478 16.31 1.16 37.07
N GLU B 479 15.44 2.18 37.06
CA GLU B 479 14.06 1.98 36.65
C GLU B 479 13.95 1.59 35.18
N MET B 480 14.85 2.09 34.35
CA MET B 480 14.77 1.86 32.91
C MET B 480 15.45 0.57 32.47
N LEU B 481 15.96 -0.23 33.40
CA LEU B 481 16.78 -1.38 33.06
C LEU B 481 15.98 -2.47 32.35
N PRO B 482 14.72 -2.71 32.73
CA PRO B 482 13.93 -3.73 32.00
C PRO B 482 13.77 -3.45 30.52
N LYS B 483 13.73 -2.18 30.11
CA LYS B 483 13.44 -1.82 28.73
C LYS B 483 14.67 -1.88 27.82
N LEU B 484 15.76 -2.50 28.28
CA LEU B 484 16.91 -2.74 27.42
C LEU B 484 16.77 -4.11 26.76
N VAL B 485 17.18 -4.19 25.50
CA VAL B 485 17.16 -5.43 24.74
C VAL B 485 18.56 -6.03 24.79
N LYS B 486 18.68 -7.19 25.47
CA LYS B 486 19.98 -7.81 25.68
C LYS B 486 20.36 -8.69 24.49
N PRO B 487 21.64 -8.73 24.09
CA PRO B 487 22.03 -9.62 23.00
C PRO B 487 21.99 -11.08 23.41
N ILE B 488 22.34 -11.38 24.65
CA ILE B 488 22.30 -12.73 25.19
C ILE B 488 21.74 -12.68 26.60
N PRO B 489 21.31 -13.82 27.13
CA PRO B 489 20.97 -13.86 28.56
C PRO B 489 22.09 -13.26 29.39
N LEU B 490 21.75 -12.28 30.21
CA LEU B 490 22.76 -11.49 30.91
C LEU B 490 22.13 -10.81 32.10
N THR B 491 22.88 -10.72 33.20
CA THR B 491 22.41 -10.11 34.44
C THR B 491 23.15 -8.81 34.68
N ILE B 492 22.43 -7.81 35.18
CA ILE B 492 22.96 -6.47 35.41
C ILE B 492 22.55 -6.03 36.81
N GLU B 493 23.53 -5.64 37.63
CA GLU B 493 23.25 -5.26 39.00
C GLU B 493 24.01 -3.98 39.35
N PHE B 494 23.41 -3.19 40.25
CA PHE B 494 23.99 -1.95 40.72
C PHE B 494 24.50 -2.15 42.14
N ALA B 495 25.80 -1.92 42.34
CA ALA B 495 26.37 -2.00 43.68
C ALA B 495 25.89 -0.81 44.51
N LYS C 14 -13.77 -37.35 -20.48
CA LYS C 14 -14.40 -36.26 -19.70
C LYS C 14 -13.34 -35.56 -18.86
N ILE C 15 -12.64 -36.31 -18.02
CA ILE C 15 -11.54 -35.77 -17.19
C ILE C 15 -10.26 -36.39 -17.73
N THR C 16 -9.26 -35.56 -18.04
CA THR C 16 -7.99 -35.98 -18.64
C THR C 16 -6.85 -35.33 -17.87
N THR C 17 -5.93 -36.15 -17.37
CA THR C 17 -4.79 -35.69 -16.60
C THR C 17 -3.54 -35.73 -17.46
N VAL C 18 -2.77 -34.63 -17.43
CA VAL C 18 -1.46 -34.57 -18.07
C VAL C 18 -0.41 -34.37 -17.00
N ILE C 19 0.70 -35.10 -17.11
CA ILE C 19 1.82 -35.00 -16.19
C ILE C 19 3.06 -34.63 -17.00
N ASP C 20 3.62 -33.46 -16.70
CA ASP C 20 4.79 -32.93 -17.41
C ASP C 20 6.01 -33.16 -16.53
N ILE C 21 6.86 -34.12 -16.92
CA ILE C 21 8.07 -34.44 -16.18
C ILE C 21 9.18 -33.57 -16.76
N GLY C 22 9.43 -32.42 -16.12
CA GLY C 22 10.42 -31.48 -16.58
C GLY C 22 11.75 -31.63 -15.86
N SER C 23 12.74 -30.89 -16.37
CA SER C 23 14.08 -30.98 -15.81
C SER C 23 14.18 -30.30 -14.44
N ASN C 24 13.34 -29.30 -14.19
CA ASN C 24 13.34 -28.60 -12.91
C ASN C 24 12.17 -28.99 -12.03
N SER C 25 10.95 -28.87 -12.52
CA SER C 25 9.76 -29.21 -11.75
C SER C 25 8.92 -30.24 -12.49
N VAL C 26 8.08 -30.94 -11.73
CA VAL C 26 7.15 -31.91 -12.28
C VAL C 26 5.74 -31.38 -12.03
N ARG C 27 4.98 -31.25 -13.11
CA ARG C 27 3.69 -30.56 -13.08
C ARG C 27 2.56 -31.55 -13.35
N LEU C 28 1.41 -31.29 -12.72
CA LEU C 28 0.20 -32.08 -12.93
C LEU C 28 -0.94 -31.15 -13.26
N ALA C 29 -1.66 -31.46 -14.34
CA ALA C 29 -2.82 -30.67 -14.76
C ALA C 29 -3.98 -31.59 -15.07
N VAL C 30 -5.16 -31.25 -14.55
CA VAL C 30 -6.38 -32.02 -14.78
C VAL C 30 -7.34 -31.14 -15.57
N PHE C 31 -7.69 -31.59 -16.77
CA PHE C 31 -8.57 -30.84 -17.66
C PHE C 31 -9.95 -31.49 -17.68
N LYS C 32 -10.99 -30.68 -17.49
CA LYS C 32 -12.38 -31.14 -17.58
C LYS C 32 -12.99 -30.65 -18.88
N LYS C 33 -13.49 -31.58 -19.67
CA LYS C 33 -14.11 -31.28 -20.96
C LYS C 33 -15.61 -31.07 -20.75
N THR C 34 -16.07 -29.83 -20.88
CA THR C 34 -17.47 -29.51 -20.63
C THR C 34 -18.37 -29.73 -21.84
N SER C 35 -17.81 -29.70 -23.05
CA SER C 35 -18.56 -29.99 -24.27
C SER C 35 -17.55 -30.40 -25.33
N GLN C 36 -18.00 -30.53 -26.58
CA GLN C 36 -17.12 -31.05 -27.62
C GLN C 36 -15.90 -30.17 -27.79
N PHE C 37 -16.08 -28.85 -27.74
CA PHE C 37 -14.98 -27.90 -27.91
C PHE C 37 -14.71 -27.06 -26.67
N GLY C 38 -15.48 -27.24 -25.61
CA GLY C 38 -15.31 -26.47 -24.39
C GLY C 38 -14.59 -27.28 -23.31
N PHE C 39 -13.68 -26.63 -22.61
CA PHE C 39 -12.92 -27.26 -21.55
C PHE C 39 -12.30 -26.17 -20.67
N TYR C 40 -11.96 -26.55 -19.45
CA TYR C 40 -11.24 -25.64 -18.57
C TYR C 40 -10.30 -26.46 -17.69
N LEU C 41 -9.29 -25.76 -17.15
CA LEU C 41 -8.34 -26.37 -16.25
C LEU C 41 -8.99 -26.57 -14.88
N LEU C 42 -9.14 -27.82 -14.47
CA LEU C 42 -9.89 -28.14 -13.25
C LEU C 42 -9.01 -28.10 -12.00
N PHE C 43 -7.80 -28.66 -12.07
CA PHE C 43 -6.90 -28.67 -10.93
C PHE C 43 -5.47 -28.77 -11.44
N GLU C 44 -4.54 -28.18 -10.70
CA GLU C 44 -3.13 -28.27 -11.03
C GLU C 44 -2.31 -28.19 -9.75
N THR C 45 -1.15 -28.83 -9.77
CA THR C 45 -0.20 -28.75 -8.66
C THR C 45 1.18 -29.08 -9.22
N LYS C 46 2.18 -28.86 -8.38
CA LYS C 46 3.58 -28.88 -8.82
C LYS C 46 4.45 -29.52 -7.74
N SER C 47 5.66 -29.88 -8.15
CA SER C 47 6.66 -30.39 -7.21
C SER C 47 8.04 -29.95 -7.67
N LYS C 48 8.91 -29.66 -6.71
CA LYS C 48 10.24 -29.13 -6.97
C LYS C 48 11.29 -30.22 -7.15
N VAL C 49 10.88 -31.38 -7.68
CA VAL C 49 11.74 -32.56 -7.78
C VAL C 49 13.13 -32.18 -8.29
N ARG C 50 13.19 -31.49 -9.41
CA ARG C 50 14.46 -31.18 -10.08
C ARG C 50 15.28 -32.46 -10.27
N ILE C 51 14.72 -33.34 -11.11
CA ILE C 51 15.37 -34.61 -11.39
C ILE C 51 16.74 -34.41 -12.03
N SER C 52 17.01 -33.22 -12.58
CA SER C 52 18.29 -32.96 -13.23
C SER C 52 19.38 -32.57 -12.24
N GLU C 53 19.10 -32.56 -10.94
CA GLU C 53 20.06 -32.08 -9.96
C GLU C 53 21.35 -32.89 -10.03
N GLY C 54 22.46 -32.21 -10.33
CA GLY C 54 23.76 -32.83 -10.35
C GLY C 54 24.04 -33.72 -11.54
N CYS C 55 23.12 -33.83 -12.49
CA CYS C 55 23.30 -34.76 -13.60
C CYS C 55 24.25 -34.22 -14.67
N TYR C 56 24.43 -32.91 -14.75
CA TYR C 56 25.19 -32.32 -15.85
C TYR C 56 26.70 -32.50 -15.69
N ALA C 57 27.17 -32.86 -14.49
CA ALA C 57 28.57 -33.20 -14.28
C ALA C 57 28.86 -34.67 -14.56
N PHE C 58 27.84 -35.47 -14.85
CA PHE C 58 27.97 -36.90 -15.12
C PHE C 58 27.44 -37.24 -16.51
N ASN C 59 27.63 -36.35 -17.48
CA ASN C 59 27.18 -36.56 -18.84
C ASN C 59 25.69 -36.86 -18.93
N GLY C 60 24.92 -36.42 -17.93
CA GLY C 60 23.47 -36.55 -17.96
C GLY C 60 22.90 -37.64 -17.08
N ILE C 61 23.75 -38.47 -16.46
CA ILE C 61 23.26 -39.55 -15.61
C ILE C 61 22.39 -38.97 -14.50
N LEU C 62 21.18 -39.49 -14.38
CA LEU C 62 20.26 -39.04 -13.33
C LEU C 62 20.67 -39.65 -12.00
N GLN C 63 20.75 -38.81 -10.97
CA GLN C 63 21.24 -39.23 -9.67
C GLN C 63 20.16 -39.94 -8.87
N GLU C 64 20.60 -40.67 -7.83
CA GLU C 64 19.70 -41.50 -7.06
C GLU C 64 18.63 -40.66 -6.35
N ILE C 65 19.05 -39.70 -5.53
CA ILE C 65 18.10 -38.93 -4.73
C ILE C 65 17.08 -38.23 -5.61
N PRO C 66 17.46 -37.50 -6.67
CA PRO C 66 16.44 -36.92 -7.56
C PRO C 66 15.43 -37.95 -8.06
N MET C 67 15.89 -39.12 -8.50
CA MET C 67 14.98 -40.15 -8.95
C MET C 67 14.05 -40.59 -7.81
N GLN C 68 14.58 -40.70 -6.59
CA GLN C 68 13.72 -41.01 -5.46
C GLN C 68 12.64 -39.95 -5.28
N ARG C 69 13.02 -38.68 -5.36
CA ARG C 69 12.04 -37.61 -5.23
C ARG C 69 11.00 -37.68 -6.34
N ALA C 70 11.43 -38.00 -7.56
CA ALA C 70 10.51 -38.10 -8.69
C ALA C 70 9.52 -39.24 -8.49
N VAL C 71 10.03 -40.44 -8.18
CA VAL C 71 9.16 -41.60 -8.00
C VAL C 71 8.12 -41.31 -6.93
N LYS C 72 8.52 -40.72 -5.81
CA LYS C 72 7.58 -40.43 -4.74
C LYS C 72 6.58 -39.37 -5.18
N ALA C 73 7.04 -38.36 -5.93
CA ALA C 73 6.14 -37.34 -6.43
C ALA C 73 5.16 -37.93 -7.45
N LEU C 74 5.68 -38.68 -8.42
CA LEU C 74 4.83 -39.24 -9.47
C LEU C 74 3.82 -40.23 -8.93
N SER C 75 4.15 -40.91 -7.83
CA SER C 75 3.20 -41.87 -7.26
C SER C 75 2.02 -41.16 -6.62
N GLU C 76 2.23 -39.96 -6.08
CA GLU C 76 1.12 -39.20 -5.52
C GLU C 76 0.37 -38.42 -6.59
N PHE C 77 1.06 -38.03 -7.67
CA PHE C 77 0.35 -37.50 -8.83
C PHE C 77 -0.65 -38.53 -9.37
N LYS C 78 -0.25 -39.80 -9.38
CA LYS C 78 -1.19 -40.86 -9.77
C LYS C 78 -2.39 -40.89 -8.85
N GLU C 79 -2.16 -40.89 -7.53
CA GLU C 79 -3.27 -40.85 -6.58
C GLU C 79 -4.20 -39.69 -6.89
N ILE C 80 -3.65 -38.49 -7.06
CA ILE C 80 -4.47 -37.33 -7.37
C ILE C 80 -5.27 -37.56 -8.65
N ALA C 81 -4.63 -38.14 -9.67
CA ALA C 81 -5.32 -38.37 -10.93
C ALA C 81 -6.49 -39.34 -10.76
N LEU C 82 -6.40 -40.27 -9.81
CA LEU C 82 -7.46 -41.26 -9.64
C LEU C 82 -8.61 -40.74 -8.79
N LYS C 83 -8.35 -39.91 -7.78
CA LYS C 83 -9.44 -39.34 -7.02
C LYS C 83 -10.26 -38.37 -7.86
N TYR C 84 -9.70 -37.87 -8.96
CA TYR C 84 -10.45 -37.12 -9.95
C TYR C 84 -11.07 -38.02 -11.01
N LYS C 85 -11.14 -39.33 -10.75
CA LYS C 85 -11.73 -40.30 -11.66
C LYS C 85 -11.32 -40.01 -13.11
N SER C 86 -10.02 -39.87 -13.32
CA SER C 86 -9.49 -39.61 -14.65
C SER C 86 -9.60 -40.85 -15.52
N LYS C 87 -10.00 -40.65 -16.77
CA LYS C 87 -10.11 -41.72 -17.75
C LYS C 87 -8.88 -41.81 -18.64
N LYS C 88 -8.02 -40.81 -18.63
CA LYS C 88 -6.77 -40.81 -19.37
C LYS C 88 -5.70 -40.15 -18.50
N ILE C 89 -4.48 -40.68 -18.59
CA ILE C 89 -3.32 -40.10 -17.90
C ILE C 89 -2.20 -40.05 -18.91
N LEU C 90 -2.00 -38.88 -19.52
CA LEU C 90 -0.94 -38.68 -20.50
C LEU C 90 0.28 -38.11 -19.78
N CYS C 91 1.42 -38.78 -19.94
CA CYS C 91 2.63 -38.46 -19.17
C CYS C 91 3.81 -38.35 -20.12
N VAL C 92 4.47 -37.20 -20.12
CA VAL C 92 5.60 -36.93 -20.99
C VAL C 92 6.80 -36.52 -20.15
N ALA C 93 7.99 -36.71 -20.72
CA ALA C 93 9.24 -36.30 -20.10
C ALA C 93 10.06 -35.54 -21.12
N THR C 94 10.84 -34.60 -20.63
CA THR C 94 11.57 -33.66 -21.46
C THR C 94 13.08 -33.84 -21.25
N SER C 95 13.84 -32.87 -21.74
CA SER C 95 15.29 -32.93 -21.93
C SER C 95 16.06 -33.76 -20.89
N ALA C 96 15.91 -33.45 -19.60
CA ALA C 96 16.70 -34.16 -18.59
C ALA C 96 16.53 -35.67 -18.71
N VAL C 97 15.32 -36.13 -19.05
CA VAL C 97 15.07 -37.57 -19.11
C VAL C 97 15.55 -38.14 -20.44
N ARG C 98 15.41 -37.41 -21.54
CA ARG C 98 15.81 -37.94 -22.84
C ARG C 98 17.31 -37.91 -23.04
N ASP C 99 18.03 -37.06 -22.31
CA ASP C 99 19.48 -37.04 -22.37
C ASP C 99 20.14 -38.02 -21.39
N ALA C 100 19.36 -38.65 -20.52
CA ALA C 100 19.91 -39.51 -19.49
C ALA C 100 20.32 -40.86 -20.08
N PRO C 101 21.57 -41.27 -19.95
CA PRO C 101 21.94 -42.63 -20.38
C PRO C 101 21.25 -43.73 -19.57
N ASN C 102 20.68 -43.39 -18.41
CA ASN C 102 19.93 -44.33 -17.59
C ASN C 102 18.44 -44.00 -17.60
N ARG C 103 17.94 -43.45 -18.70
CA ARG C 103 16.52 -43.09 -18.77
C ARG C 103 15.64 -44.32 -18.67
N LEU C 104 15.96 -45.38 -19.41
CA LEU C 104 15.13 -46.58 -19.40
C LEU C 104 14.97 -47.11 -17.98
N GLU C 105 16.02 -47.05 -17.17
CA GLU C 105 15.91 -47.48 -15.78
C GLU C 105 14.91 -46.63 -15.02
N PHE C 106 14.98 -45.31 -15.19
CA PHE C 106 14.06 -44.42 -14.49
C PHE C 106 12.62 -44.69 -14.92
N VAL C 107 12.39 -44.79 -16.23
CA VAL C 107 11.05 -45.08 -16.72
C VAL C 107 10.52 -46.36 -16.12
N ALA C 108 11.29 -47.44 -16.25
CA ALA C 108 10.88 -48.72 -15.68
C ALA C 108 10.60 -48.60 -14.19
N ARG C 109 11.34 -47.73 -13.50
CA ARG C 109 11.17 -47.58 -12.06
C ARG C 109 9.81 -46.97 -11.72
N VAL C 110 9.44 -45.90 -12.41
CA VAL C 110 8.14 -45.28 -12.17
C VAL C 110 7.01 -46.27 -12.45
N LYS C 111 7.14 -47.03 -13.55
CA LYS C 111 6.10 -47.99 -13.90
C LYS C 111 5.89 -49.00 -12.78
N LYS C 112 6.98 -49.46 -12.14
CA LYS C 112 6.84 -50.43 -11.06
C LYS C 112 6.30 -49.80 -9.79
N ALA C 113 6.56 -48.51 -9.58
CA ALA C 113 6.16 -47.87 -8.33
C ALA C 113 4.69 -47.45 -8.35
N CYS C 114 4.20 -46.93 -9.48
CA CYS C 114 2.84 -46.41 -9.53
C CYS C 114 2.06 -46.76 -10.79
N GLY C 115 2.68 -47.34 -11.82
CA GLY C 115 1.96 -47.78 -13.00
C GLY C 115 2.00 -46.82 -14.17
N LEU C 116 2.46 -45.58 -13.96
CA LEU C 116 2.52 -44.62 -15.05
C LEU C 116 3.46 -45.11 -16.15
N GLN C 117 3.09 -44.82 -17.39
CA GLN C 117 3.92 -45.15 -18.56
C GLN C 117 4.43 -43.84 -19.14
N ILE C 118 5.69 -43.51 -18.86
CA ILE C 118 6.29 -42.25 -19.27
C ILE C 118 6.69 -42.34 -20.73
N LYS C 119 6.32 -41.32 -21.50
CA LYS C 119 6.68 -41.22 -22.91
C LYS C 119 7.75 -40.14 -23.04
N ILE C 120 8.95 -40.54 -23.48
CA ILE C 120 10.05 -39.62 -23.68
C ILE C 120 9.89 -38.97 -25.05
N ILE C 121 9.73 -37.65 -25.07
CA ILE C 121 9.55 -36.90 -26.31
C ILE C 121 10.83 -36.11 -26.57
N ASP C 122 11.16 -35.95 -27.85
CA ASP C 122 12.37 -35.24 -28.22
C ASP C 122 12.11 -33.73 -28.24
N GLY C 123 13.15 -32.97 -28.58
CA GLY C 123 13.01 -31.51 -28.59
C GLY C 123 11.98 -31.03 -29.59
N GLN C 124 12.01 -31.58 -30.81
CA GLN C 124 11.04 -31.18 -31.81
C GLN C 124 9.61 -31.34 -31.29
N LYS C 125 9.32 -32.51 -30.73
CA LYS C 125 7.99 -32.76 -30.17
C LYS C 125 7.68 -31.79 -29.03
N GLU C 126 8.68 -31.49 -28.19
CA GLU C 126 8.45 -30.57 -27.09
C GLU C 126 8.09 -29.18 -27.60
N ALA C 127 8.73 -28.76 -28.70
CA ALA C 127 8.42 -27.46 -29.28
C ALA C 127 7.02 -27.46 -29.90
N LEU C 128 6.62 -28.59 -30.49
CA LEU C 128 5.30 -28.67 -31.12
C LEU C 128 4.19 -28.52 -30.08
N TYR C 129 4.21 -29.36 -29.04
CA TYR C 129 3.21 -29.27 -27.99
C TYR C 129 3.05 -27.84 -27.52
N GLY C 130 4.16 -27.14 -27.27
CA GLY C 130 4.08 -25.76 -26.86
C GLY C 130 3.54 -24.85 -27.95
N GLY C 131 3.82 -25.18 -29.21
CA GLY C 131 3.27 -24.41 -30.31
C GLY C 131 1.76 -24.62 -30.46
N ILE C 132 1.30 -25.85 -30.29
CA ILE C 132 -0.12 -26.14 -30.39
C ILE C 132 -0.90 -25.31 -29.39
N ALA C 133 -0.37 -25.18 -28.16
CA ALA C 133 -1.06 -24.42 -27.12
C ALA C 133 -1.13 -22.95 -27.47
N CYS C 134 -0.01 -22.37 -27.89
CA CYS C 134 0.03 -20.94 -28.19
C CYS C 134 -0.72 -20.62 -29.48
N ALA C 135 -0.70 -21.53 -30.46
CA ALA C 135 -1.44 -21.31 -31.69
C ALA C 135 -2.95 -21.33 -31.48
N ASN C 136 -3.42 -21.88 -30.36
CA ASN C 136 -4.85 -22.05 -30.12
C ASN C 136 -5.38 -21.28 -28.92
N LEU C 137 -4.55 -20.90 -27.96
CA LEU C 137 -5.04 -20.37 -26.68
C LEU C 137 -4.59 -18.95 -26.41
N LEU C 138 -3.94 -18.29 -27.37
CA LEU C 138 -3.55 -16.89 -27.22
C LEU C 138 -4.24 -16.03 -28.26
N HIS C 139 -4.21 -14.72 -28.01
CA HIS C 139 -4.95 -13.74 -28.81
C HIS C 139 -4.15 -13.22 -30.00
N LYS C 140 -2.98 -13.80 -30.27
CA LYS C 140 -2.21 -13.47 -31.46
C LYS C 140 -1.87 -14.78 -32.17
N ASN C 141 -1.86 -14.73 -33.50
CA ASN C 141 -1.73 -15.94 -34.31
C ASN C 141 -0.40 -16.03 -35.04
N SER C 142 0.51 -15.08 -34.86
CA SER C 142 1.80 -15.10 -35.53
C SER C 142 2.88 -14.69 -34.54
N GLY C 143 3.85 -15.56 -34.34
CA GLY C 143 4.94 -15.29 -33.42
C GLY C 143 5.81 -16.51 -33.26
N ILE C 144 6.79 -16.39 -32.35
CA ILE C 144 7.73 -17.45 -32.06
C ILE C 144 7.66 -17.74 -30.57
N THR C 145 7.51 -19.01 -30.21
CA THR C 145 7.48 -19.40 -28.81
C THR C 145 8.88 -19.40 -28.24
N ILE C 146 8.96 -19.16 -26.93
CA ILE C 146 10.20 -19.28 -26.17
C ILE C 146 9.90 -20.05 -24.90
N ASP C 147 10.14 -21.36 -24.93
CA ASP C 147 9.86 -22.23 -23.78
C ASP C 147 11.18 -22.53 -23.08
N ILE C 148 11.49 -21.74 -22.05
CA ILE C 148 12.71 -21.92 -21.27
C ILE C 148 12.37 -22.82 -20.09
N GLY C 149 12.90 -24.05 -20.12
CA GLY C 149 12.75 -24.99 -19.04
C GLY C 149 14.03 -25.20 -18.26
N GLY C 150 14.06 -26.29 -17.51
CA GLY C 150 15.21 -26.56 -16.65
C GLY C 150 16.48 -26.90 -17.42
N GLY C 151 16.34 -27.58 -18.56
CA GLY C 151 17.50 -28.01 -19.32
C GLY C 151 17.44 -27.79 -20.81
N SER C 152 16.30 -27.36 -21.34
CA SER C 152 16.17 -27.10 -22.77
C SER C 152 15.29 -25.88 -23.01
N THR C 153 15.54 -25.22 -24.13
CA THR C 153 14.74 -24.09 -24.58
C THR C 153 14.21 -24.42 -25.96
N ALA C 154 12.88 -24.39 -26.11
CA ALA C 154 12.21 -24.76 -27.34
C ALA C 154 11.61 -23.53 -28.02
N CYS C 155 11.61 -23.57 -29.34
CA CYS C 155 11.09 -22.46 -30.14
C CYS C 155 10.31 -23.02 -31.32
N ALA C 156 9.08 -22.55 -31.49
CA ALA C 156 8.23 -22.96 -32.60
C ALA C 156 7.73 -21.72 -33.32
N LEU C 157 7.89 -21.69 -34.64
CA LEU C 157 7.44 -20.57 -35.45
C LEU C 157 5.98 -20.78 -35.86
N ILE C 158 5.15 -19.79 -35.60
CA ILE C 158 3.72 -19.84 -35.91
C ILE C 158 3.40 -18.67 -36.83
N GLU C 159 2.68 -18.96 -37.91
CA GLU C 159 2.25 -17.93 -38.87
C GLU C 159 0.77 -18.17 -39.18
N LYS C 160 -0.07 -17.24 -38.74
CA LYS C 160 -1.51 -17.32 -38.96
C LYS C 160 -2.05 -18.69 -38.53
N GLY C 161 -1.75 -19.06 -37.27
CA GLY C 161 -2.27 -20.26 -36.67
C GLY C 161 -1.54 -21.55 -37.04
N LYS C 162 -0.76 -21.56 -38.10
CA LYS C 162 -0.05 -22.76 -38.54
C LYS C 162 1.40 -22.72 -38.06
N ILE C 163 1.87 -23.87 -37.59
CA ILE C 163 3.24 -24.02 -37.13
C ILE C 163 4.12 -24.35 -38.32
N LYS C 164 5.23 -23.61 -38.47
CA LYS C 164 6.07 -23.68 -39.66
C LYS C 164 7.43 -24.33 -39.44
N ASP C 165 7.98 -24.26 -38.22
CA ASP C 165 9.32 -24.79 -37.98
C ASP C 165 9.52 -25.01 -36.49
N LEU C 166 10.37 -25.97 -36.15
CA LEU C 166 10.59 -26.38 -34.77
C LEU C 166 12.07 -26.54 -34.51
N ILE C 167 12.57 -25.89 -33.45
CA ILE C 167 13.97 -25.97 -33.05
C ILE C 167 14.02 -26.14 -31.53
N SER C 168 14.96 -26.97 -31.07
CA SER C 168 15.19 -27.20 -29.65
C SER C 168 16.64 -26.91 -29.32
N LEU C 169 16.87 -26.14 -28.26
CA LEU C 169 18.21 -25.77 -27.83
C LEU C 169 18.51 -26.39 -26.47
N ASP C 170 19.79 -26.68 -26.24
CA ASP C 170 20.24 -27.38 -25.03
C ASP C 170 20.75 -26.40 -23.98
N VAL C 171 20.09 -25.25 -23.85
CA VAL C 171 20.36 -24.30 -22.78
C VAL C 171 19.15 -24.29 -21.85
N GLY C 172 19.40 -24.36 -20.54
CA GLY C 172 18.34 -24.41 -19.56
C GLY C 172 18.77 -23.75 -18.27
N THR C 173 17.79 -23.49 -17.41
CA THR C 173 18.07 -22.80 -16.16
C THR C 173 18.99 -23.62 -15.26
N ILE C 174 18.65 -24.90 -15.07
CA ILE C 174 19.44 -25.75 -14.19
C ILE C 174 20.73 -26.21 -14.87
N ARG C 175 20.70 -26.33 -16.20
CA ARG C 175 21.93 -26.67 -16.92
C ARG C 175 22.93 -25.54 -16.83
N ILE C 176 22.53 -24.33 -17.21
CA ILE C 176 23.41 -23.16 -17.13
C ILE C 176 23.85 -22.92 -15.70
N LYS C 177 22.97 -23.19 -14.72
CA LYS C 177 23.29 -22.90 -13.33
C LYS C 177 24.47 -23.74 -12.85
N GLU C 178 24.38 -25.06 -13.02
CA GLU C 178 25.41 -25.94 -12.48
C GLU C 178 26.70 -25.91 -13.31
N MET C 179 26.62 -25.53 -14.59
CA MET C 179 27.80 -25.51 -15.43
C MET C 179 28.63 -24.25 -15.20
N PHE C 180 27.99 -23.09 -15.05
CA PHE C 180 28.70 -21.82 -14.96
C PHE C 180 28.47 -21.09 -13.64
N LEU C 181 27.21 -20.82 -13.27
CA LEU C 181 26.95 -19.83 -12.23
C LEU C 181 27.29 -20.35 -10.83
N ASP C 182 26.96 -21.61 -10.53
CA ASP C 182 27.29 -22.15 -9.21
C ASP C 182 28.78 -22.15 -8.97
N LYS C 183 29.59 -22.24 -10.03
CA LYS C 183 31.03 -22.21 -9.92
C LYS C 183 31.59 -20.79 -9.91
N ASP C 184 30.73 -19.79 -9.79
CA ASP C 184 31.15 -18.39 -9.69
C ASP C 184 32.06 -17.99 -10.85
N LEU C 185 31.73 -18.48 -12.04
CA LEU C 185 32.41 -18.08 -13.25
C LEU C 185 31.86 -16.76 -13.76
N ASP C 186 32.72 -16.03 -14.50
CA ASP C 186 32.29 -14.80 -15.14
C ASP C 186 31.12 -15.09 -16.08
N VAL C 187 30.00 -14.39 -15.86
CA VAL C 187 28.76 -14.66 -16.58
C VAL C 187 29.00 -14.61 -18.08
N LYS C 188 30.05 -13.90 -18.51
CA LYS C 188 30.37 -13.84 -19.93
C LYS C 188 30.75 -15.21 -20.48
N LEU C 189 31.16 -16.15 -19.62
CA LEU C 189 31.41 -17.51 -20.07
C LEU C 189 30.11 -18.23 -20.39
N ALA C 190 29.07 -18.00 -19.57
CA ALA C 190 27.77 -18.60 -19.84
C ALA C 190 27.07 -17.90 -21.00
N LYS C 191 27.14 -16.56 -21.05
CA LYS C 191 26.48 -15.83 -22.12
C LYS C 191 27.03 -16.23 -23.48
N ALA C 192 28.34 -16.46 -23.57
CA ALA C 192 28.94 -16.89 -24.82
C ALA C 192 28.51 -18.31 -25.19
N PHE C 193 28.37 -19.18 -24.19
CA PHE C 193 27.91 -20.53 -24.45
C PHE C 193 26.48 -20.53 -24.99
N ILE C 194 25.63 -19.66 -24.44
CA ILE C 194 24.25 -19.59 -24.88
C ILE C 194 24.16 -19.06 -26.31
N GLN C 195 24.92 -18.00 -26.61
CA GLN C 195 24.90 -17.43 -27.95
C GLN C 195 25.23 -18.49 -29.00
N LYS C 196 26.12 -19.43 -28.66
CA LYS C 196 26.49 -20.46 -29.62
C LYS C 196 25.27 -21.27 -30.06
N GLU C 197 24.42 -21.65 -29.11
CA GLU C 197 23.22 -22.41 -29.45
C GLU C 197 22.14 -21.51 -30.03
N VAL C 198 21.94 -20.32 -29.47
CA VAL C 198 20.91 -19.41 -29.94
C VAL C 198 21.10 -19.08 -31.42
N SER C 199 22.35 -19.05 -31.90
CA SER C 199 22.60 -18.79 -33.31
C SER C 199 21.95 -19.84 -34.19
N LYS C 200 21.57 -20.99 -33.64
CA LYS C 200 20.93 -22.05 -34.40
C LYS C 200 19.47 -21.76 -34.73
N LEU C 201 18.88 -20.74 -34.13
CA LEU C 201 17.49 -20.37 -34.44
C LEU C 201 17.44 -19.71 -35.80
N PRO C 202 16.88 -20.36 -36.83
CA PRO C 202 16.96 -19.82 -38.19
C PRO C 202 15.96 -18.72 -38.51
N PHE C 203 15.09 -18.36 -37.57
CA PHE C 203 13.95 -17.50 -37.86
C PHE C 203 13.93 -16.31 -36.92
N LYS C 204 13.19 -15.28 -37.33
CA LYS C 204 12.99 -14.07 -36.54
C LYS C 204 11.52 -13.66 -36.64
N HIS C 205 11.08 -12.83 -35.69
CA HIS C 205 9.71 -12.36 -35.69
C HIS C 205 9.59 -11.25 -34.64
N LYS C 206 8.65 -10.33 -34.89
CA LYS C 206 8.43 -9.23 -33.97
C LYS C 206 7.63 -9.64 -32.74
N ASN C 207 6.84 -10.69 -32.84
CA ASN C 207 6.07 -11.22 -31.73
C ASN C 207 6.76 -12.46 -31.16
N ALA C 208 6.69 -12.61 -29.84
CA ALA C 208 7.18 -13.81 -29.18
C ALA C 208 6.18 -14.21 -28.09
N PHE C 209 5.96 -15.52 -27.97
CA PHE C 209 5.09 -16.06 -26.93
C PHE C 209 5.97 -16.68 -25.86
N GLY C 210 6.00 -16.05 -24.69
CA GLY C 210 6.85 -16.50 -23.60
C GLY C 210 6.23 -17.62 -22.78
N VAL C 211 6.90 -18.77 -22.76
CA VAL C 211 6.39 -19.96 -22.08
C VAL C 211 7.37 -20.37 -20.98
N GLY C 212 6.82 -20.92 -19.91
CA GLY C 212 7.62 -21.49 -18.85
C GLY C 212 7.56 -20.66 -17.58
N GLY C 213 7.95 -21.30 -16.46
CA GLY C 213 7.89 -20.64 -15.18
C GLY C 213 8.87 -19.49 -15.04
N THR C 214 10.03 -19.59 -15.68
CA THR C 214 10.99 -18.49 -15.65
C THR C 214 10.39 -17.23 -16.22
N ILE C 215 9.61 -17.36 -17.29
CA ILE C 215 9.00 -16.19 -17.93
C ILE C 215 7.79 -15.73 -17.14
N ARG C 216 6.99 -16.65 -16.60
CA ARG C 216 5.93 -16.25 -15.69
C ARG C 216 6.50 -15.50 -14.49
N ALA C 217 7.62 -15.98 -13.96
CA ALA C 217 8.25 -15.32 -12.82
C ALA C 217 8.64 -13.89 -13.15
N LEU C 218 9.31 -13.69 -14.28
CA LEU C 218 9.71 -12.34 -14.67
C LEU C 218 8.49 -11.48 -14.97
N SER C 219 7.47 -12.05 -15.60
CA SER C 219 6.25 -11.30 -15.87
C SER C 219 5.58 -10.85 -14.57
N LYS C 220 5.62 -11.70 -13.54
CA LYS C 220 5.07 -11.31 -12.25
C LYS C 220 5.81 -10.12 -11.66
N VAL C 221 7.09 -9.95 -12.00
CA VAL C 221 7.86 -8.83 -11.46
C VAL C 221 7.49 -7.54 -12.18
N LEU C 222 7.32 -7.59 -13.50
CA LEU C 222 6.94 -6.40 -14.24
C LEU C 222 5.52 -5.95 -13.88
N MET C 223 4.60 -6.91 -13.72
CA MET C 223 3.23 -6.55 -13.35
C MET C 223 3.19 -5.82 -12.02
N LYS C 224 4.01 -6.26 -11.06
CA LYS C 224 4.11 -5.54 -9.79
C LYS C 224 4.88 -4.23 -9.97
N ARG C 225 5.84 -4.21 -10.90
CA ARG C 225 6.65 -3.03 -11.12
C ARG C 225 5.81 -1.84 -11.59
N PHE C 226 4.94 -2.06 -12.57
CA PHE C 226 4.16 -0.99 -13.17
C PHE C 226 2.81 -0.78 -12.49
N ASP C 227 2.46 -1.59 -11.48
CA ASP C 227 1.17 -1.49 -10.81
C ASP C 227 0.04 -1.73 -11.79
N TYR C 228 0.03 -2.96 -12.36
CA TYR C 228 -0.90 -3.37 -13.39
C TYR C 228 -2.26 -3.73 -12.78
N PRO C 229 -3.38 -3.39 -13.43
CA PRO C 229 -4.69 -3.57 -12.81
C PRO C 229 -5.27 -4.98 -12.93
N ILE C 230 -4.89 -5.71 -13.97
CA ILE C 230 -5.38 -7.06 -14.20
C ILE C 230 -4.38 -8.05 -13.62
N ASP C 231 -4.88 -9.02 -12.84
CA ASP C 231 -4.04 -9.93 -12.07
C ASP C 231 -3.95 -11.32 -12.69
N SER C 232 -3.86 -11.42 -14.02
CA SER C 232 -3.65 -12.70 -14.68
C SER C 232 -2.42 -12.61 -15.57
N LEU C 233 -1.70 -13.73 -15.68
CA LEU C 233 -0.47 -13.76 -16.47
C LEU C 233 -0.74 -14.01 -17.95
N HIS C 234 -1.69 -14.89 -18.25
CA HIS C 234 -1.95 -15.28 -19.64
C HIS C 234 -2.36 -14.06 -20.46
N GLY C 235 -1.61 -13.79 -21.52
CA GLY C 235 -1.90 -12.68 -22.41
C GLY C 235 -1.23 -11.38 -22.06
N TYR C 236 -0.42 -11.33 -21.01
CA TYR C 236 0.25 -10.10 -20.62
C TYR C 236 1.30 -9.73 -21.66
N GLU C 237 1.24 -8.49 -22.13
CA GLU C 237 2.12 -8.01 -23.19
C GLU C 237 3.28 -7.23 -22.58
N ILE C 238 4.49 -7.54 -23.04
CA ILE C 238 5.71 -6.89 -22.58
C ILE C 238 6.39 -6.24 -23.78
N ASP C 239 6.76 -4.96 -23.62
CA ASP C 239 7.55 -4.27 -24.63
C ASP C 239 8.98 -4.78 -24.56
N ALA C 240 9.37 -5.59 -25.54
CA ALA C 240 10.67 -6.25 -25.50
C ALA C 240 11.81 -5.23 -25.47
N HIS C 241 11.88 -4.38 -26.49
CA HIS C 241 12.98 -3.42 -26.57
C HIS C 241 13.06 -2.56 -25.32
N LYS C 242 11.91 -2.16 -24.78
CA LYS C 242 11.91 -1.29 -23.61
C LYS C 242 12.39 -2.02 -22.36
N ASN C 243 11.94 -3.26 -22.15
CA ASN C 243 12.25 -4.00 -20.94
C ASN C 243 13.46 -4.91 -21.08
N LEU C 244 14.15 -4.91 -22.22
CA LEU C 244 15.32 -5.75 -22.38
C LEU C 244 16.38 -5.44 -21.33
N ALA C 245 16.59 -4.15 -21.05
CA ALA C 245 17.60 -3.76 -20.08
C ALA C 245 17.31 -4.36 -18.71
N PHE C 246 16.07 -4.24 -18.24
CA PHE C 246 15.71 -4.73 -16.92
C PHE C 246 15.84 -6.25 -16.83
N ILE C 247 15.74 -6.96 -17.94
CA ILE C 247 15.90 -8.42 -17.90
C ILE C 247 17.36 -8.78 -17.68
N GLU C 248 18.28 -8.06 -18.33
CA GLU C 248 19.70 -8.28 -18.06
C GLU C 248 20.07 -7.88 -16.64
N LYS C 249 19.32 -6.94 -16.06
CA LYS C 249 19.58 -6.52 -14.69
C LYS C 249 19.41 -7.68 -13.71
N ILE C 250 18.47 -8.57 -13.99
CA ILE C 250 18.13 -9.63 -13.04
C ILE C 250 19.34 -10.53 -12.79
N VAL C 251 20.12 -10.79 -13.84
CA VAL C 251 21.20 -11.78 -13.74
C VAL C 251 22.22 -11.36 -12.69
N MET C 252 22.35 -10.06 -12.42
CA MET C 252 23.41 -9.53 -11.56
C MET C 252 22.93 -9.26 -10.14
N LEU C 253 21.72 -9.66 -9.79
CA LEU C 253 21.15 -9.37 -8.48
C LEU C 253 21.36 -10.52 -7.50
N LYS C 254 21.31 -10.20 -6.22
CA LYS C 254 21.53 -11.17 -5.15
C LYS C 254 20.20 -11.77 -4.72
N GLU C 255 20.30 -12.98 -4.13
CA GLU C 255 19.08 -13.70 -3.78
C GLU C 255 18.17 -12.88 -2.88
N ASP C 256 18.73 -12.20 -1.88
CA ASP C 256 17.89 -11.42 -0.99
C ASP C 256 17.31 -10.18 -1.69
N GLN C 257 17.93 -9.73 -2.78
CA GLN C 257 17.34 -8.67 -3.59
C GLN C 257 16.20 -9.19 -4.45
N LEU C 258 16.44 -10.28 -5.18
CA LEU C 258 15.38 -10.90 -5.96
C LEU C 258 14.20 -11.29 -5.07
N ARG C 259 14.49 -11.75 -3.85
CA ARG C 259 13.42 -12.07 -2.91
C ARG C 259 12.53 -10.87 -2.64
N LEU C 260 13.09 -9.67 -2.72
CA LEU C 260 12.32 -8.45 -2.48
C LEU C 260 11.46 -8.07 -3.67
N LEU C 261 11.88 -8.44 -4.89
CA LEU C 261 11.11 -8.17 -6.09
C LEU C 261 9.93 -9.11 -6.28
N GLY C 262 9.64 -9.95 -5.29
CA GLY C 262 8.52 -10.87 -5.38
C GLY C 262 8.87 -12.24 -5.92
N VAL C 263 10.10 -12.46 -6.37
CA VAL C 263 10.50 -13.78 -6.87
C VAL C 263 10.37 -14.77 -5.74
N ASN C 264 9.55 -15.80 -5.94
CA ASN C 264 9.31 -16.76 -4.85
C ASN C 264 10.61 -17.51 -4.52
N GLU C 265 10.62 -18.09 -3.32
CA GLU C 265 11.84 -18.69 -2.79
C GLU C 265 12.36 -19.78 -3.71
N GLU C 266 11.46 -20.62 -4.26
CA GLU C 266 11.89 -21.76 -5.04
C GLU C 266 12.51 -21.38 -6.38
N ARG C 267 12.27 -20.17 -6.86
CA ARG C 267 12.85 -19.71 -8.13
C ARG C 267 14.17 -18.96 -7.96
N LEU C 268 14.56 -18.63 -6.72
CA LEU C 268 15.69 -17.73 -6.51
C LEU C 268 16.96 -18.27 -7.16
N ASP C 269 17.22 -19.57 -7.05
CA ASP C 269 18.48 -20.13 -7.53
C ASP C 269 18.49 -20.37 -9.04
N SER C 270 17.35 -20.24 -9.73
CA SER C 270 17.28 -20.50 -11.16
C SER C 270 16.89 -19.30 -11.99
N ILE C 271 16.32 -18.24 -11.40
CA ILE C 271 15.80 -17.13 -12.19
C ILE C 271 16.91 -16.42 -12.93
N ARG C 272 18.11 -16.35 -12.35
CA ARG C 272 19.19 -15.57 -12.97
C ARG C 272 19.62 -16.17 -14.29
N SER C 273 19.89 -17.48 -14.30
CA SER C 273 20.29 -18.13 -15.55
C SER C 273 19.14 -18.17 -16.55
N GLY C 274 17.90 -18.29 -16.06
CA GLY C 274 16.76 -18.19 -16.95
C GLY C 274 16.68 -16.82 -17.62
N ALA C 275 16.73 -15.76 -16.82
CA ALA C 275 16.70 -14.41 -17.38
C ALA C 275 17.86 -14.19 -18.35
N LEU C 276 19.00 -14.85 -18.09
CA LEU C 276 20.13 -14.72 -19.01
C LEU C 276 19.81 -15.34 -20.37
N ILE C 277 19.30 -16.58 -20.36
CA ILE C 277 18.90 -17.21 -21.61
C ILE C 277 17.88 -16.36 -22.34
N LEU C 278 16.88 -15.86 -21.61
CA LEU C 278 15.83 -15.07 -22.25
C LEU C 278 16.40 -13.86 -22.97
N SER C 279 17.28 -13.12 -22.30
CA SER C 279 17.83 -11.89 -22.88
C SER C 279 18.54 -12.17 -24.20
N VAL C 280 19.28 -13.27 -24.27
CA VAL C 280 19.98 -13.60 -25.52
C VAL C 280 18.98 -13.95 -26.61
N VAL C 281 17.93 -14.71 -26.27
CA VAL C 281 16.99 -15.16 -27.29
C VAL C 281 16.19 -13.99 -27.85
N LEU C 282 15.75 -13.08 -26.98
CA LEU C 282 14.99 -11.93 -27.47
C LEU C 282 15.82 -11.09 -28.44
N GLU C 283 17.11 -10.94 -28.16
CA GLU C 283 17.97 -10.14 -29.03
C GLU C 283 18.19 -10.82 -30.37
N HIS C 284 18.38 -12.15 -30.37
CA HIS C 284 18.64 -12.85 -31.61
C HIS C 284 17.41 -12.90 -32.50
N LEU C 285 16.22 -12.99 -31.90
CA LEU C 285 14.97 -12.96 -32.65
C LEU C 285 14.51 -11.55 -32.97
N LYS C 286 15.26 -10.54 -32.54
CA LYS C 286 14.88 -9.15 -32.76
C LYS C 286 13.40 -8.93 -32.44
N THR C 287 12.97 -9.55 -31.34
CA THR C 287 11.59 -9.42 -30.88
C THR C 287 11.30 -7.97 -30.47
N SER C 288 10.07 -7.53 -30.73
CA SER C 288 9.60 -6.25 -30.25
C SER C 288 8.43 -6.35 -29.27
N LEU C 289 7.69 -7.45 -29.30
CA LEU C 289 6.59 -7.68 -28.38
C LEU C 289 6.63 -9.13 -27.90
N MET C 290 6.66 -9.33 -26.59
CA MET C 290 6.52 -10.65 -26.01
C MET C 290 5.18 -10.74 -25.29
N ILE C 291 4.39 -11.74 -25.65
CA ILE C 291 3.15 -12.03 -24.96
C ILE C 291 3.42 -13.15 -23.96
N THR C 292 3.15 -12.88 -22.69
CA THR C 292 3.26 -13.92 -21.69
C THR C 292 2.18 -14.97 -21.95
N SER C 293 2.58 -16.24 -21.93
CA SER C 293 1.69 -17.36 -22.18
C SER C 293 1.55 -18.17 -20.91
N GLY C 294 0.32 -18.37 -20.47
CA GLY C 294 0.02 -19.25 -19.37
C GLY C 294 -0.21 -20.69 -19.76
N VAL C 295 0.11 -21.05 -21.00
CA VAL C 295 -0.09 -22.41 -21.51
C VAL C 295 1.17 -22.87 -22.22
N GLY C 296 1.42 -24.17 -22.16
CA GLY C 296 2.60 -24.75 -22.77
C GLY C 296 2.43 -26.21 -23.13
N VAL C 297 3.47 -27.01 -22.88
CA VAL C 297 3.47 -28.42 -23.29
C VAL C 297 2.24 -29.13 -22.75
N ARG C 298 1.87 -28.86 -21.49
CA ARG C 298 0.75 -29.58 -20.89
C ARG C 298 -0.51 -29.43 -21.72
N GLU C 299 -0.88 -28.18 -22.04
CA GLU C 299 -2.08 -27.94 -22.83
C GLU C 299 -1.94 -28.50 -24.25
N GLY C 300 -0.73 -28.43 -24.82
CA GLY C 300 -0.52 -29.01 -26.14
C GLY C 300 -0.80 -30.50 -26.18
N VAL C 301 -0.36 -31.23 -25.15
CA VAL C 301 -0.65 -32.66 -25.06
C VAL C 301 -2.15 -32.90 -24.95
N PHE C 302 -2.83 -32.08 -24.15
CA PHE C 302 -4.28 -32.21 -24.01
C PHE C 302 -4.99 -31.92 -25.34
N LEU C 303 -4.65 -30.81 -25.97
CA LEU C 303 -5.31 -30.43 -27.22
C LEU C 303 -5.04 -31.46 -28.32
N SER C 304 -3.88 -32.13 -28.29
CA SER C 304 -3.62 -33.18 -29.25
C SER C 304 -4.58 -34.36 -29.07
N ASP C 305 -5.17 -34.50 -27.88
CA ASP C 305 -6.16 -35.53 -27.62
C ASP C 305 -7.58 -35.05 -27.87
N LEU C 306 -7.88 -33.80 -27.49
CA LEU C 306 -9.20 -33.24 -27.72
C LEU C 306 -9.47 -33.03 -29.20
N LEU C 307 -8.66 -32.21 -29.86
CA LEU C 307 -8.84 -31.90 -31.28
C LEU C 307 -8.05 -32.92 -32.08
N ARG C 308 -8.76 -33.94 -32.58
CA ARG C 308 -8.10 -35.07 -33.23
C ARG C 308 -7.72 -34.79 -34.68
N ASN C 309 -8.12 -33.66 -35.25
CA ASN C 309 -7.67 -33.32 -36.59
C ASN C 309 -6.15 -33.20 -36.61
N HIS C 310 -5.59 -33.14 -37.82
CA HIS C 310 -4.14 -33.31 -37.97
C HIS C 310 -3.36 -32.29 -37.15
N TYR C 311 -3.54 -31.01 -37.44
CA TYR C 311 -2.77 -29.96 -36.76
C TYR C 311 -3.38 -29.54 -35.44
N HIS C 312 -4.46 -30.18 -34.99
CA HIS C 312 -5.01 -29.96 -33.65
C HIS C 312 -5.44 -28.52 -33.44
N LYS C 313 -5.95 -27.90 -34.50
CA LYS C 313 -6.40 -26.52 -34.45
C LYS C 313 -7.90 -26.48 -34.19
N PHE C 314 -8.33 -25.53 -33.36
CA PHE C 314 -9.76 -25.31 -33.18
C PHE C 314 -10.36 -24.82 -34.49
N PRO C 315 -11.62 -25.14 -34.76
CA PRO C 315 -12.30 -24.56 -35.92
C PRO C 315 -12.40 -23.05 -35.76
N PRO C 316 -12.52 -22.31 -36.86
CA PRO C 316 -12.64 -20.86 -36.73
C PRO C 316 -13.85 -20.47 -35.88
N ASN C 317 -13.68 -19.43 -35.08
CA ASN C 317 -14.74 -18.87 -34.25
C ASN C 317 -15.21 -19.85 -33.17
N ILE C 318 -14.31 -20.71 -32.70
CA ILE C 318 -14.58 -21.61 -31.58
C ILE C 318 -13.60 -21.26 -30.48
N ASN C 319 -14.12 -20.75 -29.36
CA ASN C 319 -13.29 -20.33 -28.24
C ASN C 319 -13.55 -21.26 -27.05
N PRO C 320 -12.62 -22.11 -26.66
CA PRO C 320 -12.91 -23.07 -25.58
C PRO C 320 -13.18 -22.40 -24.24
N SER C 321 -12.56 -21.25 -23.97
CA SER C 321 -12.77 -20.56 -22.70
C SER C 321 -14.19 -20.01 -22.61
N LEU C 322 -14.67 -19.37 -23.68
CA LEU C 322 -16.02 -18.81 -23.67
C LEU C 322 -17.08 -19.91 -23.65
N ILE C 323 -16.87 -20.98 -24.42
CA ILE C 323 -17.83 -22.08 -24.45
C ILE C 323 -17.95 -22.71 -23.08
N SER C 324 -16.81 -23.06 -22.47
CA SER C 324 -16.84 -23.71 -21.16
C SER C 324 -17.43 -22.79 -20.10
N LEU C 325 -17.22 -21.47 -20.25
CA LEU C 325 -17.77 -20.54 -19.27
C LEU C 325 -19.29 -20.49 -19.37
N LYS C 326 -19.83 -20.70 -20.57
CA LYS C 326 -21.27 -20.84 -20.73
C LYS C 326 -21.75 -22.23 -20.35
N ASP C 327 -20.93 -23.26 -20.58
CA ASP C 327 -21.31 -24.62 -20.18
C ASP C 327 -21.50 -24.71 -18.67
N ARG C 328 -20.72 -23.95 -17.91
CA ARG C 328 -20.72 -24.07 -16.46
C ARG C 328 -21.82 -23.24 -15.81
N PHE C 329 -22.11 -22.05 -16.36
CA PHE C 329 -22.95 -21.08 -15.66
C PHE C 329 -24.13 -20.57 -16.48
N LEU C 330 -24.23 -20.91 -17.76
CA LEU C 330 -25.40 -20.59 -18.58
C LEU C 330 -25.67 -21.75 -19.51
N PRO C 331 -25.76 -22.98 -18.98
CA PRO C 331 -25.63 -24.17 -19.82
C PRO C 331 -26.40 -24.10 -21.13
N HIS C 332 -27.72 -23.94 -21.07
CA HIS C 332 -28.54 -23.81 -22.27
C HIS C 332 -29.58 -22.72 -21.99
N GLU C 333 -29.22 -21.48 -22.31
CA GLU C 333 -30.07 -20.33 -22.08
C GLU C 333 -30.27 -19.61 -23.39
N LYS C 334 -31.53 -19.44 -23.79
CA LYS C 334 -31.83 -18.70 -25.00
C LYS C 334 -32.00 -17.21 -24.75
N HIS C 335 -32.37 -16.82 -23.53
CA HIS C 335 -32.45 -15.40 -23.21
C HIS C 335 -31.14 -14.69 -23.52
N SER C 336 -30.01 -15.31 -23.17
CA SER C 336 -28.71 -14.69 -23.40
C SER C 336 -28.46 -14.42 -24.87
N GLN C 337 -28.98 -15.29 -25.75
CA GLN C 337 -28.75 -15.11 -27.18
C GLN C 337 -29.62 -13.98 -27.74
N LYS C 338 -30.86 -13.87 -27.26
CA LYS C 338 -31.75 -12.81 -27.73
C LYS C 338 -31.21 -11.44 -27.37
N VAL C 339 -30.60 -11.32 -26.19
CA VAL C 339 -29.99 -10.05 -25.79
C VAL C 339 -28.87 -9.68 -26.76
N LYS C 340 -28.03 -10.66 -27.10
CA LYS C 340 -26.99 -10.42 -28.09
C LYS C 340 -27.60 -10.00 -29.43
N LYS C 341 -28.61 -10.75 -29.89
CA LYS C 341 -29.26 -10.43 -31.15
C LYS C 341 -29.70 -8.97 -31.20
N GLU C 342 -30.33 -8.49 -30.11
CA GLU C 342 -30.79 -7.12 -30.08
C GLU C 342 -29.65 -6.14 -29.85
N CYS C 343 -28.56 -6.58 -29.22
CA CYS C 343 -27.37 -5.74 -29.13
C CYS C 343 -26.84 -5.40 -30.51
N VAL C 344 -26.86 -6.38 -31.43
CA VAL C 344 -26.36 -6.14 -32.78
C VAL C 344 -27.33 -5.24 -33.55
N LYS C 345 -28.63 -5.55 -33.49
CA LYS C 345 -29.62 -4.76 -34.22
C LYS C 345 -29.61 -3.31 -33.76
N LEU C 346 -29.52 -3.08 -32.44
CA LEU C 346 -29.45 -1.71 -31.94
C LEU C 346 -28.14 -1.05 -32.34
N PHE C 347 -27.03 -1.79 -32.25
CA PHE C 347 -25.74 -1.21 -32.61
C PHE C 347 -25.72 -0.73 -34.05
N GLU C 348 -26.25 -1.54 -34.97
CA GLU C 348 -26.27 -1.16 -36.37
C GLU C 348 -27.23 -0.01 -36.61
N ALA C 349 -28.44 -0.09 -36.04
CA ALA C 349 -29.43 0.96 -36.23
C ALA C 349 -28.93 2.30 -35.71
N LEU C 350 -28.08 2.28 -34.69
CA LEU C 350 -27.53 3.50 -34.11
C LEU C 350 -26.17 3.87 -34.70
N SER C 351 -25.68 3.12 -35.68
CA SER C 351 -24.35 3.37 -36.20
C SER C 351 -24.16 4.78 -36.74
N PRO C 352 -25.14 5.40 -37.42
CA PRO C 352 -24.92 6.77 -37.91
C PRO C 352 -24.69 7.79 -36.81
N LEU C 353 -24.84 7.42 -35.55
CA LEU C 353 -24.77 8.34 -34.43
C LEU C 353 -23.50 8.21 -33.60
N HIS C 354 -22.98 7.01 -33.41
CA HIS C 354 -21.83 6.81 -32.53
C HIS C 354 -20.51 6.63 -33.27
N LYS C 355 -20.55 6.22 -34.54
CA LYS C 355 -19.33 6.15 -35.36
C LYS C 355 -18.26 5.29 -34.68
N ILE C 356 -18.68 4.16 -34.12
CA ILE C 356 -17.79 3.27 -33.40
C ILE C 356 -17.27 2.21 -34.37
N ASP C 357 -15.98 1.92 -34.28
CA ASP C 357 -15.36 0.92 -35.14
C ASP C 357 -16.11 -0.41 -35.02
N GLU C 358 -16.38 -1.02 -36.18
CA GLU C 358 -17.13 -2.31 -36.22
C GLU C 358 -16.37 -3.41 -35.47
N LYS C 359 -15.09 -3.20 -35.13
CA LYS C 359 -14.35 -4.24 -34.43
C LYS C 359 -14.80 -4.41 -33.00
N TYR C 360 -15.45 -3.40 -32.41
CA TYR C 360 -15.91 -3.49 -31.03
C TYR C 360 -17.22 -4.25 -30.89
N LEU C 361 -17.93 -4.51 -31.99
CA LEU C 361 -19.11 -5.36 -31.92
C LEU C 361 -18.75 -6.75 -31.40
N PHE C 362 -17.49 -7.16 -31.54
CA PHE C 362 -17.04 -8.43 -30.96
C PHE C 362 -17.27 -8.44 -29.46
N HIS C 363 -16.94 -7.32 -28.80
CA HIS C 363 -17.04 -7.23 -27.35
C HIS C 363 -18.48 -7.04 -26.89
N LEU C 364 -19.25 -6.21 -27.60
CA LEU C 364 -20.65 -6.01 -27.25
C LEU C 364 -21.43 -7.31 -27.32
N LYS C 365 -21.19 -8.13 -28.35
CA LYS C 365 -21.87 -9.40 -28.46
C LYS C 365 -21.60 -10.28 -27.25
N ILE C 366 -20.33 -10.40 -26.85
CA ILE C 366 -19.98 -11.28 -25.74
C ILE C 366 -20.57 -10.73 -24.45
N ALA C 367 -20.46 -9.42 -24.22
CA ALA C 367 -21.07 -8.82 -23.04
C ALA C 367 -22.57 -9.10 -22.98
N GLY C 368 -23.22 -9.15 -24.14
CA GLY C 368 -24.64 -9.44 -24.16
C GLY C 368 -24.96 -10.85 -23.71
N GLU C 369 -24.18 -11.84 -24.18
CA GLU C 369 -24.39 -13.21 -23.75
C GLU C 369 -24.17 -13.38 -22.25
N LEU C 370 -23.23 -12.64 -21.69
CA LEU C 370 -22.74 -12.87 -20.33
C LEU C 370 -23.20 -11.82 -19.33
N ALA C 371 -23.97 -10.81 -19.76
CA ALA C 371 -24.34 -9.72 -18.86
C ALA C 371 -25.04 -10.22 -17.60
N SER C 372 -25.75 -11.34 -17.67
CA SER C 372 -26.50 -11.87 -16.54
C SER C 372 -25.94 -13.19 -16.05
N MET C 373 -24.72 -13.55 -16.44
CA MET C 373 -24.12 -14.78 -15.96
C MET C 373 -24.02 -14.80 -14.44
N GLY C 374 -23.75 -13.63 -13.83
CA GLY C 374 -23.55 -13.55 -12.40
C GLY C 374 -24.80 -13.79 -11.58
N LYS C 375 -25.96 -13.96 -12.22
CA LYS C 375 -27.17 -14.26 -11.47
C LYS C 375 -27.05 -15.58 -10.73
N ILE C 376 -26.24 -16.52 -11.25
CA ILE C 376 -26.09 -17.82 -10.62
C ILE C 376 -25.47 -17.69 -9.24
N LEU C 377 -24.86 -16.54 -8.93
CA LEU C 377 -24.31 -16.26 -7.62
C LEU C 377 -25.27 -15.48 -6.75
N SER C 378 -25.84 -14.40 -7.28
CA SER C 378 -26.77 -13.56 -6.54
C SER C 378 -27.42 -12.58 -7.50
N VAL C 379 -28.70 -12.31 -7.31
CA VAL C 379 -29.39 -11.33 -8.15
C VAL C 379 -28.96 -9.91 -7.79
N TYR C 380 -28.59 -9.69 -6.54
CA TYR C 380 -28.12 -8.38 -6.12
C TYR C 380 -26.67 -8.17 -6.52
N LEU C 381 -26.40 -7.05 -7.19
CA LEU C 381 -25.09 -6.80 -7.80
C LEU C 381 -24.75 -7.87 -8.82
N ALA C 382 -25.78 -8.36 -9.53
CA ALA C 382 -25.57 -9.46 -10.47
C ALA C 382 -24.62 -9.06 -11.59
N HIS C 383 -24.72 -7.82 -12.07
CA HIS C 383 -23.86 -7.39 -13.17
C HIS C 383 -22.41 -7.30 -12.72
N LYS C 384 -22.16 -6.82 -11.50
CA LYS C 384 -20.81 -6.83 -10.96
C LYS C 384 -20.25 -8.24 -10.88
N HIS C 385 -21.07 -9.20 -10.42
CA HIS C 385 -20.65 -10.60 -10.41
C HIS C 385 -20.37 -11.08 -11.83
N SER C 386 -21.20 -10.68 -12.80
CA SER C 386 -20.95 -11.06 -14.18
C SER C 386 -19.60 -10.53 -14.65
N ALA C 387 -19.31 -9.26 -14.33
CA ALA C 387 -18.01 -8.69 -14.71
C ALA C 387 -16.87 -9.42 -14.01
N TYR C 388 -17.08 -9.82 -12.75
CA TYR C 388 -16.05 -10.57 -12.04
C TYR C 388 -15.77 -11.90 -12.73
N PHE C 389 -16.83 -12.65 -13.07
CA PHE C 389 -16.66 -13.89 -13.80
C PHE C 389 -15.90 -13.66 -15.11
N ILE C 390 -16.32 -12.65 -15.87
CA ILE C 390 -15.69 -12.37 -17.16
C ILE C 390 -14.21 -12.05 -16.96
N LEU C 391 -13.93 -11.06 -16.12
CA LEU C 391 -12.56 -10.57 -15.98
C LEU C 391 -11.59 -11.67 -15.56
N ASN C 392 -12.06 -12.67 -14.82
CA ASN C 392 -11.18 -13.64 -14.20
C ASN C 392 -11.12 -15.00 -14.90
N ALA C 393 -12.16 -15.38 -15.64
CA ALA C 393 -12.24 -16.72 -16.21
C ALA C 393 -12.22 -16.76 -17.73
N LEU C 394 -12.27 -15.61 -18.40
CA LEU C 394 -12.33 -15.57 -19.86
C LEU C 394 -10.92 -15.28 -20.38
N SER C 395 -10.12 -16.33 -20.46
CA SER C 395 -8.68 -16.22 -20.72
C SER C 395 -8.28 -16.62 -22.13
N TYR C 396 -8.55 -17.87 -22.52
CA TYR C 396 -8.01 -18.38 -23.79
C TYR C 396 -8.49 -17.53 -24.95
N GLY C 397 -7.55 -17.09 -25.77
CA GLY C 397 -7.89 -16.40 -27.00
C GLY C 397 -8.33 -14.96 -26.84
N PHE C 398 -8.27 -14.41 -25.62
CA PHE C 398 -8.68 -13.04 -25.37
C PHE C 398 -7.49 -12.23 -24.90
N SER C 399 -7.27 -11.08 -25.52
CA SER C 399 -6.29 -10.14 -25.02
C SER C 399 -6.79 -9.52 -23.72
N HIS C 400 -5.87 -8.91 -22.96
CA HIS C 400 -6.26 -8.27 -21.73
C HIS C 400 -7.18 -7.07 -21.99
N GLN C 401 -7.06 -6.45 -23.16
CA GLN C 401 -8.02 -5.41 -23.52
C GLN C 401 -9.39 -6.00 -23.80
N ASP C 402 -9.44 -7.16 -24.44
CA ASP C 402 -10.72 -7.82 -24.69
C ASP C 402 -11.50 -8.02 -23.40
N ARG C 403 -10.83 -8.57 -22.38
CA ARG C 403 -11.51 -8.83 -21.11
C ARG C 403 -11.94 -7.51 -20.46
N ALA C 404 -11.05 -6.52 -20.45
CA ALA C 404 -11.37 -5.24 -19.83
C ALA C 404 -12.63 -4.64 -20.44
N ILE C 405 -12.69 -4.60 -21.78
CA ILE C 405 -13.87 -4.03 -22.45
C ILE C 405 -15.11 -4.84 -22.08
N ILE C 406 -15.09 -6.14 -22.39
CA ILE C 406 -16.26 -6.97 -22.13
C ILE C 406 -16.66 -6.87 -20.67
N CYS C 407 -15.68 -6.76 -19.77
CA CYS C 407 -15.97 -6.63 -18.35
C CYS C 407 -16.70 -5.34 -18.03
N LEU C 408 -16.20 -4.22 -18.57
CA LEU C 408 -16.78 -2.92 -18.26
C LEU C 408 -18.21 -2.79 -18.78
N LEU C 409 -18.45 -3.25 -20.01
CA LEU C 409 -19.80 -3.17 -20.57
C LEU C 409 -20.82 -3.83 -19.64
N ALA C 410 -20.47 -4.98 -19.08
CA ALA C 410 -21.39 -5.69 -18.21
C ALA C 410 -21.50 -5.02 -16.85
N GLN C 411 -20.37 -4.61 -16.27
CA GLN C 411 -20.38 -4.12 -14.90
C GLN C 411 -21.26 -2.88 -14.76
N PHE C 412 -21.22 -1.99 -15.73
CA PHE C 412 -21.91 -0.70 -15.64
C PHE C 412 -23.18 -0.66 -16.48
N SER C 413 -23.90 -1.78 -16.59
CA SER C 413 -25.21 -1.76 -17.22
C SER C 413 -26.15 -0.85 -16.43
N HIS C 414 -26.89 -0.02 -17.16
CA HIS C 414 -27.83 0.94 -16.56
C HIS C 414 -27.13 1.90 -15.61
N LYS C 415 -25.83 2.12 -15.81
CA LYS C 415 -25.06 3.03 -14.96
C LYS C 415 -24.13 3.87 -15.82
N LYS C 416 -23.63 4.94 -15.22
CA LYS C 416 -22.65 5.79 -15.88
C LYS C 416 -21.25 5.34 -15.48
N ILE C 417 -20.39 5.14 -16.47
CA ILE C 417 -19.02 4.70 -16.24
C ILE C 417 -18.22 5.89 -15.73
N PRO C 418 -17.62 5.82 -14.54
CA PRO C 418 -16.78 6.93 -14.09
C PRO C 418 -15.51 7.03 -14.92
N LYS C 419 -15.02 8.26 -15.07
CA LYS C 419 -13.87 8.50 -15.94
C LYS C 419 -12.56 8.01 -15.33
N ASP C 420 -12.48 7.91 -14.00
CA ASP C 420 -11.26 7.48 -13.33
C ASP C 420 -11.23 5.97 -13.06
N ASN C 421 -11.89 5.18 -13.91
CA ASN C 421 -11.92 3.73 -13.73
C ASN C 421 -10.56 3.13 -14.09
N ALA C 422 -9.99 2.37 -13.15
CA ALA C 422 -8.66 1.82 -13.33
C ALA C 422 -8.58 0.92 -14.55
N ILE C 423 -9.56 0.03 -14.73
CA ILE C 423 -9.51 -0.92 -15.84
C ILE C 423 -9.73 -0.22 -17.17
N ALA C 424 -10.53 0.85 -17.19
CA ALA C 424 -10.73 1.60 -18.42
C ALA C 424 -9.42 2.20 -18.91
N HIS C 425 -8.47 2.43 -18.01
CA HIS C 425 -7.18 3.04 -18.35
C HIS C 425 -6.02 2.06 -18.21
N MET C 426 -6.27 0.77 -18.40
CA MET C 426 -5.19 -0.21 -18.36
C MET C 426 -4.25 -0.05 -19.55
N SER C 427 -4.69 0.66 -20.59
CA SER C 427 -3.89 0.82 -21.80
C SER C 427 -4.36 2.08 -22.51
N ALA C 428 -3.42 2.73 -23.21
CA ALA C 428 -3.80 3.88 -24.04
C ALA C 428 -4.68 3.47 -25.21
N MET C 429 -4.52 2.24 -25.68
CA MET C 429 -5.33 1.72 -26.78
C MET C 429 -6.75 1.34 -26.35
N MET C 430 -7.08 1.48 -25.07
CA MET C 430 -8.45 1.21 -24.65
C MET C 430 -9.40 2.21 -25.32
N PRO C 431 -10.66 1.82 -25.53
CA PRO C 431 -11.62 2.77 -26.11
C PRO C 431 -11.77 4.01 -25.24
N SER C 432 -12.36 5.04 -25.82
CA SER C 432 -12.67 6.24 -25.07
C SER C 432 -13.81 5.97 -24.10
N LEU C 433 -13.91 6.83 -23.08
CA LEU C 433 -15.04 6.73 -22.16
C LEU C 433 -16.36 6.89 -22.88
N LEU C 434 -16.38 7.69 -23.96
CA LEU C 434 -17.62 7.87 -24.72
C LEU C 434 -18.01 6.60 -25.46
N THR C 435 -17.04 5.90 -26.03
CA THR C 435 -17.34 4.64 -26.72
C THR C 435 -17.85 3.59 -25.74
N LEU C 436 -17.22 3.49 -24.57
CA LEU C 436 -17.66 2.51 -23.58
C LEU C 436 -19.10 2.77 -23.14
N GLN C 437 -19.40 4.02 -22.78
CA GLN C 437 -20.75 4.36 -22.35
C GLN C 437 -21.76 4.04 -23.45
N TRP C 438 -21.41 4.31 -24.70
CA TRP C 438 -22.30 3.97 -25.82
C TRP C 438 -22.61 2.47 -25.83
N LEU C 439 -21.56 1.64 -25.84
CA LEU C 439 -21.75 0.20 -25.89
C LEU C 439 -22.52 -0.29 -24.68
N SER C 440 -22.17 0.21 -23.49
CA SER C 440 -22.90 -0.19 -22.29
C SER C 440 -24.36 0.22 -22.37
N PHE C 441 -24.63 1.44 -22.86
CA PHE C 441 -26.01 1.87 -23.05
C PHE C 441 -26.77 0.93 -23.96
N ILE C 442 -26.17 0.57 -25.10
CA ILE C 442 -26.81 -0.35 -26.02
C ILE C 442 -27.11 -1.68 -25.34
N LEU C 443 -26.15 -2.19 -24.56
CA LEU C 443 -26.41 -3.39 -23.76
C LEU C 443 -27.57 -3.17 -22.81
N SER C 444 -27.56 -2.04 -22.10
CA SER C 444 -28.60 -1.78 -21.10
C SER C 444 -29.98 -1.72 -21.75
N LEU C 445 -30.10 -1.06 -22.90
CA LEU C 445 -31.39 -0.99 -23.58
C LEU C 445 -31.81 -2.37 -24.09
N ALA C 446 -30.88 -3.10 -24.69
CA ALA C 446 -31.19 -4.44 -25.18
C ALA C 446 -31.69 -5.33 -24.06
N GLU C 447 -31.17 -5.14 -22.84
CA GLU C 447 -31.65 -5.94 -21.72
C GLU C 447 -33.10 -5.62 -21.40
N ASN C 448 -33.46 -4.33 -21.40
CA ASN C 448 -34.84 -3.94 -21.14
C ASN C 448 -35.79 -4.54 -22.17
N LEU C 449 -35.42 -4.48 -23.45
CA LEU C 449 -36.31 -4.93 -24.51
C LEU C 449 -36.44 -6.45 -24.58
N CYS C 450 -35.48 -7.18 -24.00
CA CYS C 450 -35.55 -8.64 -23.96
C CYS C 450 -36.12 -9.17 -22.65
N LEU C 451 -36.50 -8.29 -21.73
CA LEU C 451 -37.03 -8.73 -20.46
C LEU C 451 -38.25 -9.62 -20.65
N THR C 452 -39.27 -9.10 -21.32
CA THR C 452 -40.49 -9.84 -21.59
C THR C 452 -40.29 -10.76 -22.80
N ASP C 453 -41.37 -11.44 -23.19
CA ASP C 453 -41.35 -12.35 -24.33
C ASP C 453 -41.73 -11.63 -25.63
N SER C 454 -41.05 -10.53 -25.92
CA SER C 454 -41.32 -9.75 -27.12
C SER C 454 -40.50 -10.28 -28.29
N HIS C 455 -41.06 -10.14 -29.49
CA HIS C 455 -40.46 -10.71 -30.69
C HIS C 455 -40.41 -9.68 -31.80
N HIS C 456 -39.44 -9.88 -32.70
CA HIS C 456 -39.30 -9.07 -33.91
C HIS C 456 -39.32 -7.58 -33.58
N LEU C 457 -38.37 -7.19 -32.74
CA LEU C 457 -38.11 -5.77 -32.51
C LEU C 457 -37.34 -5.21 -33.70
N LYS C 458 -37.81 -4.08 -34.23
CA LYS C 458 -37.15 -3.40 -35.33
C LYS C 458 -36.91 -1.95 -34.95
N TYR C 459 -35.77 -1.42 -35.38
CA TYR C 459 -35.36 -0.06 -35.02
C TYR C 459 -35.13 0.78 -36.25
N THR C 460 -35.36 2.09 -36.12
CA THR C 460 -35.15 3.06 -37.17
C THR C 460 -34.67 4.35 -36.53
N LEU C 461 -33.96 5.17 -37.31
CA LEU C 461 -33.31 6.36 -36.80
C LEU C 461 -33.84 7.62 -37.49
N GLU C 462 -34.16 8.64 -36.71
CA GLU C 462 -34.72 9.87 -37.31
C GLU C 462 -34.06 11.09 -36.66
N LYS C 463 -32.76 11.28 -36.85
CA LYS C 463 -32.02 12.46 -36.33
C LYS C 463 -32.21 12.56 -34.81
N ASN C 464 -31.55 11.67 -34.08
CA ASN C 464 -31.60 11.54 -32.59
C ASN C 464 -32.92 10.92 -32.15
N LYS C 465 -33.66 10.35 -33.08
CA LYS C 465 -34.91 9.72 -32.62
C LYS C 465 -34.83 8.22 -32.87
N LEU C 466 -34.45 7.46 -31.85
CA LEU C 466 -34.49 6.02 -31.99
C LEU C 466 -35.93 5.54 -31.81
N VAL C 467 -36.43 4.79 -32.77
CA VAL C 467 -37.81 4.33 -32.77
C VAL C 467 -37.80 2.81 -32.64
N ILE C 468 -38.43 2.30 -31.60
CA ILE C 468 -38.56 0.87 -31.37
C ILE C 468 -39.91 0.43 -31.91
N HIS C 469 -39.89 -0.42 -32.92
CA HIS C 469 -41.11 -0.95 -33.53
C HIS C 469 -41.41 -2.32 -32.92
N SER C 470 -42.65 -2.50 -32.48
CA SER C 470 -43.07 -3.77 -31.90
C SER C 470 -44.59 -3.80 -31.84
N ASN C 471 -45.14 -5.01 -31.96
CA ASN C 471 -46.58 -5.20 -31.84
C ASN C 471 -47.01 -5.36 -30.39
N ASP C 472 -46.10 -5.75 -29.50
CA ASP C 472 -46.41 -5.88 -28.09
C ASP C 472 -46.47 -4.51 -27.42
N ALA C 473 -47.08 -4.49 -26.24
CA ALA C 473 -47.21 -3.24 -25.50
C ALA C 473 -45.87 -2.77 -24.95
N LEU C 474 -44.98 -3.70 -24.59
CA LEU C 474 -43.70 -3.36 -23.96
C LEU C 474 -43.93 -2.38 -22.81
N TYR C 475 -44.89 -2.71 -21.95
CA TYR C 475 -45.24 -1.81 -20.86
C TYR C 475 -44.07 -1.59 -19.92
N LEU C 476 -43.39 -2.67 -19.53
CA LEU C 476 -42.31 -2.54 -18.56
C LEU C 476 -41.10 -1.84 -19.17
N ALA C 477 -40.71 -2.25 -20.38
CA ALA C 477 -39.58 -1.61 -21.05
C ALA C 477 -39.78 -0.10 -21.11
N LYS C 478 -41.01 0.34 -21.36
CA LYS C 478 -41.29 1.77 -21.39
C LYS C 478 -41.20 2.39 -20.00
N GLU C 479 -41.56 1.65 -18.95
CA GLU C 479 -41.48 2.21 -17.60
C GLU C 479 -40.03 2.41 -17.16
N MET C 480 -39.14 1.52 -17.58
CA MET C 480 -37.76 1.56 -17.13
C MET C 480 -36.89 2.48 -17.98
N LEU C 481 -37.46 3.09 -19.01
CA LEU C 481 -36.66 3.94 -19.90
C LEU C 481 -35.90 5.03 -19.16
N PRO C 482 -36.51 5.76 -18.23
CA PRO C 482 -35.76 6.82 -17.53
C PRO C 482 -34.50 6.33 -16.84
N LYS C 483 -34.51 5.10 -16.32
CA LYS C 483 -33.36 4.61 -15.56
C LYS C 483 -32.15 4.31 -16.43
N LEU C 484 -32.24 4.50 -17.74
CA LEU C 484 -31.10 4.29 -18.62
C LEU C 484 -30.16 5.49 -18.60
N VAL C 485 -28.86 5.21 -18.58
CA VAL C 485 -27.84 6.24 -18.76
C VAL C 485 -27.49 6.30 -20.23
N LYS C 486 -27.74 7.46 -20.86
CA LYS C 486 -27.48 7.62 -22.28
C LYS C 486 -26.11 8.23 -22.51
N PRO C 487 -25.44 7.85 -23.60
CA PRO C 487 -24.10 8.42 -23.85
C PRO C 487 -24.17 9.88 -24.24
N ILE C 488 -25.15 10.25 -25.05
CA ILE C 488 -25.35 11.65 -25.46
C ILE C 488 -26.85 11.92 -25.49
N PRO C 489 -27.24 13.20 -25.48
CA PRO C 489 -28.67 13.53 -25.59
C PRO C 489 -29.34 12.78 -26.73
N LEU C 490 -30.39 12.03 -26.39
CA LEU C 490 -31.00 11.10 -27.33
C LEU C 490 -32.45 10.88 -26.93
N THR C 491 -33.36 11.03 -27.90
CA THR C 491 -34.78 10.78 -27.67
C THR C 491 -35.13 9.37 -28.11
N ILE C 492 -35.91 8.67 -27.30
CA ILE C 492 -36.32 7.29 -27.66
C ILE C 492 -37.83 7.22 -27.54
N GLU C 493 -38.50 6.75 -28.58
CA GLU C 493 -39.97 6.60 -28.47
C GLU C 493 -40.36 5.25 -29.04
N PHE C 494 -41.54 4.78 -28.66
CA PHE C 494 -42.01 3.48 -29.19
C PHE C 494 -43.18 3.73 -30.12
N ALA C 495 -43.24 2.97 -31.21
CA ALA C 495 -44.34 3.02 -32.15
C ALA C 495 -45.42 2.04 -31.71
N LYS D 14 -39.47 -26.91 -8.66
CA LYS D 14 -38.07 -26.51 -8.91
C LYS D 14 -38.03 -25.00 -9.15
N ILE D 15 -38.91 -24.49 -10.00
CA ILE D 15 -38.98 -23.02 -10.22
C ILE D 15 -40.34 -22.54 -9.73
N THR D 16 -40.31 -21.63 -8.77
CA THR D 16 -41.50 -21.05 -8.16
C THR D 16 -41.42 -19.54 -8.27
N THR D 17 -42.44 -18.93 -8.86
CA THR D 17 -42.52 -17.48 -8.99
C THR D 17 -43.53 -16.94 -7.98
N VAL D 18 -43.17 -15.83 -7.35
CA VAL D 18 -44.03 -15.16 -6.38
C VAL D 18 -44.22 -13.72 -6.87
N ILE D 19 -45.48 -13.31 -7.02
CA ILE D 19 -45.82 -11.95 -7.42
C ILE D 19 -46.57 -11.31 -6.26
N ASP D 20 -46.05 -10.20 -5.77
CA ASP D 20 -46.58 -9.48 -4.63
C ASP D 20 -47.19 -8.17 -5.14
N ILE D 21 -48.51 -8.03 -5.01
CA ILE D 21 -49.20 -6.82 -5.41
C ILE D 21 -49.36 -5.97 -4.16
N GLY D 22 -48.47 -4.97 -4.01
CA GLY D 22 -48.53 -4.06 -2.91
C GLY D 22 -49.27 -2.78 -3.27
N SER D 23 -49.39 -1.90 -2.27
CA SER D 23 -50.07 -0.63 -2.48
C SER D 23 -49.23 0.32 -3.31
N ASN D 24 -47.92 0.27 -3.18
CA ASN D 24 -47.01 1.19 -3.86
C ASN D 24 -46.47 0.62 -5.17
N SER D 25 -46.01 -0.62 -5.16
CA SER D 25 -45.37 -1.23 -6.31
C SER D 25 -45.98 -2.61 -6.57
N VAL D 26 -45.42 -3.31 -7.56
CA VAL D 26 -45.83 -4.67 -7.90
C VAL D 26 -44.57 -5.45 -8.19
N ARG D 27 -44.24 -6.42 -7.33
CA ARG D 27 -42.93 -7.05 -7.33
C ARG D 27 -43.04 -8.51 -7.78
N LEU D 28 -41.95 -9.00 -8.35
CA LEU D 28 -41.83 -10.37 -8.83
C LEU D 28 -40.54 -10.96 -8.31
N ALA D 29 -40.59 -12.23 -7.92
CA ALA D 29 -39.41 -12.95 -7.43
C ALA D 29 -39.47 -14.39 -7.91
N VAL D 30 -38.35 -14.89 -8.43
CA VAL D 30 -38.27 -16.23 -9.00
C VAL D 30 -37.26 -17.01 -8.19
N PHE D 31 -37.72 -18.04 -7.49
CA PHE D 31 -36.85 -18.90 -6.69
C PHE D 31 -36.59 -20.21 -7.43
N LYS D 32 -35.35 -20.67 -7.36
CA LYS D 32 -34.97 -21.98 -7.89
C LYS D 32 -34.59 -22.89 -6.74
N LYS D 33 -35.09 -24.12 -6.80
CA LYS D 33 -34.83 -25.13 -5.76
C LYS D 33 -33.78 -26.09 -6.30
N THR D 34 -32.60 -26.10 -5.66
CA THR D 34 -31.50 -26.94 -6.10
C THR D 34 -31.44 -28.26 -5.36
N SER D 35 -32.07 -28.37 -4.19
CA SER D 35 -32.13 -29.62 -3.45
C SER D 35 -33.34 -29.54 -2.52
N GLN D 36 -33.41 -30.47 -1.57
CA GLN D 36 -34.58 -30.54 -0.69
C GLN D 36 -34.77 -29.24 0.09
N PHE D 37 -33.69 -28.70 0.64
CA PHE D 37 -33.76 -27.47 1.42
C PHE D 37 -32.95 -26.33 0.81
N GLY D 38 -32.27 -26.56 -0.31
CA GLY D 38 -31.44 -25.53 -0.91
C GLY D 38 -32.21 -24.74 -1.95
N PHE D 39 -32.06 -23.42 -1.91
CA PHE D 39 -32.67 -22.57 -2.92
C PHE D 39 -31.92 -21.24 -2.94
N TYR D 40 -32.17 -20.47 -3.99
CA TYR D 40 -31.64 -19.12 -4.09
C TYR D 40 -32.56 -18.29 -4.96
N LEU D 41 -32.56 -16.99 -4.71
CA LEU D 41 -33.35 -16.05 -5.49
C LEU D 41 -32.72 -15.89 -6.87
N LEU D 42 -33.45 -16.32 -7.91
CA LEU D 42 -32.89 -16.41 -9.25
C LEU D 42 -33.06 -15.12 -10.05
N PHE D 43 -34.19 -14.43 -9.88
CA PHE D 43 -34.44 -13.21 -10.65
C PHE D 43 -35.48 -12.38 -9.92
N GLU D 44 -35.40 -11.06 -10.09
CA GLU D 44 -36.29 -10.15 -9.41
C GLU D 44 -36.49 -8.91 -10.28
N THR D 45 -37.72 -8.39 -10.27
CA THR D 45 -38.03 -7.11 -10.92
C THR D 45 -39.19 -6.47 -10.18
N LYS D 46 -39.54 -5.26 -10.59
CA LYS D 46 -40.59 -4.50 -9.92
C LYS D 46 -41.35 -3.67 -10.95
N SER D 47 -42.36 -2.95 -10.47
CA SER D 47 -43.10 -2.00 -11.28
C SER D 47 -43.75 -1.00 -10.34
N LYS D 48 -43.75 0.27 -10.72
CA LYS D 48 -44.23 1.35 -9.87
C LYS D 48 -45.71 1.64 -10.09
N VAL D 49 -46.50 0.60 -10.39
CA VAL D 49 -47.91 0.77 -10.71
C VAL D 49 -48.60 1.66 -9.69
N ARG D 50 -48.45 1.36 -8.40
CA ARG D 50 -49.12 2.10 -7.34
C ARG D 50 -50.64 2.06 -7.54
N ILE D 51 -51.18 0.85 -7.41
CA ILE D 51 -52.60 0.62 -7.61
C ILE D 51 -53.44 1.41 -6.62
N SER D 52 -52.86 1.82 -5.49
CA SER D 52 -53.58 2.58 -4.46
C SER D 52 -53.57 4.07 -4.72
N GLU D 53 -53.31 4.50 -5.95
CA GLU D 53 -53.19 5.93 -6.24
C GLU D 53 -54.55 6.59 -6.20
N GLY D 54 -54.70 7.57 -5.30
CA GLY D 54 -55.91 8.37 -5.26
C GLY D 54 -57.15 7.63 -4.85
N CYS D 55 -57.01 6.41 -4.31
CA CYS D 55 -58.16 5.61 -3.89
C CYS D 55 -58.63 5.93 -2.48
N TYR D 56 -57.80 6.59 -1.68
CA TYR D 56 -58.19 6.92 -0.31
C TYR D 56 -59.19 8.07 -0.25
N ALA D 57 -59.35 8.83 -1.34
CA ALA D 57 -60.37 9.86 -1.41
C ALA D 57 -61.73 9.32 -1.85
N PHE D 58 -61.79 8.07 -2.31
CA PHE D 58 -63.03 7.45 -2.74
C PHE D 58 -63.32 6.20 -1.92
N ASN D 59 -62.97 6.22 -0.64
CA ASN D 59 -63.23 5.11 0.27
C ASN D 59 -62.56 3.82 -0.22
N GLY D 60 -61.36 3.95 -0.77
CA GLY D 60 -60.59 2.80 -1.18
C GLY D 60 -60.96 2.19 -2.51
N ILE D 61 -61.80 2.87 -3.31
CA ILE D 61 -62.16 2.36 -4.62
C ILE D 61 -60.95 2.45 -5.53
N LEU D 62 -60.56 1.32 -6.13
CA LEU D 62 -59.43 1.32 -7.06
C LEU D 62 -59.82 2.06 -8.34
N GLN D 63 -59.05 3.09 -8.69
CA GLN D 63 -59.36 3.91 -9.84
C GLN D 63 -59.03 3.15 -11.14
N GLU D 64 -59.59 3.65 -12.24
CA GLU D 64 -59.59 2.87 -13.48
C GLU D 64 -58.20 2.83 -14.11
N ILE D 65 -57.51 3.96 -14.15
CA ILE D 65 -56.21 4.00 -14.81
C ILE D 65 -55.22 3.16 -14.01
N PRO D 66 -55.11 3.33 -12.70
CA PRO D 66 -54.24 2.44 -11.92
C PRO D 66 -54.48 0.97 -12.20
N MET D 67 -55.74 0.53 -12.24
CA MET D 67 -56.03 -0.87 -12.54
C MET D 67 -55.55 -1.23 -13.95
N GLN D 68 -55.69 -0.31 -14.90
CA GLN D 68 -55.23 -0.59 -16.26
C GLN D 68 -53.73 -0.79 -16.28
N ARG D 69 -52.99 0.04 -15.55
CA ARG D 69 -51.54 -0.14 -15.46
C ARG D 69 -51.20 -1.46 -14.78
N ALA D 70 -51.96 -1.84 -13.75
CA ALA D 70 -51.69 -3.08 -13.04
C ALA D 70 -51.90 -4.30 -13.93
N VAL D 71 -52.96 -4.28 -14.75
CA VAL D 71 -53.23 -5.43 -15.61
C VAL D 71 -52.18 -5.54 -16.70
N LYS D 72 -51.64 -4.41 -17.16
CA LYS D 72 -50.56 -4.45 -18.13
C LYS D 72 -49.29 -5.01 -17.51
N ALA D 73 -48.95 -4.57 -16.30
CA ALA D 73 -47.73 -5.04 -15.65
C ALA D 73 -47.81 -6.52 -15.33
N LEU D 74 -48.88 -6.96 -14.66
CA LEU D 74 -49.01 -8.36 -14.28
C LEU D 74 -49.07 -9.27 -15.50
N SER D 75 -49.61 -8.79 -16.62
CA SER D 75 -49.61 -9.61 -17.83
C SER D 75 -48.20 -9.94 -18.26
N GLU D 76 -47.28 -8.98 -18.17
CA GLU D 76 -45.91 -9.23 -18.54
C GLU D 76 -45.15 -9.97 -17.45
N PHE D 77 -45.51 -9.76 -16.17
CA PHE D 77 -45.00 -10.62 -15.11
C PHE D 77 -45.36 -12.07 -15.37
N LYS D 78 -46.56 -12.31 -15.89
CA LYS D 78 -46.98 -13.68 -16.19
C LYS D 78 -46.06 -14.32 -17.21
N GLU D 79 -45.78 -13.62 -18.32
CA GLU D 79 -44.93 -14.19 -19.35
C GLU D 79 -43.46 -14.20 -18.95
N ILE D 80 -43.08 -13.40 -17.95
CA ILE D 80 -41.78 -13.58 -17.33
C ILE D 80 -41.75 -14.90 -16.56
N ALA D 81 -42.79 -15.16 -15.78
CA ALA D 81 -42.87 -16.40 -15.00
C ALA D 81 -42.89 -17.64 -15.88
N LEU D 82 -43.29 -17.51 -17.15
CA LEU D 82 -43.37 -18.66 -18.04
C LEU D 82 -42.09 -18.90 -18.82
N LYS D 83 -41.35 -17.85 -19.17
CA LYS D 83 -40.07 -18.05 -19.83
C LYS D 83 -39.06 -18.73 -18.90
N TYR D 84 -39.21 -18.54 -17.59
CA TYR D 84 -38.41 -19.24 -16.61
C TYR D 84 -38.92 -20.66 -16.32
N LYS D 85 -40.06 -21.04 -16.91
CA LYS D 85 -40.59 -22.41 -16.79
C LYS D 85 -41.00 -22.71 -15.35
N SER D 86 -41.72 -21.77 -14.73
CA SER D 86 -42.23 -21.97 -13.39
C SER D 86 -43.32 -23.04 -13.40
N LYS D 87 -43.19 -24.03 -12.52
CA LYS D 87 -44.23 -25.04 -12.33
C LYS D 87 -45.25 -24.64 -11.27
N LYS D 88 -45.12 -23.44 -10.70
CA LYS D 88 -46.08 -22.96 -9.70
C LYS D 88 -45.93 -21.45 -9.62
N ILE D 89 -47.06 -20.75 -9.64
CA ILE D 89 -47.09 -19.29 -9.54
C ILE D 89 -47.99 -18.92 -8.36
N LEU D 90 -47.40 -18.30 -7.34
CA LEU D 90 -48.13 -17.82 -6.18
C LEU D 90 -48.26 -16.31 -6.29
N CYS D 91 -49.47 -15.79 -6.01
CA CYS D 91 -49.76 -14.38 -6.22
C CYS D 91 -50.64 -13.87 -5.09
N VAL D 92 -50.17 -12.84 -4.39
CA VAL D 92 -50.88 -12.27 -3.25
C VAL D 92 -51.10 -10.78 -3.48
N ALA D 93 -52.06 -10.23 -2.73
CA ALA D 93 -52.35 -8.81 -2.72
C ALA D 93 -52.58 -8.37 -1.27
N THR D 94 -52.36 -7.09 -1.02
CA THR D 94 -52.23 -6.56 0.34
C THR D 94 -53.21 -5.40 0.54
N SER D 95 -52.98 -4.65 1.62
CA SER D 95 -53.93 -3.66 2.13
C SER D 95 -54.73 -2.93 1.06
N ALA D 96 -54.04 -2.34 0.08
CA ALA D 96 -54.73 -1.49 -0.90
C ALA D 96 -55.89 -2.21 -1.57
N VAL D 97 -55.80 -3.53 -1.70
CA VAL D 97 -56.84 -4.28 -2.40
C VAL D 97 -57.88 -4.84 -1.43
N ARG D 98 -57.45 -5.39 -0.30
CA ARG D 98 -58.40 -5.99 0.63
C ARG D 98 -59.35 -4.96 1.24
N ASP D 99 -59.03 -3.68 1.14
CA ASP D 99 -59.90 -2.61 1.61
C ASP D 99 -60.71 -1.97 0.49
N ALA D 100 -60.62 -2.49 -0.75
CA ALA D 100 -61.26 -1.85 -1.89
C ALA D 100 -62.63 -2.46 -2.15
N PRO D 101 -63.69 -1.66 -2.23
CA PRO D 101 -65.01 -2.25 -2.54
C PRO D 101 -65.09 -2.96 -3.88
N ASN D 102 -64.29 -2.55 -4.86
CA ASN D 102 -64.32 -3.17 -6.19
C ASN D 102 -63.22 -4.22 -6.35
N ARG D 103 -62.79 -4.83 -5.25
CA ARG D 103 -61.65 -5.75 -5.30
C ARG D 103 -61.94 -6.97 -6.16
N LEU D 104 -63.16 -7.50 -6.07
CA LEU D 104 -63.51 -8.68 -6.87
C LEU D 104 -63.40 -8.38 -8.35
N GLU D 105 -63.77 -7.16 -8.76
CA GLU D 105 -63.67 -6.79 -10.17
C GLU D 105 -62.22 -6.84 -10.64
N PHE D 106 -61.32 -6.18 -9.91
CA PHE D 106 -59.91 -6.15 -10.30
C PHE D 106 -59.36 -7.55 -10.47
N VAL D 107 -59.58 -8.41 -9.47
CA VAL D 107 -59.13 -9.80 -9.57
C VAL D 107 -59.70 -10.45 -10.83
N ALA D 108 -60.98 -10.24 -11.08
CA ALA D 108 -61.61 -10.82 -12.27
C ALA D 108 -60.91 -10.36 -13.53
N ARG D 109 -60.60 -9.06 -13.62
CA ARG D 109 -59.94 -8.53 -14.81
C ARG D 109 -58.58 -9.19 -15.02
N VAL D 110 -57.80 -9.32 -13.94
CA VAL D 110 -56.47 -9.94 -14.05
C VAL D 110 -56.59 -11.35 -14.58
N LYS D 111 -57.46 -12.16 -13.98
CA LYS D 111 -57.61 -13.55 -14.40
C LYS D 111 -58.02 -13.64 -15.85
N LYS D 112 -58.84 -12.71 -16.32
CA LYS D 112 -59.29 -12.72 -17.71
C LYS D 112 -58.20 -12.27 -18.67
N ALA D 113 -57.28 -11.40 -18.21
CA ALA D 113 -56.30 -10.81 -19.09
C ALA D 113 -55.04 -11.66 -19.23
N CYS D 114 -54.59 -12.31 -18.16
CA CYS D 114 -53.37 -13.11 -18.21
C CYS D 114 -53.46 -14.44 -17.49
N GLY D 115 -54.55 -14.73 -16.76
CA GLY D 115 -54.73 -16.03 -16.13
C GLY D 115 -54.33 -16.08 -14.67
N LEU D 116 -53.66 -15.06 -14.15
CA LEU D 116 -53.23 -15.08 -12.76
C LEU D 116 -54.42 -15.06 -11.82
N GLN D 117 -54.30 -15.79 -10.71
CA GLN D 117 -55.36 -15.89 -9.70
C GLN D 117 -54.85 -15.22 -8.42
N ILE D 118 -55.33 -14.01 -8.18
CA ILE D 118 -54.87 -13.22 -7.03
C ILE D 118 -55.50 -13.77 -5.76
N LYS D 119 -54.67 -14.03 -4.75
CA LYS D 119 -55.12 -14.43 -3.43
C LYS D 119 -54.94 -13.23 -2.49
N ILE D 120 -56.04 -12.56 -2.17
CA ILE D 120 -56.00 -11.46 -1.22
C ILE D 120 -55.74 -12.01 0.17
N ILE D 121 -54.84 -11.34 0.90
CA ILE D 121 -54.43 -11.77 2.23
C ILE D 121 -54.67 -10.63 3.22
N ASP D 122 -55.08 -10.97 4.43
CA ASP D 122 -55.33 -9.97 5.46
C ASP D 122 -54.02 -9.56 6.13
N GLY D 123 -54.13 -8.57 7.03
CA GLY D 123 -52.94 -8.10 7.73
C GLY D 123 -52.28 -9.18 8.56
N GLN D 124 -53.08 -10.00 9.23
CA GLN D 124 -52.53 -11.10 10.03
C GLN D 124 -51.70 -12.03 9.15
N LYS D 125 -52.29 -12.49 8.05
CA LYS D 125 -51.55 -13.36 7.13
C LYS D 125 -50.35 -12.62 6.54
N GLU D 126 -50.51 -11.32 6.28
CA GLU D 126 -49.39 -10.53 5.77
C GLU D 126 -48.24 -10.51 6.76
N ALA D 127 -48.54 -10.34 8.05
CA ALA D 127 -47.51 -10.41 9.08
C ALA D 127 -46.93 -11.82 9.18
N LEU D 128 -47.75 -12.84 8.92
CA LEU D 128 -47.28 -14.22 9.04
C LEU D 128 -46.13 -14.50 8.09
N TYR D 129 -46.35 -14.27 6.80
CA TYR D 129 -45.31 -14.57 5.82
C TYR D 129 -44.02 -13.80 6.10
N GLY D 130 -44.15 -12.57 6.61
CA GLY D 130 -42.96 -11.84 7.01
C GLY D 130 -42.25 -12.49 8.19
N GLY D 131 -43.02 -13.07 9.10
CA GLY D 131 -42.42 -13.75 10.24
C GLY D 131 -41.76 -15.06 9.86
N ILE D 132 -42.39 -15.81 8.96
CA ILE D 132 -41.80 -17.06 8.49
C ILE D 132 -40.45 -16.80 7.85
N ALA D 133 -40.35 -15.74 7.05
CA ALA D 133 -39.09 -15.42 6.40
C ALA D 133 -38.01 -15.10 7.43
N CYS D 134 -38.30 -14.18 8.34
CA CYS D 134 -37.29 -13.75 9.31
C CYS D 134 -36.93 -14.85 10.31
N ALA D 135 -37.83 -15.81 10.54
CA ALA D 135 -37.52 -16.89 11.47
C ALA D 135 -36.61 -17.94 10.87
N ASN D 136 -36.50 -18.00 9.53
CA ASN D 136 -35.74 -19.04 8.86
C ASN D 136 -34.50 -18.55 8.12
N LEU D 137 -34.43 -17.28 7.77
CA LEU D 137 -33.35 -16.78 6.91
C LEU D 137 -32.46 -15.75 7.58
N LEU D 138 -32.58 -15.57 8.89
CA LEU D 138 -31.71 -14.65 9.62
C LEU D 138 -30.92 -15.40 10.67
N HIS D 139 -29.87 -14.74 11.18
CA HIS D 139 -28.93 -15.35 12.11
C HIS D 139 -29.37 -15.23 13.57
N LYS D 140 -30.47 -14.54 13.84
CA LYS D 140 -31.05 -14.51 15.18
C LYS D 140 -32.43 -15.14 15.13
N ASN D 141 -32.77 -15.87 16.19
CA ASN D 141 -34.00 -16.68 16.21
C ASN D 141 -35.15 -16.02 16.93
N SER D 142 -34.90 -14.96 17.72
CA SER D 142 -35.93 -14.34 18.53
C SER D 142 -35.96 -12.84 18.28
N GLY D 143 -37.17 -12.31 18.13
CA GLY D 143 -37.33 -10.89 17.90
C GLY D 143 -38.72 -10.59 17.36
N ILE D 144 -38.92 -9.32 17.05
CA ILE D 144 -40.19 -8.82 16.52
C ILE D 144 -39.92 -8.24 15.13
N THR D 145 -40.75 -8.62 14.17
CA THR D 145 -40.62 -8.09 12.82
C THR D 145 -41.31 -6.73 12.71
N ILE D 146 -40.79 -5.91 11.80
CA ILE D 146 -41.39 -4.61 11.52
C ILE D 146 -41.38 -4.40 10.00
N ASP D 147 -42.50 -4.69 9.36
CA ASP D 147 -42.63 -4.58 7.90
C ASP D 147 -43.45 -3.33 7.61
N ILE D 148 -42.76 -2.21 7.39
CA ILE D 148 -43.41 -0.96 7.05
C ILE D 148 -43.69 -0.95 5.54
N GLY D 149 -44.96 -0.87 5.18
CA GLY D 149 -45.35 -0.82 3.78
C GLY D 149 -46.11 0.46 3.46
N GLY D 150 -46.79 0.48 2.33
CA GLY D 150 -47.53 1.66 1.91
C GLY D 150 -48.82 1.89 2.66
N GLY D 151 -49.60 0.82 2.87
CA GLY D 151 -50.92 0.94 3.46
C GLY D 151 -51.05 0.33 4.83
N SER D 152 -50.08 -0.45 5.26
CA SER D 152 -50.16 -1.14 6.54
C SER D 152 -48.77 -1.47 7.04
N THR D 153 -48.67 -1.71 8.33
CA THR D 153 -47.43 -2.13 8.98
C THR D 153 -47.69 -3.42 9.73
N ALA D 154 -46.86 -4.42 9.50
CA ALA D 154 -47.02 -5.74 10.08
C ALA D 154 -45.93 -6.01 11.11
N CYS D 155 -46.29 -6.75 12.16
CA CYS D 155 -45.36 -7.13 13.22
C CYS D 155 -45.66 -8.54 13.67
N ALA D 156 -44.62 -9.38 13.72
CA ALA D 156 -44.75 -10.76 14.17
C ALA D 156 -43.69 -11.06 15.21
N LEU D 157 -44.12 -11.60 16.35
CA LEU D 157 -43.21 -11.95 17.43
C LEU D 157 -42.69 -13.37 17.24
N ILE D 158 -41.38 -13.53 17.31
CA ILE D 158 -40.71 -14.81 17.07
C ILE D 158 -39.88 -15.15 18.30
N GLU D 159 -39.97 -16.41 18.73
CA GLU D 159 -39.17 -16.91 19.85
C GLU D 159 -38.60 -18.26 19.46
N LYS D 160 -37.28 -18.32 19.29
CA LYS D 160 -36.59 -19.57 18.93
C LYS D 160 -37.20 -20.19 17.67
N GLY D 161 -37.38 -19.34 16.66
CA GLY D 161 -37.85 -19.80 15.36
C GLY D 161 -39.35 -20.04 15.25
N LYS D 162 -40.09 -19.96 16.36
CA LYS D 162 -41.53 -20.16 16.34
C LYS D 162 -42.24 -18.82 16.43
N ILE D 163 -43.32 -18.67 15.66
CA ILE D 163 -44.11 -17.45 15.65
C ILE D 163 -45.15 -17.53 16.76
N LYS D 164 -45.16 -16.54 17.63
CA LYS D 164 -46.03 -16.54 18.81
C LYS D 164 -47.25 -15.65 18.66
N ASP D 165 -47.11 -14.48 18.04
CA ASP D 165 -48.24 -13.57 17.91
C ASP D 165 -48.07 -12.73 16.65
N LEU D 166 -49.19 -12.19 16.16
CA LEU D 166 -49.23 -11.40 14.94
C LEU D 166 -50.15 -10.20 15.13
N ILE D 167 -49.73 -9.05 14.61
CA ILE D 167 -50.52 -7.83 14.63
C ILE D 167 -50.36 -7.13 13.30
N SER D 168 -51.41 -6.44 12.87
CA SER D 168 -51.38 -5.64 11.65
C SER D 168 -51.94 -4.26 11.96
N LEU D 169 -51.26 -3.22 11.50
CA LEU D 169 -51.66 -1.84 11.73
C LEU D 169 -52.06 -1.20 10.41
N ASP D 170 -52.95 -0.20 10.50
CA ASP D 170 -53.43 0.53 9.33
C ASP D 170 -52.66 1.82 9.11
N VAL D 171 -51.39 1.86 9.49
CA VAL D 171 -50.50 3.00 9.22
C VAL D 171 -49.46 2.55 8.19
N GLY D 172 -49.28 3.35 7.15
CA GLY D 172 -48.29 3.07 6.14
C GLY D 172 -47.80 4.37 5.53
N THR D 173 -46.64 4.31 4.89
CA THR D 173 -46.05 5.53 4.28
C THR D 173 -47.11 6.34 3.52
N ILE D 174 -47.64 5.78 2.42
CA ILE D 174 -48.60 6.49 1.55
C ILE D 174 -49.75 7.04 2.39
N ARG D 175 -50.44 6.16 3.12
CA ARG D 175 -51.61 6.49 3.97
C ARG D 175 -51.30 7.64 4.94
N ILE D 176 -50.10 7.67 5.54
CA ILE D 176 -49.69 8.69 6.57
C ILE D 176 -49.25 10.03 5.96
N LYS D 191 -47.80 12.73 13.70
CA LYS D 191 -47.25 11.55 14.43
C LYS D 191 -48.24 11.13 15.51
N ALA D 192 -49.24 11.97 15.79
CA ALA D 192 -50.26 11.67 16.81
C ALA D 192 -50.87 10.31 16.46
N PHE D 193 -51.34 10.21 15.21
CA PHE D 193 -51.92 8.97 14.63
C PHE D 193 -51.03 7.77 14.98
N ILE D 194 -49.81 7.77 14.45
CA ILE D 194 -48.87 6.67 14.58
C ILE D 194 -48.77 6.19 16.02
N GLN D 195 -48.72 7.12 16.98
CA GLN D 195 -48.60 6.73 18.38
C GLN D 195 -49.81 5.92 18.84
N LYS D 196 -50.95 6.12 18.19
CA LYS D 196 -52.16 5.40 18.58
C LYS D 196 -52.06 3.92 18.21
N GLU D 197 -51.77 3.63 16.93
CA GLU D 197 -51.71 2.26 16.49
C GLU D 197 -50.58 1.49 17.16
N VAL D 198 -49.42 2.13 17.31
CA VAL D 198 -48.27 1.47 17.94
C VAL D 198 -48.65 0.98 19.33
N SER D 199 -49.48 1.73 20.05
CA SER D 199 -49.93 1.30 21.37
C SER D 199 -50.61 -0.06 21.30
N LYS D 200 -51.39 -0.30 20.24
CA LYS D 200 -52.11 -1.55 20.10
C LYS D 200 -51.19 -2.77 20.13
N LEU D 201 -49.89 -2.60 19.91
CA LEU D 201 -48.96 -3.72 19.91
C LEU D 201 -48.84 -4.30 21.31
N PRO D 202 -49.16 -5.58 21.52
CA PRO D 202 -49.19 -6.14 22.87
C PRO D 202 -47.89 -6.77 23.36
N PHE D 203 -46.78 -6.60 22.65
CA PHE D 203 -45.54 -7.28 23.02
C PHE D 203 -44.36 -6.34 22.89
N LYS D 204 -43.24 -6.74 23.50
CA LYS D 204 -41.99 -6.01 23.44
C LYS D 204 -40.83 -7.00 23.40
N HIS D 205 -39.71 -6.56 22.85
CA HIS D 205 -38.54 -7.42 22.70
C HIS D 205 -37.34 -6.56 22.36
N LYS D 206 -36.15 -7.05 22.70
CA LYS D 206 -34.92 -6.29 22.47
C LYS D 206 -34.50 -6.32 21.01
N ASN D 207 -34.69 -7.46 20.34
CA ASN D 207 -34.34 -7.60 18.93
C ASN D 207 -35.53 -7.24 18.04
N ALA D 208 -35.21 -6.69 16.88
CA ALA D 208 -36.22 -6.35 15.88
C ALA D 208 -35.69 -6.73 14.51
N PHE D 209 -36.59 -7.19 13.64
CA PHE D 209 -36.25 -7.59 12.28
C PHE D 209 -36.87 -6.57 11.32
N GLY D 210 -36.05 -5.65 10.82
CA GLY D 210 -36.54 -4.63 9.92
C GLY D 210 -36.82 -5.17 8.53
N VAL D 211 -38.05 -4.98 8.06
CA VAL D 211 -38.49 -5.48 6.76
C VAL D 211 -39.12 -4.33 6.00
N GLY D 212 -39.09 -4.42 4.68
CA GLY D 212 -39.74 -3.43 3.84
C GLY D 212 -38.73 -2.52 3.17
N GLY D 213 -39.13 -1.99 2.00
CA GLY D 213 -38.23 -1.12 1.25
C GLY D 213 -37.81 0.11 2.04
N THR D 214 -38.73 0.68 2.82
CA THR D 214 -38.41 1.87 3.60
C THR D 214 -37.22 1.60 4.52
N ILE D 215 -37.26 0.50 5.27
CA ILE D 215 -36.16 0.19 6.18
C ILE D 215 -34.90 -0.14 5.39
N ARG D 216 -35.04 -0.80 4.24
CA ARG D 216 -33.87 -1.07 3.41
C ARG D 216 -33.23 0.23 2.94
N ALA D 217 -34.05 1.20 2.56
CA ALA D 217 -33.53 2.51 2.17
C ALA D 217 -32.80 3.17 3.33
N LEU D 218 -33.40 3.15 4.51
CA LEU D 218 -32.74 3.74 5.68
C LEU D 218 -31.43 3.03 5.99
N SER D 219 -31.41 1.69 5.86
CA SER D 219 -30.17 0.96 6.04
C SER D 219 -29.13 1.37 5.01
N LYS D 220 -29.55 1.50 3.75
CA LYS D 220 -28.63 1.92 2.69
C LYS D 220 -27.99 3.26 3.03
N VAL D 221 -28.77 4.18 3.63
CA VAL D 221 -28.25 5.48 4.00
C VAL D 221 -27.14 5.33 5.05
N LEU D 222 -27.44 4.65 6.15
CA LEU D 222 -26.48 4.53 7.24
C LEU D 222 -25.24 3.73 6.82
N MET D 223 -25.38 2.85 5.84
CA MET D 223 -24.24 2.03 5.41
C MET D 223 -23.17 2.88 4.76
N LYS D 224 -23.54 3.65 3.73
CA LYS D 224 -22.57 4.54 3.09
C LYS D 224 -22.18 5.69 4.01
N ARG D 225 -23.06 6.06 4.94
CA ARG D 225 -22.73 7.09 5.92
C ARG D 225 -21.49 6.69 6.71
N PHE D 226 -21.45 5.44 7.18
CA PHE D 226 -20.32 4.93 7.96
C PHE D 226 -19.28 4.24 7.10
N ASP D 227 -19.41 4.33 5.77
CA ASP D 227 -18.45 3.74 4.84
C ASP D 227 -18.31 2.23 5.10
N TYR D 228 -19.46 1.56 5.22
CA TYR D 228 -19.46 0.14 5.54
C TYR D 228 -18.74 -0.65 4.45
N PRO D 229 -17.85 -1.59 4.81
CA PRO D 229 -17.07 -2.28 3.78
C PRO D 229 -17.86 -3.32 3.00
N ILE D 230 -18.85 -3.95 3.64
CA ILE D 230 -19.68 -4.96 2.99
C ILE D 230 -20.89 -4.29 2.37
N ASP D 231 -21.25 -4.72 1.16
CA ASP D 231 -22.33 -4.10 0.39
C ASP D 231 -23.55 -5.01 0.29
N SER D 232 -23.91 -5.66 1.39
CA SER D 232 -25.07 -6.54 1.44
C SER D 232 -26.02 -6.05 2.53
N LEU D 233 -27.31 -5.95 2.19
CA LEU D 233 -28.31 -5.45 3.13
C LEU D 233 -28.74 -6.52 4.13
N HIS D 234 -28.90 -7.76 3.66
CA HIS D 234 -29.42 -8.80 4.54
C HIS D 234 -28.43 -9.08 5.67
N GLY D 235 -28.87 -8.82 6.90
CA GLY D 235 -28.08 -9.06 8.08
C GLY D 235 -27.50 -7.81 8.72
N TYR D 236 -27.54 -6.67 8.02
CA TYR D 236 -26.95 -5.45 8.56
C TYR D 236 -27.57 -5.09 9.90
N GLU D 237 -26.71 -4.89 10.89
CA GLU D 237 -27.16 -4.60 12.26
C GLU D 237 -27.09 -3.10 12.52
N ILE D 238 -28.05 -2.61 13.30
CA ILE D 238 -28.12 -1.21 13.69
C ILE D 238 -28.33 -1.16 15.20
N ASP D 239 -27.68 -0.20 15.85
CA ASP D 239 -27.85 0.03 17.28
C ASP D 239 -29.05 0.95 17.46
N ALA D 240 -30.14 0.41 18.01
CA ALA D 240 -31.35 1.20 18.17
C ALA D 240 -31.13 2.38 19.12
N HIS D 241 -30.54 2.11 20.28
CA HIS D 241 -30.33 3.16 21.27
C HIS D 241 -29.46 4.28 20.70
N LYS D 242 -28.50 3.94 19.86
CA LYS D 242 -27.53 4.93 19.30
C LYS D 242 -28.06 5.63 18.04
N ASN D 243 -28.67 4.90 17.11
CA ASN D 243 -29.14 5.54 15.85
C ASN D 243 -30.57 6.02 16.01
N LEU D 244 -31.17 5.79 17.18
CA LEU D 244 -32.56 6.20 17.49
C LEU D 244 -32.77 7.65 17.05
N ALA D 245 -31.92 8.55 17.54
CA ALA D 245 -31.99 10.00 17.24
C ALA D 245 -32.01 10.26 15.73
N PHE D 246 -30.88 10.03 15.08
CA PHE D 246 -30.62 10.27 13.63
C PHE D 246 -31.84 10.09 12.72
N ILE D 247 -32.58 8.99 12.83
CA ILE D 247 -33.78 8.75 11.97
C ILE D 247 -34.76 9.92 12.01
N GLU D 248 -35.02 10.49 13.19
CA GLU D 248 -35.99 11.59 13.38
C GLU D 248 -35.85 12.73 12.36
N LYS D 249 -34.61 13.14 12.08
CA LYS D 249 -34.34 14.28 11.16
C LYS D 249 -35.18 14.18 9.88
N ILE D 250 -35.10 13.03 9.23
CA ILE D 250 -35.74 12.78 7.91
C ILE D 250 -37.20 13.29 7.85
N VAL D 251 -37.79 13.77 8.95
CA VAL D 251 -39.14 14.28 8.74
C VAL D 251 -39.13 15.69 8.16
N MET D 252 -38.15 16.51 8.53
CA MET D 252 -38.12 17.93 8.17
C MET D 252 -37.01 18.24 7.18
N LEU D 253 -36.80 17.37 6.20
CA LEU D 253 -35.75 17.56 5.20
C LEU D 253 -36.37 17.76 3.83
N LYS D 254 -35.76 18.63 3.03
CA LYS D 254 -36.28 18.97 1.71
C LYS D 254 -35.96 17.86 0.72
N GLU D 255 -36.81 17.74 -0.30
CA GLU D 255 -36.65 16.68 -1.30
C GLU D 255 -35.24 16.65 -1.86
N ASP D 256 -34.74 17.79 -2.34
CA ASP D 256 -33.40 17.85 -2.92
C ASP D 256 -32.30 17.82 -1.87
N GLN D 257 -32.61 18.19 -0.63
CA GLN D 257 -31.59 18.16 0.42
C GLN D 257 -31.09 16.74 0.65
N LEU D 258 -31.96 15.73 0.48
CA LEU D 258 -31.64 14.35 0.85
C LEU D 258 -31.51 13.45 -0.37
N ARG D 259 -31.58 14.01 -1.58
CA ARG D 259 -31.07 13.28 -2.74
C ARG D 259 -29.57 13.01 -2.62
N LEU D 260 -28.90 13.63 -1.64
CA LEU D 260 -27.46 13.47 -1.48
C LEU D 260 -27.10 12.18 -0.75
N LEU D 261 -27.90 11.79 0.24
CA LEU D 261 -27.59 10.60 1.02
C LEU D 261 -27.84 9.31 0.27
N GLY D 262 -28.23 9.37 -1.01
CA GLY D 262 -28.42 8.19 -1.82
C GLY D 262 -29.86 7.77 -2.02
N VAL D 263 -30.81 8.48 -1.40
CA VAL D 263 -32.21 8.11 -1.53
C VAL D 263 -32.63 8.30 -2.99
N ASN D 264 -33.30 7.30 -3.54
CA ASN D 264 -33.76 7.35 -4.92
C ASN D 264 -34.88 8.37 -5.08
N GLU D 265 -35.07 8.82 -6.33
CA GLU D 265 -36.11 9.79 -6.63
C GLU D 265 -37.47 9.31 -6.14
N GLU D 266 -37.91 8.15 -6.63
CA GLU D 266 -39.19 7.59 -6.25
C GLU D 266 -39.29 7.29 -4.75
N ARG D 267 -38.18 7.33 -4.02
CA ARG D 267 -38.19 7.12 -2.57
C ARG D 267 -38.33 8.42 -1.79
N LEU D 268 -38.29 9.57 -2.45
CA LEU D 268 -38.30 10.85 -1.74
C LEU D 268 -39.67 11.14 -1.15
N ASP D 269 -40.73 10.94 -1.93
CA ASP D 269 -42.08 11.29 -1.50
C ASP D 269 -42.65 10.33 -0.47
N SER D 270 -41.99 9.21 -0.19
CA SER D 270 -42.50 8.23 0.75
C SER D 270 -41.53 7.84 1.86
N ILE D 271 -40.27 8.25 1.78
CA ILE D 271 -39.30 7.86 2.81
C ILE D 271 -39.59 8.60 4.12
N ARG D 272 -39.98 9.86 4.03
CA ARG D 272 -40.07 10.69 5.23
C ARG D 272 -41.14 10.17 6.19
N SER D 273 -42.33 9.88 5.67
CA SER D 273 -43.37 9.32 6.51
C SER D 273 -42.96 7.96 7.05
N GLY D 274 -42.26 7.16 6.24
CA GLY D 274 -41.81 5.86 6.70
C GLY D 274 -40.80 5.97 7.83
N ALA D 275 -39.83 6.87 7.70
CA ALA D 275 -38.87 7.06 8.78
C ALA D 275 -39.56 7.46 10.08
N LEU D 276 -40.67 8.20 9.98
CA LEU D 276 -41.41 8.58 11.18
C LEU D 276 -42.07 7.38 11.83
N ILE D 277 -42.72 6.53 11.03
CA ILE D 277 -43.34 5.32 11.56
C ILE D 277 -42.31 4.48 12.30
N LEU D 278 -41.18 4.21 11.65
CA LEU D 278 -40.16 3.35 12.26
C LEU D 278 -39.67 3.92 13.57
N SER D 279 -39.47 5.24 13.63
CA SER D 279 -38.94 5.84 14.85
C SER D 279 -39.81 5.54 16.06
N VAL D 280 -41.13 5.61 15.90
CA VAL D 280 -42.03 5.40 17.02
C VAL D 280 -42.11 3.92 17.39
N VAL D 281 -42.22 3.05 16.37
CA VAL D 281 -42.31 1.62 16.64
C VAL D 281 -41.10 1.16 17.45
N LEU D 282 -39.91 1.58 17.06
CA LEU D 282 -38.71 1.18 17.76
C LEU D 282 -38.73 1.65 19.21
N GLU D 283 -39.23 2.86 19.45
CA GLU D 283 -39.25 3.40 20.80
C GLU D 283 -40.19 2.60 21.70
N HIS D 284 -41.34 2.19 21.18
CA HIS D 284 -42.33 1.50 22.00
C HIS D 284 -41.94 0.04 22.26
N LEU D 285 -41.25 -0.60 21.32
CA LEU D 285 -40.94 -2.02 21.44
C LEU D 285 -39.73 -2.29 22.32
N LYS D 286 -39.15 -1.27 22.95
CA LYS D 286 -37.94 -1.44 23.77
C LYS D 286 -36.77 -1.94 22.95
N THR D 287 -36.81 -1.75 21.63
CA THR D 287 -35.82 -2.35 20.75
C THR D 287 -34.43 -1.77 21.03
N SER D 288 -33.45 -2.65 21.17
CA SER D 288 -32.05 -2.27 21.27
C SER D 288 -31.23 -2.62 20.05
N LEU D 289 -31.57 -3.71 19.36
CA LEU D 289 -30.87 -4.15 18.16
C LEU D 289 -31.89 -4.40 17.06
N MET D 290 -31.70 -3.76 15.91
CA MET D 290 -32.52 -4.00 14.73
C MET D 290 -31.64 -4.59 13.63
N ILE D 291 -31.94 -5.82 13.23
CA ILE D 291 -31.25 -6.48 12.13
C ILE D 291 -32.05 -6.22 10.86
N THR D 292 -31.39 -5.59 9.88
CA THR D 292 -32.03 -5.38 8.59
C THR D 292 -32.23 -6.71 7.88
N SER D 293 -33.40 -6.87 7.27
CA SER D 293 -33.78 -8.11 6.60
C SER D 293 -34.07 -7.83 5.13
N GLY D 294 -33.39 -8.54 4.25
CA GLY D 294 -33.64 -8.47 2.83
C GLY D 294 -34.71 -9.41 2.35
N VAL D 295 -35.45 -10.05 3.25
CA VAL D 295 -36.51 -10.97 2.90
C VAL D 295 -37.78 -10.55 3.63
N GLY D 296 -38.92 -10.99 3.09
CA GLY D 296 -40.20 -10.63 3.65
C GLY D 296 -41.35 -11.47 3.13
N VAL D 297 -42.49 -10.83 2.87
CA VAL D 297 -43.71 -11.54 2.48
C VAL D 297 -43.41 -12.49 1.31
N ARG D 298 -42.73 -12.00 0.28
CA ARG D 298 -42.49 -12.83 -0.90
C ARG D 298 -41.74 -14.10 -0.55
N GLU D 299 -40.67 -13.97 0.24
CA GLU D 299 -39.93 -15.16 0.67
C GLU D 299 -40.79 -16.02 1.60
N GLY D 300 -41.59 -15.39 2.44
CA GLY D 300 -42.47 -16.15 3.32
C GLY D 300 -43.43 -17.04 2.55
N VAL D 301 -44.12 -16.47 1.56
CA VAL D 301 -45.04 -17.25 0.73
C VAL D 301 -44.32 -18.46 0.14
N PHE D 302 -43.08 -18.26 -0.33
CA PHE D 302 -42.36 -19.37 -0.94
C PHE D 302 -41.97 -20.43 0.09
N LEU D 303 -41.53 -20.00 1.27
CA LEU D 303 -41.12 -20.95 2.29
C LEU D 303 -42.31 -21.77 2.80
N SER D 304 -43.48 -21.13 2.91
CA SER D 304 -44.70 -21.87 3.26
C SER D 304 -44.86 -23.10 2.38
N ASP D 305 -44.60 -22.95 1.08
CA ASP D 305 -44.70 -24.07 0.15
C ASP D 305 -43.51 -25.01 0.29
N LEU D 306 -42.30 -24.47 0.38
CA LEU D 306 -41.11 -25.31 0.49
C LEU D 306 -41.16 -26.17 1.75
N LEU D 307 -41.51 -25.57 2.90
CA LEU D 307 -41.49 -26.23 4.19
C LEU D 307 -42.87 -26.70 4.63
N ARG D 308 -43.72 -27.12 3.68
CA ARG D 308 -45.07 -27.56 4.01
C ARG D 308 -45.07 -28.64 5.08
N ASN D 309 -44.17 -29.61 4.96
CA ASN D 309 -44.16 -30.78 5.84
C ASN D 309 -43.26 -30.61 7.06
N HIS D 310 -42.59 -29.47 7.20
CA HIS D 310 -41.68 -29.24 8.32
C HIS D 310 -42.14 -28.08 9.21
N TYR D 311 -43.45 -27.89 9.26
CA TYR D 311 -44.04 -26.86 10.13
C TYR D 311 -43.41 -25.48 9.87
N HIS D 312 -43.12 -25.20 8.60
CA HIS D 312 -42.66 -23.89 8.17
C HIS D 312 -41.33 -23.51 8.79
N LYS D 313 -40.51 -24.50 9.12
CA LYS D 313 -39.24 -24.27 9.79
C LYS D 313 -38.17 -25.19 9.19
N PHE D 314 -36.94 -24.69 9.13
CA PHE D 314 -35.83 -25.54 8.73
C PHE D 314 -35.40 -26.41 9.92
N PRO D 315 -35.06 -27.68 9.68
CA PRO D 315 -34.47 -28.48 10.76
C PRO D 315 -33.18 -27.89 11.24
N PRO D 316 -32.70 -28.25 12.43
CA PRO D 316 -31.42 -27.73 12.91
C PRO D 316 -30.28 -28.17 12.00
N ASN D 317 -29.24 -27.33 11.94
CA ASN D 317 -28.06 -27.59 11.12
C ASN D 317 -28.38 -27.62 9.62
N ILE D 318 -29.49 -27.01 9.22
CA ILE D 318 -29.89 -26.93 7.82
C ILE D 318 -29.91 -25.45 7.45
N ASN D 319 -28.99 -25.05 6.58
CA ASN D 319 -28.92 -23.67 6.11
C ASN D 319 -29.12 -23.66 4.60
N PRO D 320 -30.11 -22.94 4.07
CA PRO D 320 -30.33 -22.99 2.61
C PRO D 320 -29.21 -22.33 1.81
N SER D 321 -28.59 -21.26 2.32
CA SER D 321 -27.50 -20.64 1.60
C SER D 321 -26.34 -21.62 1.39
N LEU D 322 -25.82 -22.17 2.48
CA LEU D 322 -24.71 -23.12 2.38
C LEU D 322 -25.07 -24.27 1.46
N ILE D 323 -26.26 -24.85 1.62
CA ILE D 323 -26.66 -26.00 0.82
C ILE D 323 -26.75 -25.62 -0.66
N SER D 324 -27.52 -24.58 -0.98
CA SER D 324 -27.71 -24.22 -2.38
C SER D 324 -26.38 -23.81 -3.02
N LEU D 325 -25.51 -23.17 -2.25
CA LEU D 325 -24.20 -22.80 -2.78
C LEU D 325 -23.38 -24.03 -3.13
N LYS D 326 -23.47 -25.08 -2.30
CA LYS D 326 -22.79 -26.33 -2.63
C LYS D 326 -23.49 -27.05 -3.78
N ASP D 327 -24.82 -26.96 -3.83
CA ASP D 327 -25.54 -27.54 -4.95
C ASP D 327 -25.11 -26.91 -6.27
N ARG D 328 -24.88 -25.60 -6.26
CA ARG D 328 -24.52 -24.90 -7.50
C ARG D 328 -23.08 -25.17 -7.90
N PHE D 329 -22.15 -25.15 -6.95
CA PHE D 329 -20.73 -25.08 -7.26
C PHE D 329 -19.89 -26.22 -6.69
N LEU D 330 -20.47 -27.13 -5.91
CA LEU D 330 -19.73 -28.28 -5.36
C LEU D 330 -20.59 -29.53 -5.50
N PRO D 331 -20.78 -30.02 -6.74
CA PRO D 331 -21.52 -31.29 -6.90
C PRO D 331 -20.81 -32.46 -6.26
N HIS D 332 -19.54 -32.66 -6.58
CA HIS D 332 -18.74 -33.73 -5.99
C HIS D 332 -18.14 -33.20 -4.69
N GLU D 333 -18.69 -33.65 -3.56
CA GLU D 333 -18.45 -33.05 -2.26
C GLU D 333 -17.45 -33.83 -1.41
N LYS D 334 -16.89 -34.93 -1.93
CA LYS D 334 -16.08 -35.82 -1.10
C LYS D 334 -14.86 -35.09 -0.55
N HIS D 335 -14.05 -34.48 -1.42
CA HIS D 335 -12.81 -33.84 -0.98
C HIS D 335 -13.07 -32.79 0.09
N SER D 336 -14.15 -32.03 -0.03
CA SER D 336 -14.40 -30.94 0.90
C SER D 336 -14.69 -31.45 2.31
N GLN D 337 -15.34 -32.62 2.44
CA GLN D 337 -15.64 -33.15 3.75
C GLN D 337 -14.39 -33.64 4.47
N LYS D 338 -13.39 -34.12 3.71
CA LYS D 338 -12.12 -34.53 4.31
C LYS D 338 -11.41 -33.34 4.92
N VAL D 339 -11.24 -32.27 4.15
CA VAL D 339 -10.60 -31.06 4.67
C VAL D 339 -11.31 -30.59 5.94
N LYS D 340 -12.64 -30.64 5.94
CA LYS D 340 -13.39 -30.24 7.13
C LYS D 340 -13.04 -31.15 8.31
N LYS D 341 -13.06 -32.47 8.09
CA LYS D 341 -12.73 -33.41 9.15
C LYS D 341 -11.34 -33.13 9.72
N GLU D 342 -10.37 -32.84 8.85
CA GLU D 342 -9.01 -32.58 9.32
C GLU D 342 -8.88 -31.21 9.98
N CYS D 343 -9.69 -30.24 9.57
CA CYS D 343 -9.70 -28.95 10.25
C CYS D 343 -10.06 -29.12 11.72
N VAL D 344 -11.07 -29.94 12.02
CA VAL D 344 -11.50 -30.14 13.40
C VAL D 344 -10.41 -30.85 14.19
N LYS D 345 -9.89 -31.95 13.64
CA LYS D 345 -8.89 -32.73 14.35
C LYS D 345 -7.63 -31.91 14.62
N LEU D 346 -7.24 -31.05 13.68
CA LEU D 346 -6.12 -30.14 13.94
C LEU D 346 -6.49 -29.11 15.00
N PHE D 347 -7.72 -28.58 14.93
CA PHE D 347 -8.14 -27.58 15.90
C PHE D 347 -7.99 -28.09 17.33
N GLU D 348 -8.45 -29.32 17.59
CA GLU D 348 -8.34 -29.87 18.93
C GLU D 348 -6.89 -30.14 19.29
N ALA D 349 -6.17 -30.89 18.46
CA ALA D 349 -4.79 -31.24 18.76
C ALA D 349 -3.93 -30.02 19.07
N LEU D 350 -4.35 -28.83 18.63
CA LEU D 350 -3.61 -27.60 18.88
C LEU D 350 -4.28 -26.72 19.93
N SER D 351 -5.41 -27.14 20.49
CA SER D 351 -6.11 -26.29 21.46
C SER D 351 -5.25 -25.88 22.65
N PRO D 352 -4.35 -26.72 23.18
CA PRO D 352 -3.51 -26.25 24.28
C PRO D 352 -2.66 -25.05 23.92
N LEU D 353 -2.45 -24.78 22.63
CA LEU D 353 -1.58 -23.70 22.18
C LEU D 353 -2.37 -22.46 21.74
N HIS D 354 -3.41 -22.64 20.94
CA HIS D 354 -4.16 -21.49 20.42
C HIS D 354 -5.28 -21.06 21.34
N LYS D 355 -5.78 -21.94 22.20
CA LYS D 355 -6.75 -21.59 23.23
C LYS D 355 -7.94 -20.80 22.66
N ILE D 356 -8.32 -21.11 21.43
CA ILE D 356 -9.39 -20.40 20.74
C ILE D 356 -10.73 -20.99 21.16
N ASP D 357 -11.71 -20.12 21.35
CA ASP D 357 -13.04 -20.56 21.74
C ASP D 357 -13.60 -21.54 20.73
N GLU D 358 -14.30 -22.56 21.23
CA GLU D 358 -14.85 -23.60 20.36
C GLU D 358 -15.87 -23.05 19.38
N LYS D 359 -16.32 -21.81 19.54
CA LYS D 359 -17.38 -21.27 18.68
C LYS D 359 -16.87 -20.94 17.28
N TYR D 360 -15.59 -20.62 17.13
CA TYR D 360 -15.02 -20.35 15.82
C TYR D 360 -14.81 -21.62 15.01
N LEU D 361 -15.03 -22.80 15.60
CA LEU D 361 -15.00 -24.03 14.83
C LEU D 361 -16.10 -24.05 13.79
N PHE D 362 -17.23 -23.39 14.10
CA PHE D 362 -18.32 -23.28 13.14
C PHE D 362 -17.84 -22.60 11.86
N HIS D 363 -16.97 -21.61 11.98
CA HIS D 363 -16.46 -20.90 10.81
C HIS D 363 -15.37 -21.70 10.11
N LEU D 364 -14.47 -22.31 10.88
CA LEU D 364 -13.40 -23.10 10.28
C LEU D 364 -13.95 -24.29 9.51
N LYS D 365 -15.04 -24.89 10.02
CA LYS D 365 -15.61 -26.04 9.36
C LYS D 365 -16.19 -25.66 7.99
N ILE D 366 -16.91 -24.54 7.92
CA ILE D 366 -17.48 -24.11 6.65
C ILE D 366 -16.39 -23.64 5.69
N ALA D 367 -15.33 -23.02 6.22
CA ALA D 367 -14.22 -22.60 5.35
C ALA D 367 -13.54 -23.81 4.72
N GLY D 368 -13.41 -24.90 5.47
CA GLY D 368 -12.82 -26.10 4.90
C GLY D 368 -13.68 -26.70 3.80
N GLU D 369 -15.01 -26.63 3.96
CA GLU D 369 -15.91 -27.12 2.92
C GLU D 369 -15.75 -26.31 1.64
N LEU D 370 -15.72 -24.99 1.76
CA LEU D 370 -15.85 -24.09 0.62
C LEU D 370 -14.50 -23.53 0.15
N ALA D 371 -13.40 -23.91 0.79
CA ALA D 371 -12.11 -23.28 0.49
C ALA D 371 -11.80 -23.34 -1.00
N SER D 372 -12.02 -24.50 -1.63
CA SER D 372 -11.71 -24.70 -3.04
C SER D 372 -12.93 -24.56 -3.93
N MET D 373 -14.05 -24.06 -3.38
CA MET D 373 -15.25 -23.86 -4.19
C MET D 373 -14.96 -23.00 -5.42
N GLY D 374 -14.05 -22.03 -5.28
CA GLY D 374 -13.74 -21.11 -6.36
C GLY D 374 -13.01 -21.75 -7.54
N LYS D 375 -12.59 -23.01 -7.42
CA LYS D 375 -11.93 -23.66 -8.55
C LYS D 375 -12.86 -23.79 -9.75
N ILE D 376 -14.17 -23.76 -9.52
CA ILE D 376 -15.12 -23.89 -10.62
C ILE D 376 -15.05 -22.69 -11.56
N LEU D 377 -14.51 -21.57 -11.09
CA LEU D 377 -14.29 -20.40 -11.94
C LEU D 377 -12.90 -20.42 -12.56
N SER D 378 -11.87 -20.56 -11.73
CA SER D 378 -10.49 -20.59 -12.20
C SER D 378 -9.60 -21.17 -11.10
N VAL D 379 -8.70 -22.07 -11.49
CA VAL D 379 -7.75 -22.62 -10.52
C VAL D 379 -6.81 -21.54 -10.02
N TYR D 380 -6.54 -20.54 -10.84
CA TYR D 380 -5.69 -19.43 -10.45
C TYR D 380 -6.52 -18.42 -9.65
N LEU D 381 -6.00 -18.02 -8.49
CA LEU D 381 -6.76 -17.20 -7.54
C LEU D 381 -8.05 -17.89 -7.11
N ALA D 382 -8.02 -19.20 -6.99
CA ALA D 382 -9.21 -19.96 -6.64
C ALA D 382 -9.72 -19.57 -5.25
N HIS D 383 -8.83 -19.55 -4.25
CA HIS D 383 -9.25 -19.16 -2.91
C HIS D 383 -9.81 -17.74 -2.90
N LYS D 384 -9.22 -16.85 -3.70
CA LYS D 384 -9.80 -15.53 -3.88
C LYS D 384 -11.24 -15.65 -4.35
N HIS D 385 -11.46 -16.42 -5.42
CA HIS D 385 -12.81 -16.58 -5.96
C HIS D 385 -13.75 -17.18 -4.92
N SER D 386 -13.27 -18.15 -4.15
CA SER D 386 -14.08 -18.70 -3.06
C SER D 386 -14.52 -17.60 -2.10
N ALA D 387 -13.57 -16.77 -1.67
CA ALA D 387 -13.90 -15.67 -0.76
C ALA D 387 -14.98 -14.78 -1.36
N TYR D 388 -14.83 -14.44 -2.64
CA TYR D 388 -15.81 -13.61 -3.32
C TYR D 388 -17.20 -14.24 -3.27
N PHE D 389 -17.28 -15.53 -3.59
CA PHE D 389 -18.55 -16.23 -3.51
C PHE D 389 -19.12 -16.17 -2.10
N ILE D 390 -18.30 -16.52 -1.10
CA ILE D 390 -18.77 -16.59 0.28
C ILE D 390 -19.30 -15.23 0.72
N LEU D 391 -18.52 -14.18 0.48
CA LEU D 391 -18.91 -12.86 0.96
C LEU D 391 -20.21 -12.39 0.31
N ASN D 392 -20.47 -12.79 -0.93
CA ASN D 392 -21.60 -12.27 -1.70
C ASN D 392 -22.82 -13.17 -1.70
N ALA D 393 -22.68 -14.48 -1.50
CA ALA D 393 -23.78 -15.41 -1.67
C ALA D 393 -24.16 -16.19 -0.42
N LEU D 394 -23.35 -16.16 0.63
CA LEU D 394 -23.63 -16.90 1.86
C LEU D 394 -24.40 -15.99 2.82
N SER D 395 -25.66 -15.72 2.47
CA SER D 395 -26.45 -14.69 3.13
C SER D 395 -27.38 -15.25 4.20
N TYR D 396 -28.26 -16.18 3.83
CA TYR D 396 -29.30 -16.64 4.73
C TYR D 396 -28.70 -17.31 5.96
N GLY D 397 -29.13 -16.86 7.14
CA GLY D 397 -28.73 -17.46 8.40
C GLY D 397 -27.36 -17.10 8.90
N PHE D 398 -26.63 -16.21 8.23
CA PHE D 398 -25.28 -15.82 8.63
C PHE D 398 -25.25 -14.32 8.89
N SER D 399 -24.67 -13.94 10.04
CA SER D 399 -24.40 -12.55 10.31
C SER D 399 -23.29 -12.05 9.39
N HIS D 400 -23.13 -10.73 9.33
CA HIS D 400 -22.03 -10.18 8.55
C HIS D 400 -20.68 -10.61 9.13
N GLN D 401 -20.58 -10.67 10.45
CA GLN D 401 -19.35 -11.15 11.08
C GLN D 401 -19.05 -12.59 10.67
N ASP D 402 -20.04 -13.47 10.83
CA ASP D 402 -19.85 -14.87 10.40
C ASP D 402 -19.33 -14.93 8.98
N ARG D 403 -20.00 -14.22 8.07
CA ARG D 403 -19.57 -14.20 6.67
C ARG D 403 -18.15 -13.69 6.54
N ALA D 404 -17.86 -12.54 7.15
CA ALA D 404 -16.52 -11.94 7.04
C ALA D 404 -15.45 -12.92 7.48
N ILE D 405 -15.68 -13.64 8.59
CA ILE D 405 -14.68 -14.57 9.11
C ILE D 405 -14.42 -15.68 8.10
N ILE D 406 -15.47 -16.38 7.69
CA ILE D 406 -15.32 -17.50 6.77
C ILE D 406 -14.59 -17.07 5.51
N CYS D 407 -14.86 -15.84 5.05
CA CYS D 407 -14.22 -15.32 3.84
C CYS D 407 -12.72 -15.18 4.03
N LEU D 408 -12.30 -14.57 5.15
CA LEU D 408 -10.88 -14.34 5.39
C LEU D 408 -10.12 -15.67 5.52
N LEU D 409 -10.70 -16.66 6.19
CA LEU D 409 -10.03 -17.94 6.35
C LEU D 409 -9.77 -18.58 4.99
N ALA D 410 -10.74 -18.50 4.08
CA ALA D 410 -10.57 -19.07 2.76
C ALA D 410 -9.62 -18.24 1.91
N GLN D 411 -9.82 -16.92 1.89
CA GLN D 411 -9.07 -16.05 0.98
C GLN D 411 -7.56 -16.19 1.21
N PHE D 412 -7.12 -16.14 2.46
CA PHE D 412 -5.70 -16.05 2.79
C PHE D 412 -5.10 -17.39 3.19
N SER D 413 -5.61 -18.48 2.62
CA SER D 413 -4.98 -19.78 2.78
C SER D 413 -3.54 -19.72 2.30
N HIS D 414 -2.63 -20.30 3.09
CA HIS D 414 -1.20 -20.32 2.78
C HIS D 414 -0.61 -18.92 2.68
N LYS D 415 -1.27 -17.92 3.26
CA LYS D 415 -0.80 -16.54 3.21
C LYS D 415 -0.93 -15.90 4.58
N LYS D 416 -0.25 -14.77 4.74
CA LYS D 416 -0.37 -13.96 5.95
C LYS D 416 -1.45 -12.91 5.76
N ILE D 417 -2.31 -12.78 6.76
CA ILE D 417 -3.40 -11.81 6.71
C ILE D 417 -2.80 -10.41 6.82
N PRO D 418 -3.02 -9.52 5.85
CA PRO D 418 -2.43 -8.19 5.95
C PRO D 418 -3.02 -7.39 7.10
N LYS D 419 -2.28 -6.35 7.49
CA LYS D 419 -2.69 -5.51 8.60
C LYS D 419 -3.72 -4.46 8.18
N ASP D 420 -3.78 -4.12 6.89
CA ASP D 420 -4.65 -3.06 6.39
C ASP D 420 -5.93 -3.61 5.77
N ASN D 421 -6.39 -4.79 6.20
CA ASN D 421 -7.52 -5.45 5.57
C ASN D 421 -8.82 -4.86 6.12
N ALA D 422 -9.57 -4.16 5.28
CA ALA D 422 -10.76 -3.46 5.73
C ALA D 422 -11.77 -4.40 6.37
N ILE D 423 -11.84 -5.65 5.91
CA ILE D 423 -12.82 -6.59 6.45
C ILE D 423 -12.33 -7.18 7.77
N ALA D 424 -11.01 -7.36 7.93
CA ALA D 424 -10.50 -7.91 9.17
C ALA D 424 -10.98 -7.13 10.38
N HIS D 425 -11.06 -5.80 10.24
CA HIS D 425 -11.48 -4.92 11.32
C HIS D 425 -12.76 -4.16 10.95
N MET D 426 -13.64 -4.77 10.14
CA MET D 426 -14.88 -4.10 9.77
C MET D 426 -15.74 -3.79 10.98
N SER D 427 -15.70 -4.64 12.00
CA SER D 427 -16.49 -4.47 13.22
C SER D 427 -15.59 -4.67 14.43
N ALA D 428 -16.10 -4.29 15.59
CA ALA D 428 -15.32 -4.41 16.82
C ALA D 428 -15.35 -5.83 17.37
N MET D 429 -16.38 -6.61 17.06
CA MET D 429 -16.51 -7.97 17.56
C MET D 429 -15.79 -9.00 16.69
N MET D 430 -15.09 -8.56 15.64
CA MET D 430 -14.32 -9.49 14.83
C MET D 430 -13.20 -10.11 15.67
N PRO D 431 -12.75 -11.31 15.34
CA PRO D 431 -11.65 -11.93 16.10
C PRO D 431 -10.36 -11.15 15.95
N SER D 432 -9.44 -11.39 16.89
CA SER D 432 -8.12 -10.80 16.79
C SER D 432 -7.45 -11.25 15.51
N LEU D 433 -6.48 -10.45 15.06
CA LEU D 433 -5.78 -10.79 13.82
C LEU D 433 -4.98 -12.08 13.97
N LEU D 434 -4.62 -12.45 15.20
CA LEU D 434 -3.91 -13.70 15.43
C LEU D 434 -4.84 -14.90 15.33
N THR D 435 -6.02 -14.82 15.94
CA THR D 435 -6.98 -15.91 15.85
C THR D 435 -7.28 -16.27 14.40
N LEU D 436 -7.38 -15.26 13.53
CA LEU D 436 -7.63 -15.53 12.12
C LEU D 436 -6.46 -16.27 11.48
N GLN D 437 -5.23 -15.85 11.79
CA GLN D 437 -4.06 -16.52 11.23
C GLN D 437 -3.95 -17.95 11.75
N TRP D 438 -4.40 -18.20 12.98
CA TRP D 438 -4.43 -19.57 13.51
C TRP D 438 -5.38 -20.43 12.68
N LEU D 439 -6.65 -20.02 12.59
CA LEU D 439 -7.63 -20.79 11.84
C LEU D 439 -7.21 -20.98 10.38
N SER D 440 -6.68 -19.92 9.76
CA SER D 440 -6.22 -20.04 8.37
C SER D 440 -5.07 -21.02 8.25
N PHE D 441 -4.15 -21.00 9.21
CA PHE D 441 -3.03 -21.94 9.18
C PHE D 441 -3.53 -23.38 9.28
N ILE D 442 -4.47 -23.65 10.19
CA ILE D 442 -5.07 -24.97 10.29
C ILE D 442 -5.63 -25.39 8.94
N LEU D 443 -6.52 -24.56 8.38
CA LEU D 443 -7.10 -24.84 7.07
C LEU D 443 -6.01 -25.13 6.04
N SER D 444 -4.98 -24.29 6.00
CA SER D 444 -3.91 -24.49 5.03
C SER D 444 -3.23 -25.84 5.23
N LEU D 445 -3.04 -26.25 6.48
CA LEU D 445 -2.41 -27.53 6.75
C LEU D 445 -3.32 -28.68 6.36
N ALA D 446 -4.61 -28.59 6.70
CA ALA D 446 -5.56 -29.62 6.31
C ALA D 446 -5.59 -29.80 4.80
N GLU D 447 -5.46 -28.70 4.05
CA GLU D 447 -5.47 -28.79 2.60
C GLU D 447 -4.26 -29.55 2.08
N ASN D 448 -3.08 -29.29 2.64
CA ASN D 448 -1.87 -29.97 2.18
C ASN D 448 -1.94 -31.46 2.48
N LEU D 449 -2.53 -31.83 3.62
CA LEU D 449 -2.60 -33.24 4.00
C LEU D 449 -3.68 -33.98 3.22
N CYS D 450 -4.81 -33.33 2.96
CA CYS D 450 -5.86 -33.91 2.14
C CYS D 450 -5.59 -33.80 0.64
N LEU D 451 -4.40 -33.37 0.24
CA LEU D 451 -4.09 -33.27 -1.17
C LEU D 451 -4.10 -34.64 -1.84
N THR D 452 -3.33 -35.57 -1.28
CA THR D 452 -3.26 -36.92 -1.81
C THR D 452 -4.44 -37.74 -1.30
N ASP D 453 -4.45 -39.03 -1.64
CA ASP D 453 -5.47 -39.96 -1.14
C ASP D 453 -4.95 -40.59 0.15
N SER D 454 -4.90 -39.75 1.19
CA SER D 454 -4.35 -40.16 2.47
C SER D 454 -5.44 -40.70 3.37
N HIS D 455 -5.03 -41.37 4.44
CA HIS D 455 -5.97 -41.95 5.38
C HIS D 455 -5.37 -41.99 6.77
N HIS D 456 -6.22 -41.77 7.78
CA HIS D 456 -5.89 -42.09 9.18
C HIS D 456 -4.79 -41.17 9.71
N LEU D 457 -5.01 -39.87 9.55
CA LEU D 457 -4.11 -38.87 10.10
C LEU D 457 -4.41 -38.70 11.58
N LYS D 458 -3.42 -38.93 12.42
CA LYS D 458 -3.56 -38.73 13.86
C LYS D 458 -2.54 -37.67 14.27
N TYR D 459 -2.99 -36.73 15.08
CA TYR D 459 -2.17 -35.58 15.49
C TYR D 459 -1.96 -35.62 16.99
N THR D 460 -0.72 -35.40 17.40
CA THR D 460 -0.36 -35.27 18.80
C THR D 460 0.47 -34.02 18.98
N LEU D 461 0.48 -33.52 20.20
CA LEU D 461 1.23 -32.30 20.55
C LEU D 461 2.17 -32.64 21.69
N GLU D 462 3.47 -32.46 21.46
CA GLU D 462 4.46 -32.77 22.51
C GLU D 462 5.19 -31.47 22.87
N LYS D 463 4.50 -30.56 23.56
CA LYS D 463 5.02 -29.26 24.08
C LYS D 463 5.54 -28.27 23.05
N ASN D 464 4.63 -27.67 22.25
CA ASN D 464 4.92 -26.63 21.23
C ASN D 464 5.40 -27.30 19.94
N LYS D 465 5.08 -28.59 19.76
CA LYS D 465 5.50 -29.34 18.54
C LYS D 465 4.39 -30.30 18.14
N LEU D 466 3.82 -30.09 16.96
CA LEU D 466 2.76 -30.90 16.36
C LEU D 466 3.39 -32.05 15.60
N VAL D 467 2.93 -33.26 15.90
CA VAL D 467 3.41 -34.47 15.23
C VAL D 467 2.26 -35.05 14.41
N ILE D 468 2.54 -35.33 13.14
CA ILE D 468 1.57 -35.90 12.22
C ILE D 468 1.90 -37.37 12.03
N HIS D 469 0.98 -38.25 12.41
CA HIS D 469 1.18 -39.69 12.32
C HIS D 469 0.41 -40.22 11.13
N SER D 470 1.11 -40.98 10.28
CA SER D 470 0.47 -41.57 9.10
C SER D 470 1.40 -42.63 8.52
N ASN D 471 0.79 -43.66 7.92
CA ASN D 471 1.55 -44.66 7.18
C ASN D 471 1.89 -44.19 5.76
N ASP D 472 1.14 -43.23 5.23
CA ASP D 472 1.44 -42.70 3.91
C ASP D 472 2.76 -41.94 3.94
N ALA D 473 3.42 -41.89 2.77
CA ALA D 473 4.66 -41.14 2.67
C ALA D 473 4.41 -39.65 2.91
N LEU D 474 3.31 -39.12 2.36
CA LEU D 474 3.00 -37.70 2.49
C LEU D 474 4.14 -36.84 1.94
N TYR D 475 4.74 -37.31 0.85
CA TYR D 475 5.91 -36.62 0.29
C TYR D 475 5.58 -35.19 -0.08
N LEU D 476 4.51 -34.98 -0.85
CA LEU D 476 4.14 -33.62 -1.26
C LEU D 476 3.84 -32.76 -0.04
N ALA D 477 3.03 -33.27 0.89
CA ALA D 477 2.74 -32.51 2.10
C ALA D 477 4.02 -32.12 2.81
N LYS D 478 4.99 -33.04 2.87
CA LYS D 478 6.28 -32.73 3.48
C LYS D 478 7.03 -31.66 2.68
N GLU D 479 7.01 -31.77 1.35
CA GLU D 479 7.71 -30.81 0.52
C GLU D 479 7.09 -29.42 0.62
N MET D 480 5.77 -29.36 0.75
CA MET D 480 5.05 -28.08 0.79
C MET D 480 5.03 -27.46 2.18
N LEU D 481 5.62 -28.12 3.18
CA LEU D 481 5.57 -27.61 4.54
C LEU D 481 6.10 -26.18 4.66
N PRO D 482 7.22 -25.80 4.02
CA PRO D 482 7.74 -24.44 4.22
C PRO D 482 6.75 -23.34 3.85
N LYS D 483 5.95 -23.53 2.80
CA LYS D 483 5.09 -22.45 2.31
C LYS D 483 3.92 -22.16 3.23
N LEU D 484 3.79 -22.85 4.36
CA LEU D 484 2.74 -22.53 5.32
C LEU D 484 3.14 -21.32 6.16
N VAL D 485 2.17 -20.44 6.40
CA VAL D 485 2.37 -19.27 7.26
C VAL D 485 1.92 -19.66 8.67
N LYS D 486 2.89 -19.83 9.57
CA LYS D 486 2.58 -20.24 10.93
C LYS D 486 2.11 -19.06 11.76
N PRO D 487 1.10 -19.25 12.62
CA PRO D 487 0.65 -18.13 13.47
C PRO D 487 1.64 -17.81 14.57
N ILE D 488 2.37 -18.79 15.06
CA ILE D 488 3.42 -18.59 16.07
C ILE D 488 4.56 -19.54 15.76
N PRO D 489 5.73 -19.29 16.37
CA PRO D 489 6.82 -20.27 16.27
C PRO D 489 6.34 -21.66 16.64
N LEU D 490 6.42 -22.59 15.70
CA LEU D 490 5.84 -23.92 15.88
C LEU D 490 6.65 -24.92 15.09
N THR D 491 6.86 -26.10 15.67
CA THR D 491 7.61 -27.17 15.03
C THR D 491 6.63 -28.23 14.53
N ILE D 492 6.84 -28.67 13.29
CA ILE D 492 5.97 -29.66 12.65
C ILE D 492 6.84 -30.80 12.15
N GLU D 493 6.57 -32.01 12.63
CA GLU D 493 7.32 -33.19 12.26
C GLU D 493 6.36 -34.29 11.85
N PHE D 494 6.81 -35.14 10.93
CA PHE D 494 6.03 -36.28 10.45
C PHE D 494 6.61 -37.56 11.05
N ALA D 495 5.77 -38.31 11.76
CA ALA D 495 6.23 -39.55 12.38
C ALA D 495 6.11 -40.71 11.41
#